data_6GHR
#
_entry.id   6GHR
#
_cell.length_a   133.438
_cell.length_b   146.964
_cell.length_c   81.428
_cell.angle_alpha   90.00
_cell.angle_beta   90.00
_cell.angle_gamma   90.00
#
_symmetry.space_group_name_H-M   'P 21 21 2'
#
loop_
_entity.id
_entity.type
_entity.pdbx_description
1 polymer 'Glyceraldehyde-3-phosphate dehydrogenase'
2 polymer 'CP12 polypeptide'
3 non-polymer NICOTINAMIDE-ADENINE-DINUCLEOTIDE
4 non-polymer 'SULFATE ION'
5 water water
#
loop_
_entity_poly.entity_id
_entity_poly.type
_entity_poly.pdbx_seq_one_letter_code
_entity_poly.pdbx_strand_id
1 'polypeptide(L)'
;MRGSHHHHHHGLVPRGSMVRVAINGFGRIGRNFMRCWLQRKANSKLEIVGINDTSDPRTNAHLLKYDSMLGIFQDAEITA
DDDCIYAGGHAVKCVSDRNPENLPWSAWGIDLVIEATGVFTSREGASKHLSAGAKKVLITAPGKGNIPTYVVGVNHHTYD
PSEDIVSNASCTTNCLAPIVKVLHEAFGIQQGMMTTTHSYTGDQRLLDASHRDLRRARAAAMNIVPTSTGAAKAVGLVIP
ELQGKLNGIALRVPTPNVSVVDFVAQVEKPTIAEQVNQVIKEASETTMKGIIHYSELELVSSDYRGHNASSILDASLTMV
LGGNLVKVVAWYDNEWGYSQRVLDLAEHMAAHWA
;
B,C,D,A
2 'polypeptide(L)' GSMSNLEKQIEQAREEAHKICDTEGATSGQCAAAWDALEELQAEAAHQRAEQQDHKTSFQQYCDDNPDAAECRIYDD E,F
#
loop_
_chem_comp.id
_chem_comp.type
_chem_comp.name
_chem_comp.formula
NAD non-polymer NICOTINAMIDE-ADENINE-DINUCLEOTIDE 'C21 H27 N7 O14 P2'
SO4 non-polymer 'SULFATE ION' 'O4 S -2'
#
# COMPACT_ATOMS: atom_id res chain seq x y z
N VAL A 13 -44.32 -16.50 3.39
CA VAL A 13 -43.91 -16.55 1.98
C VAL A 13 -44.20 -17.93 1.40
N PRO A 14 -45.21 -18.01 0.55
CA PRO A 14 -45.55 -19.29 -0.09
C PRO A 14 -44.41 -19.76 -0.99
N ARG A 15 -44.43 -21.06 -1.28
CA ARG A 15 -43.41 -21.64 -2.14
C ARG A 15 -43.57 -21.14 -3.57
N GLY A 16 -42.46 -20.67 -4.15
CA GLY A 16 -42.48 -19.94 -5.40
C GLY A 16 -42.35 -18.44 -5.22
N SER A 17 -42.86 -17.91 -4.11
CA SER A 17 -42.70 -16.50 -3.80
C SER A 17 -41.31 -16.23 -3.22
N MET A 18 -40.79 -15.05 -3.50
CA MET A 18 -39.46 -14.69 -3.05
C MET A 18 -39.46 -14.31 -1.57
N VAL A 19 -38.39 -14.68 -0.88
CA VAL A 19 -38.17 -14.15 0.47
C VAL A 19 -37.70 -12.71 0.35
N ARG A 20 -38.45 -11.79 0.94
CA ARG A 20 -38.14 -10.38 0.84
C ARG A 20 -36.99 -10.04 1.79
N VAL A 21 -35.91 -9.49 1.23
CA VAL A 21 -34.66 -9.30 1.95
C VAL A 21 -34.35 -7.81 2.01
N ALA A 22 -33.89 -7.36 3.17
CA ALA A 22 -33.37 -6.02 3.36
C ALA A 22 -31.91 -6.10 3.82
N ILE A 23 -31.09 -5.20 3.29
CA ILE A 23 -29.69 -5.08 3.69
C ILE A 23 -29.58 -3.96 4.70
N ASN A 24 -29.03 -4.25 5.88
CA ASN A 24 -28.75 -3.24 6.89
C ASN A 24 -27.24 -3.05 6.95
N GLY A 25 -26.79 -1.91 6.44
CA GLY A 25 -25.36 -1.67 6.31
C GLY A 25 -24.87 -1.93 4.90
N PHE A 26 -24.82 -0.88 4.08
CA PHE A 26 -24.47 -0.99 2.67
C PHE A 26 -22.99 -0.71 2.43
N GLY A 27 -22.13 -1.38 3.19
CA GLY A 27 -20.70 -1.18 3.07
C GLY A 27 -20.04 -2.14 2.11
N ARG A 28 -18.83 -2.60 2.44
CA ARG A 28 -18.13 -3.55 1.59
C ARG A 28 -18.91 -4.84 1.47
N ILE A 29 -19.32 -5.42 2.60
CA ILE A 29 -20.06 -6.69 2.57
C ILE A 29 -21.45 -6.47 2.00
N GLY A 30 -22.13 -5.39 2.41
CA GLY A 30 -23.48 -5.15 1.93
C GLY A 30 -23.54 -4.97 0.42
N ARG A 31 -22.57 -4.26 -0.15
CA ARG A 31 -22.58 -4.04 -1.59
C ARG A 31 -22.02 -5.24 -2.35
N ASN A 32 -21.04 -5.95 -1.76
CA ASN A 32 -20.59 -7.20 -2.36
C ASN A 32 -21.71 -8.22 -2.41
N PHE A 33 -22.48 -8.33 -1.32
CA PHE A 33 -23.63 -9.24 -1.30
C PHE A 33 -24.66 -8.85 -2.36
N MET A 34 -24.92 -7.55 -2.49
CA MET A 34 -25.90 -7.08 -3.48
C MET A 34 -25.47 -7.46 -4.89
N ARG A 35 -24.21 -7.21 -5.23
CA ARG A 35 -23.72 -7.59 -6.55
C ARG A 35 -23.66 -9.10 -6.73
N CYS A 36 -23.44 -9.84 -5.64
CA CYS A 36 -23.54 -11.30 -5.70
C CYS A 36 -24.94 -11.73 -6.07
N TRP A 37 -25.95 -11.22 -5.38
CA TRP A 37 -27.33 -11.59 -5.67
C TRP A 37 -27.74 -11.16 -7.06
N LEU A 38 -27.25 -10.00 -7.52
CA LEU A 38 -27.63 -9.49 -8.83
C LEU A 38 -27.19 -10.45 -9.94
N GLN A 39 -26.00 -11.05 -9.78
CA GLN A 39 -25.50 -11.97 -10.78
C GLN A 39 -26.11 -13.36 -10.67
N ARG A 40 -26.71 -13.70 -9.54
CA ARG A 40 -27.35 -14.99 -9.33
C ARG A 40 -28.87 -14.86 -9.22
N LYS A 41 -29.41 -13.70 -9.56
CA LYS A 41 -30.85 -13.45 -9.39
C LYS A 41 -31.71 -14.37 -10.25
N ALA A 42 -31.12 -15.00 -11.26
CA ALA A 42 -31.89 -15.85 -12.17
C ALA A 42 -32.64 -16.95 -11.42
N ASN A 43 -31.91 -17.76 -10.65
CA ASN A 43 -32.50 -18.89 -9.94
C ASN A 43 -32.49 -18.69 -8.43
N SER A 44 -32.62 -17.45 -7.98
CA SER A 44 -32.60 -17.14 -6.56
C SER A 44 -33.99 -17.24 -5.95
N LYS A 45 -34.03 -17.52 -4.66
CA LYS A 45 -35.26 -17.51 -3.88
C LYS A 45 -35.41 -16.25 -3.05
N LEU A 46 -34.52 -15.27 -3.23
CA LEU A 46 -34.53 -14.02 -2.50
C LEU A 46 -34.80 -12.86 -3.44
N GLU A 47 -35.46 -11.83 -2.91
CA GLU A 47 -35.67 -10.57 -3.61
C GLU A 47 -35.21 -9.45 -2.70
N ILE A 48 -34.11 -8.79 -3.07
CA ILE A 48 -33.62 -7.66 -2.30
C ILE A 48 -34.54 -6.46 -2.55
N VAL A 49 -35.25 -6.03 -1.51
CA VAL A 49 -36.26 -5.00 -1.65
C VAL A 49 -35.99 -3.76 -0.80
N GLY A 50 -35.04 -3.81 0.12
CA GLY A 50 -34.82 -2.68 1.02
C GLY A 50 -33.37 -2.53 1.38
N ILE A 51 -32.98 -1.30 1.70
CA ILE A 51 -31.63 -0.97 2.16
C ILE A 51 -31.75 0.10 3.24
N ASN A 52 -31.11 -0.14 4.38
CA ASN A 52 -30.90 0.90 5.39
C ASN A 52 -29.41 1.15 5.51
N ASP A 53 -29.01 2.42 5.42
CA ASP A 53 -27.60 2.80 5.52
C ASP A 53 -27.54 4.23 6.00
N THR A 54 -26.40 4.59 6.60
CA THR A 54 -26.21 5.96 7.05
C THR A 54 -26.10 6.95 5.90
N SER A 55 -25.91 6.48 4.68
CA SER A 55 -25.80 7.33 3.51
C SER A 55 -27.11 7.34 2.73
N ASP A 56 -27.12 8.06 1.62
CA ASP A 56 -28.30 8.31 0.80
C ASP A 56 -28.30 7.40 -0.42
N PRO A 57 -29.45 7.27 -1.11
CA PRO A 57 -29.49 6.34 -2.25
C PRO A 57 -28.59 6.72 -3.41
N ARG A 58 -28.47 8.02 -3.71
CA ARG A 58 -27.67 8.44 -4.85
C ARG A 58 -26.18 8.16 -4.61
N THR A 59 -25.71 8.40 -3.39
CA THR A 59 -24.32 8.06 -3.07
C THR A 59 -24.11 6.55 -3.10
N ASN A 60 -25.07 5.79 -2.59
CA ASN A 60 -24.91 4.34 -2.50
C ASN A 60 -25.04 3.67 -3.86
N ALA A 61 -25.87 4.21 -4.76
CA ALA A 61 -25.94 3.67 -6.11
C ALA A 61 -24.63 3.90 -6.86
N HIS A 62 -24.00 5.06 -6.65
CA HIS A 62 -22.71 5.33 -7.26
C HIS A 62 -21.66 4.35 -6.76
N LEU A 63 -21.61 4.13 -5.45
CA LEU A 63 -20.62 3.21 -4.88
C LEU A 63 -20.91 1.77 -5.29
N LEU A 64 -22.19 1.40 -5.43
CA LEU A 64 -22.52 0.05 -5.86
C LEU A 64 -22.02 -0.22 -7.27
N LYS A 65 -22.11 0.78 -8.15
CA LYS A 65 -21.69 0.59 -9.53
C LYS A 65 -20.18 0.73 -9.70
N TYR A 66 -19.58 1.73 -9.06
CA TYR A 66 -18.16 2.01 -9.21
C TYR A 66 -17.44 1.49 -7.96
N ASP A 67 -16.78 0.35 -8.11
CA ASP A 67 -16.12 -0.36 -7.02
C ASP A 67 -14.65 -0.52 -7.38
N SER A 68 -13.77 0.00 -6.51
CA SER A 68 -12.34 -0.03 -6.79
C SER A 68 -11.78 -1.45 -6.85
N MET A 69 -12.47 -2.41 -6.25
CA MET A 69 -12.03 -3.80 -6.26
C MET A 69 -12.76 -4.64 -7.31
N LEU A 70 -14.09 -4.53 -7.37
CA LEU A 70 -14.87 -5.34 -8.30
C LEU A 70 -14.95 -4.73 -9.69
N GLY A 71 -14.58 -3.48 -9.86
CA GLY A 71 -14.73 -2.82 -11.14
C GLY A 71 -16.13 -2.26 -11.33
N ILE A 72 -16.37 -1.73 -12.52
CA ILE A 72 -17.68 -1.18 -12.86
C ILE A 72 -18.65 -2.33 -13.07
N PHE A 73 -19.84 -2.20 -12.47
CA PHE A 73 -20.87 -3.22 -12.63
C PHE A 73 -21.40 -3.19 -14.05
N GLN A 74 -21.37 -4.35 -14.71
CA GLN A 74 -21.64 -4.44 -16.14
C GLN A 74 -23.06 -4.88 -16.46
N ASP A 75 -23.63 -5.77 -15.64
CA ASP A 75 -24.79 -6.56 -16.06
C ASP A 75 -26.03 -5.71 -16.28
N ALA A 76 -26.42 -4.93 -15.28
CA ALA A 76 -27.64 -4.15 -15.35
C ALA A 76 -27.37 -2.70 -15.00
N GLU A 77 -28.22 -1.80 -15.51
CA GLU A 77 -28.11 -0.40 -15.18
C GLU A 77 -28.35 -0.16 -13.70
N ILE A 78 -27.67 0.84 -13.15
CA ILE A 78 -27.82 1.21 -11.75
C ILE A 78 -28.16 2.69 -11.68
N THR A 79 -29.29 3.00 -11.06
CA THR A 79 -29.86 4.34 -11.04
C THR A 79 -30.42 4.60 -9.64
N ALA A 80 -30.58 5.87 -9.28
CA ALA A 80 -31.16 6.21 -8.00
C ALA A 80 -31.91 7.53 -8.10
N ASP A 81 -32.99 7.62 -7.30
CA ASP A 81 -33.61 8.91 -7.01
C ASP A 81 -33.54 9.17 -5.51
N ASP A 82 -34.43 10.01 -5.00
CA ASP A 82 -34.39 10.33 -3.58
C ASP A 82 -34.77 9.14 -2.71
N ASP A 83 -35.60 8.24 -3.23
CA ASP A 83 -36.18 7.17 -2.43
C ASP A 83 -35.58 5.79 -2.69
N CYS A 84 -35.11 5.51 -3.90
CA CYS A 84 -34.78 4.14 -4.27
C CYS A 84 -33.48 4.09 -5.06
N ILE A 85 -32.86 2.92 -5.02
CA ILE A 85 -31.82 2.52 -5.97
C ILE A 85 -32.44 1.53 -6.94
N TYR A 86 -32.16 1.71 -8.23
CA TYR A 86 -32.69 0.84 -9.27
C TYR A 86 -31.55 0.03 -9.87
N ALA A 87 -31.64 -1.30 -9.72
CA ALA A 87 -30.64 -2.23 -10.24
C ALA A 87 -31.29 -3.02 -11.37
N GLY A 88 -31.25 -2.45 -12.57
CA GLY A 88 -31.91 -3.05 -13.72
C GLY A 88 -33.42 -2.89 -13.71
N GLY A 89 -33.92 -1.69 -13.41
CA GLY A 89 -35.33 -1.48 -13.23
C GLY A 89 -35.94 -2.03 -11.96
N HIS A 90 -35.28 -2.99 -11.33
CA HIS A 90 -35.66 -3.52 -10.03
C HIS A 90 -35.38 -2.45 -8.98
N ALA A 91 -36.42 -2.01 -8.32
CA ALA A 91 -36.40 -0.94 -7.33
C ALA A 91 -36.09 -1.51 -5.95
N VAL A 92 -35.12 -0.90 -5.27
CA VAL A 92 -34.76 -1.23 -3.88
C VAL A 92 -35.00 0.03 -3.06
N LYS A 93 -36.02 0.00 -2.21
CA LYS A 93 -36.35 1.14 -1.37
C LYS A 93 -35.24 1.39 -0.35
N CYS A 94 -35.02 2.66 -0.04
CA CYS A 94 -33.91 3.07 0.81
C CYS A 94 -34.40 3.92 1.97
N VAL A 95 -33.67 3.83 3.08
CA VAL A 95 -33.98 4.57 4.31
C VAL A 95 -32.67 4.75 5.07
N SER A 96 -32.62 5.77 5.93
CA SER A 96 -31.39 6.12 6.65
C SER A 96 -31.71 6.37 8.11
N ASP A 97 -31.56 5.34 8.93
CA ASP A 97 -31.76 5.44 10.37
C ASP A 97 -30.78 4.51 11.07
N ARG A 98 -29.98 5.07 11.98
CA ARG A 98 -29.01 4.26 12.71
C ARG A 98 -29.65 3.34 13.73
N ASN A 99 -30.89 3.63 14.15
CA ASN A 99 -31.59 2.79 15.12
C ASN A 99 -32.48 1.82 14.36
N PRO A 100 -32.18 0.51 14.37
CA PRO A 100 -33.01 -0.44 13.63
C PRO A 100 -34.40 -0.63 14.21
N GLU A 101 -34.67 -0.16 15.43
CA GLU A 101 -36.01 -0.24 15.97
C GLU A 101 -36.98 0.64 15.18
N ASN A 102 -36.47 1.69 14.54
CA ASN A 102 -37.30 2.62 13.78
C ASN A 102 -37.47 2.22 12.32
N LEU A 103 -36.88 1.11 11.90
CA LEU A 103 -36.86 0.77 10.48
C LEU A 103 -38.21 0.19 10.04
N PRO A 104 -38.63 0.48 8.79
CA PRO A 104 -39.97 0.12 8.31
C PRO A 104 -40.11 -1.31 7.80
N TRP A 105 -39.57 -2.26 8.58
CA TRP A 105 -39.57 -3.65 8.15
C TRP A 105 -41.00 -4.22 8.09
N SER A 106 -41.88 -3.76 8.97
CA SER A 106 -43.28 -4.20 8.90
C SER A 106 -43.94 -3.69 7.63
N ALA A 107 -43.78 -2.39 7.34
CA ALA A 107 -44.43 -1.79 6.19
C ALA A 107 -43.94 -2.39 4.88
N TRP A 108 -42.68 -2.78 4.81
CA TRP A 108 -42.09 -3.33 3.59
C TRP A 108 -42.20 -4.84 3.49
N GLY A 109 -42.80 -5.49 4.48
CA GLY A 109 -42.92 -6.94 4.45
C GLY A 109 -41.59 -7.66 4.41
N ILE A 110 -40.63 -7.19 5.20
CA ILE A 110 -39.28 -7.76 5.19
C ILE A 110 -39.28 -9.09 5.91
N ASP A 111 -38.76 -10.12 5.24
CA ASP A 111 -38.64 -11.45 5.85
C ASP A 111 -37.28 -11.66 6.48
N LEU A 112 -36.21 -11.31 5.77
CA LEU A 112 -34.85 -11.58 6.21
C LEU A 112 -34.01 -10.30 6.11
N VAL A 113 -33.36 -9.93 7.21
CA VAL A 113 -32.45 -8.79 7.25
C VAL A 113 -31.02 -9.31 7.17
N ILE A 114 -30.24 -8.74 6.27
CA ILE A 114 -28.80 -9.01 6.20
C ILE A 114 -28.12 -7.94 7.06
N GLU A 115 -27.71 -8.33 8.26
CA GLU A 115 -27.12 -7.41 9.23
C GLU A 115 -25.63 -7.25 8.91
N ALA A 116 -25.30 -6.18 8.19
CA ALA A 116 -23.94 -5.98 7.69
C ALA A 116 -23.36 -4.63 8.12
N THR A 117 -23.83 -4.07 9.24
CA THR A 117 -23.28 -2.83 9.77
C THR A 117 -22.05 -3.04 10.63
N GLY A 118 -21.89 -4.22 11.22
CA GLY A 118 -20.79 -4.49 12.12
C GLY A 118 -21.02 -4.06 13.55
N VAL A 119 -22.18 -3.50 13.88
CA VAL A 119 -22.46 -3.04 15.22
C VAL A 119 -23.60 -3.80 15.90
N PHE A 120 -24.46 -4.49 15.15
CA PHE A 120 -25.56 -5.22 15.76
C PHE A 120 -25.33 -6.72 15.69
N THR A 121 -24.27 -7.19 16.37
CA THR A 121 -23.88 -8.59 16.34
C THR A 121 -24.31 -9.35 17.59
N SER A 122 -24.88 -8.68 18.58
CA SER A 122 -25.45 -9.34 19.75
C SER A 122 -26.90 -9.69 19.47
N ARG A 123 -27.44 -10.58 20.31
CA ARG A 123 -28.86 -10.93 20.17
C ARG A 123 -29.75 -9.73 20.43
N GLU A 124 -29.46 -8.97 21.50
CA GLU A 124 -30.24 -7.78 21.79
C GLU A 124 -30.20 -6.77 20.65
N GLY A 125 -29.01 -6.54 20.09
CA GLY A 125 -28.90 -5.59 19.00
C GLY A 125 -29.60 -6.07 17.74
N ALA A 126 -29.34 -7.33 17.35
CA ALA A 126 -29.94 -7.85 16.13
C ALA A 126 -31.44 -8.07 16.27
N SER A 127 -31.93 -8.29 17.49
CA SER A 127 -33.37 -8.44 17.71
C SER A 127 -34.14 -7.15 17.46
N LYS A 128 -33.46 -6.01 17.37
CA LYS A 128 -34.15 -4.76 17.09
C LYS A 128 -34.77 -4.77 15.70
N HIS A 129 -34.21 -5.57 14.78
CA HIS A 129 -34.86 -5.77 13.49
C HIS A 129 -36.16 -6.55 13.64
N LEU A 130 -36.17 -7.55 14.53
CA LEU A 130 -37.39 -8.30 14.78
C LEU A 130 -38.47 -7.40 15.37
N SER A 131 -38.08 -6.50 16.28
CA SER A 131 -39.04 -5.54 16.82
C SER A 131 -39.63 -4.67 15.72
N ALA A 132 -38.82 -4.34 14.71
CA ALA A 132 -39.28 -3.49 13.61
C ALA A 132 -40.22 -4.23 12.66
N GLY A 133 -40.28 -5.56 12.73
CA GLY A 133 -41.18 -6.32 11.89
C GLY A 133 -40.52 -7.38 11.02
N ALA A 134 -39.20 -7.51 11.04
CA ALA A 134 -38.53 -8.54 10.26
C ALA A 134 -38.65 -9.89 10.96
N LYS A 135 -38.66 -10.96 10.16
CA LYS A 135 -38.85 -12.30 10.69
C LYS A 135 -37.54 -12.95 11.12
N LYS A 136 -36.47 -12.76 10.35
CA LYS A 136 -35.18 -13.37 10.65
C LYS A 136 -34.06 -12.41 10.34
N VAL A 137 -32.92 -12.59 11.00
CA VAL A 137 -31.74 -11.76 10.81
C VAL A 137 -30.54 -12.68 10.57
N LEU A 138 -29.75 -12.37 9.54
CA LEU A 138 -28.50 -13.05 9.24
C LEU A 138 -27.38 -12.06 9.44
N ILE A 139 -26.57 -12.28 10.48
CA ILE A 139 -25.45 -11.39 10.76
C ILE A 139 -24.27 -11.79 9.90
N THR A 140 -23.68 -10.82 9.20
CA THR A 140 -22.50 -11.05 8.37
C THR A 140 -21.21 -10.89 9.16
N ALA A 141 -21.19 -11.47 10.35
CA ALA A 141 -20.05 -11.39 11.26
C ALA A 141 -20.22 -12.43 12.36
N PRO A 142 -19.19 -12.71 13.16
CA PRO A 142 -19.41 -13.55 14.33
C PRO A 142 -20.44 -12.92 15.26
N GLY A 143 -21.30 -13.76 15.82
CA GLY A 143 -22.23 -13.29 16.82
C GLY A 143 -21.61 -13.27 18.20
N LYS A 144 -22.17 -12.42 19.06
CA LYS A 144 -21.80 -12.37 20.46
C LYS A 144 -22.88 -13.06 21.29
N GLY A 145 -22.44 -13.73 22.34
CA GLY A 145 -23.34 -14.64 23.01
C GLY A 145 -23.54 -15.88 22.16
N ASN A 146 -24.55 -16.68 22.56
CA ASN A 146 -24.83 -17.94 21.85
C ASN A 146 -25.85 -17.66 20.75
N ILE A 147 -25.35 -17.14 19.64
CA ILE A 147 -26.10 -17.04 18.39
C ILE A 147 -25.70 -18.23 17.52
N PRO A 148 -26.65 -18.99 16.98
CA PRO A 148 -26.28 -20.13 16.12
C PRO A 148 -25.44 -19.68 14.94
N THR A 149 -24.26 -20.27 14.82
CA THR A 149 -23.27 -19.89 13.82
C THR A 149 -23.12 -21.00 12.79
N TYR A 150 -23.06 -20.63 11.52
CA TYR A 150 -23.03 -21.58 10.42
C TYR A 150 -21.93 -21.25 9.43
N VAL A 151 -21.30 -22.30 8.90
CA VAL A 151 -20.35 -22.19 7.81
C VAL A 151 -20.81 -23.16 6.72
N VAL A 152 -21.15 -22.62 5.55
CA VAL A 152 -21.66 -23.46 4.47
C VAL A 152 -20.60 -24.49 4.08
N GLY A 153 -21.03 -25.73 3.90
CA GLY A 153 -20.14 -26.84 3.67
C GLY A 153 -19.68 -27.57 4.91
N VAL A 154 -19.79 -26.94 6.08
CA VAL A 154 -19.35 -27.51 7.35
C VAL A 154 -20.54 -27.94 8.20
N ASN A 155 -21.51 -27.03 8.42
CA ASN A 155 -22.61 -27.37 9.31
C ASN A 155 -23.92 -26.62 9.02
N HIS A 156 -24.09 -26.05 7.83
CA HIS A 156 -25.27 -25.24 7.57
C HIS A 156 -26.55 -26.07 7.52
N HIS A 157 -26.45 -27.40 7.38
CA HIS A 157 -27.63 -28.23 7.42
C HIS A 157 -28.16 -28.44 8.83
N THR A 158 -27.36 -28.15 9.85
CA THR A 158 -27.84 -28.16 11.22
C THR A 158 -28.75 -26.98 11.53
N TYR A 159 -28.85 -26.03 10.62
CA TYR A 159 -29.77 -24.91 10.80
C TYR A 159 -31.20 -25.40 10.95
N ASP A 160 -31.93 -24.78 11.87
CA ASP A 160 -33.31 -25.11 12.11
C ASP A 160 -34.17 -23.86 11.91
N PRO A 161 -35.29 -23.96 11.19
CA PRO A 161 -36.10 -22.75 10.92
C PRO A 161 -36.64 -22.07 12.17
N SER A 162 -36.58 -22.71 13.33
CA SER A 162 -37.03 -22.08 14.57
C SER A 162 -36.07 -21.01 15.07
N GLU A 163 -34.96 -20.78 14.39
CA GLU A 163 -33.99 -19.76 14.77
C GLU A 163 -34.28 -18.47 14.02
N ASP A 164 -34.42 -17.37 14.76
CA ASP A 164 -34.68 -16.07 14.15
C ASP A 164 -33.43 -15.24 13.95
N ILE A 165 -32.32 -15.58 14.60
CA ILE A 165 -31.08 -14.82 14.49
C ILE A 165 -29.93 -15.82 14.32
N VAL A 166 -29.19 -15.69 13.22
CA VAL A 166 -28.08 -16.57 12.91
C VAL A 166 -26.86 -15.74 12.55
N SER A 167 -25.70 -16.39 12.52
CA SER A 167 -24.44 -15.77 12.16
C SER A 167 -23.73 -16.62 11.13
N ASN A 168 -23.14 -15.96 10.12
CA ASN A 168 -22.35 -16.63 9.09
C ASN A 168 -20.86 -16.57 9.39
N ALA A 169 -20.49 -16.38 10.66
CA ALA A 169 -19.09 -16.31 11.08
C ALA A 169 -18.35 -15.21 10.35
N SER A 170 -17.03 -15.29 10.34
CA SER A 170 -16.18 -14.31 9.68
C SER A 170 -15.63 -14.89 8.38
N CYS A 171 -14.90 -14.05 7.64
CA CYS A 171 -14.25 -14.52 6.42
C CYS A 171 -13.18 -15.56 6.73
N THR A 172 -12.42 -15.35 7.81
CA THR A 172 -11.36 -16.28 8.16
C THR A 172 -11.92 -17.61 8.67
N THR A 173 -13.00 -17.56 9.46
CA THR A 173 -13.62 -18.79 9.92
C THR A 173 -14.17 -19.60 8.74
N ASN A 174 -14.74 -18.92 7.75
CA ASN A 174 -15.23 -19.61 6.57
C ASN A 174 -14.12 -20.19 5.72
N CYS A 175 -12.90 -19.67 5.84
CA CYS A 175 -11.76 -20.26 5.13
C CYS A 175 -11.11 -21.39 5.92
N LEU A 176 -11.03 -21.24 7.25
CA LEU A 176 -10.31 -22.20 8.06
C LEU A 176 -11.16 -23.42 8.39
N ALA A 177 -12.44 -23.23 8.71
CA ALA A 177 -13.28 -24.33 9.16
C ALA A 177 -13.39 -25.47 8.15
N PRO A 178 -13.62 -25.23 6.85
CA PRO A 178 -13.67 -26.37 5.91
C PRO A 178 -12.37 -27.15 5.85
N ILE A 179 -11.23 -26.46 5.89
CA ILE A 179 -9.94 -27.15 5.91
C ILE A 179 -9.79 -27.95 7.19
N VAL A 180 -10.11 -27.34 8.33
CA VAL A 180 -9.98 -28.01 9.62
C VAL A 180 -10.89 -29.23 9.67
N LYS A 181 -12.09 -29.13 9.09
CA LYS A 181 -13.00 -30.27 9.07
C LYS A 181 -12.41 -31.44 8.29
N VAL A 182 -11.84 -31.16 7.11
CA VAL A 182 -11.26 -32.22 6.30
C VAL A 182 -10.06 -32.85 7.00
N LEU A 183 -9.19 -32.02 7.58
CA LEU A 183 -8.01 -32.55 8.24
C LEU A 183 -8.36 -33.33 9.51
N HIS A 184 -9.39 -32.88 10.24
CA HIS A 184 -9.77 -33.55 11.46
C HIS A 184 -10.37 -34.92 11.17
N GLU A 185 -11.19 -35.03 10.14
CA GLU A 185 -11.79 -36.32 9.79
C GLU A 185 -10.78 -37.26 9.16
N ALA A 186 -9.66 -36.75 8.66
CA ALA A 186 -8.64 -37.59 8.04
C ALA A 186 -7.55 -38.00 9.02
N PHE A 187 -7.08 -37.07 9.85
CA PHE A 187 -5.94 -37.31 10.72
C PHE A 187 -6.22 -37.07 12.19
N GLY A 188 -7.34 -36.46 12.54
CA GLY A 188 -7.63 -36.16 13.93
C GLY A 188 -6.82 -35.01 14.47
N ILE A 189 -7.37 -33.80 14.41
CA ILE A 189 -6.69 -32.62 14.89
C ILE A 189 -6.80 -32.55 16.41
N GLN A 190 -5.65 -32.44 17.08
CA GLN A 190 -5.60 -32.32 18.54
C GLN A 190 -5.43 -30.87 18.99
N GLN A 191 -4.52 -30.13 18.36
CA GLN A 191 -4.37 -28.70 18.59
C GLN A 191 -4.08 -28.02 17.26
N GLY A 192 -4.30 -26.71 17.21
CA GLY A 192 -4.09 -25.98 15.98
C GLY A 192 -3.86 -24.50 16.16
N MET A 193 -2.80 -23.97 15.53
CA MET A 193 -2.47 -22.56 15.57
C MET A 193 -2.70 -21.96 14.19
N MET A 194 -3.27 -20.75 14.16
CA MET A 194 -3.63 -20.10 12.92
C MET A 194 -3.05 -18.69 12.87
N THR A 195 -2.61 -18.28 11.69
CA THR A 195 -2.32 -16.88 11.41
C THR A 195 -2.94 -16.54 10.07
N THR A 196 -3.76 -15.50 10.04
CA THR A 196 -4.31 -14.98 8.80
C THR A 196 -3.52 -13.73 8.41
N THR A 197 -2.84 -13.80 7.26
CA THR A 197 -2.23 -12.62 6.66
C THR A 197 -3.33 -11.96 5.83
N HIS A 198 -3.94 -10.92 6.40
CA HIS A 198 -5.24 -10.42 5.98
C HIS A 198 -5.11 -9.04 5.36
N SER A 199 -5.85 -8.81 4.28
CA SER A 199 -5.96 -7.47 3.74
C SER A 199 -6.59 -6.54 4.76
N TYR A 200 -6.24 -5.25 4.70
CA TYR A 200 -6.81 -4.32 5.66
C TYR A 200 -8.29 -4.12 5.39
N THR A 201 -9.03 -3.80 6.45
CA THR A 201 -10.47 -3.62 6.40
C THR A 201 -10.84 -2.26 6.99
N GLY A 202 -12.12 -1.93 6.87
CA GLY A 202 -12.61 -0.60 7.21
C GLY A 202 -12.46 -0.23 8.67
N ASP A 203 -12.15 -1.18 9.56
CA ASP A 203 -12.00 -0.86 10.98
C ASP A 203 -10.64 -0.24 11.30
N GLN A 204 -9.72 -0.18 10.33
CA GLN A 204 -8.41 0.42 10.54
C GLN A 204 -8.40 1.84 10.00
N ARG A 205 -7.70 2.73 10.71
CA ARG A 205 -7.59 4.11 10.29
C ARG A 205 -6.63 4.24 9.11
N LEU A 206 -6.95 5.17 8.20
CA LEU A 206 -6.14 5.36 7.01
C LEU A 206 -4.77 5.93 7.36
N LEU A 207 -4.72 6.86 8.30
CA LEU A 207 -3.47 7.34 8.90
C LEU A 207 -3.60 7.22 10.41
N ASP A 208 -2.46 7.34 11.09
CA ASP A 208 -2.45 7.31 12.56
C ASP A 208 -3.52 8.23 13.13
N ALA A 209 -4.50 7.65 13.82
CA ALA A 209 -5.62 8.44 14.29
C ALA A 209 -6.28 7.71 15.47
N SER A 210 -7.26 8.39 16.05
CA SER A 210 -7.94 7.90 17.25
C SER A 210 -8.59 6.55 17.00
N HIS A 211 -8.45 5.64 17.96
CA HIS A 211 -9.10 4.34 17.90
C HIS A 211 -9.04 3.69 19.28
N ARG A 212 -10.09 2.93 19.60
CA ARG A 212 -10.13 2.19 20.86
C ARG A 212 -9.04 1.12 20.91
N ASP A 213 -8.61 0.62 19.75
CA ASP A 213 -7.57 -0.38 19.63
C ASP A 213 -6.30 0.31 19.13
N LEU A 214 -5.23 0.25 19.94
CA LEU A 214 -4.02 1.01 19.65
C LEU A 214 -3.33 0.55 18.36
N ARG A 215 -3.66 -0.63 17.86
CA ARG A 215 -3.06 -1.13 16.62
C ARG A 215 -3.92 -0.85 15.39
N ARG A 216 -5.25 -0.96 15.52
CA ARG A 216 -6.13 -0.47 14.48
C ARG A 216 -6.04 1.04 14.30
N ALA A 217 -5.44 1.74 15.26
CA ALA A 217 -5.26 3.18 15.16
C ALA A 217 -4.21 3.58 14.14
N ARG A 218 -3.36 2.65 13.74
CA ARG A 218 -2.19 2.97 12.94
C ARG A 218 -2.50 2.89 11.45
N ALA A 219 -1.79 3.70 10.67
CA ALA A 219 -2.00 3.80 9.23
C ALA A 219 -1.97 2.42 8.57
N ALA A 220 -3.09 2.04 7.96
CA ALA A 220 -3.28 0.67 7.51
C ALA A 220 -2.46 0.32 6.27
N ALA A 221 -2.25 1.26 5.36
CA ALA A 221 -1.63 0.96 4.07
C ALA A 221 -0.12 1.10 4.09
N MET A 222 0.49 1.31 5.25
CA MET A 222 1.95 1.40 5.37
C MET A 222 2.44 0.61 6.57
N ASN A 223 1.68 -0.39 7.00
CA ASN A 223 1.99 -1.09 8.24
C ASN A 223 1.54 -2.55 8.17
N ILE A 224 2.33 -3.41 8.78
CA ILE A 224 1.88 -4.74 9.17
C ILE A 224 1.29 -4.62 10.57
N VAL A 225 -0.01 -4.88 10.68
CA VAL A 225 -0.73 -4.60 11.92
C VAL A 225 -1.29 -5.88 12.53
N PRO A 226 -0.78 -6.30 13.70
CA PRO A 226 -1.39 -7.44 14.38
C PRO A 226 -2.69 -7.07 15.08
N THR A 227 -3.64 -7.99 15.03
CA THR A 227 -4.87 -7.90 15.82
C THR A 227 -5.21 -9.28 16.35
N SER A 228 -5.82 -9.30 17.54
CA SER A 228 -6.37 -10.55 18.04
C SER A 228 -7.60 -10.93 17.22
N THR A 229 -7.86 -12.22 17.13
CA THR A 229 -8.95 -12.73 16.31
C THR A 229 -9.65 -13.87 17.03
N GLY A 230 -10.97 -13.92 16.89
CA GLY A 230 -11.73 -15.05 17.36
C GLY A 230 -12.01 -16.09 16.30
N ALA A 231 -11.51 -15.88 15.09
CA ALA A 231 -11.83 -16.75 13.96
C ALA A 231 -11.34 -18.18 14.18
N ALA A 232 -10.24 -18.35 14.90
CA ALA A 232 -9.73 -19.70 15.15
C ALA A 232 -10.55 -20.40 16.23
N LYS A 233 -10.88 -19.70 17.32
CA LYS A 233 -11.77 -20.27 18.32
C LYS A 233 -13.18 -20.47 17.78
N ALA A 234 -13.58 -19.67 16.79
CA ALA A 234 -14.91 -19.78 16.21
C ALA A 234 -15.13 -21.08 15.47
N VAL A 235 -14.06 -21.74 15.01
CA VAL A 235 -14.20 -23.04 14.37
C VAL A 235 -14.81 -24.04 15.34
N GLY A 236 -14.47 -23.92 16.63
CA GLY A 236 -15.09 -24.74 17.65
C GLY A 236 -16.59 -24.55 17.79
N LEU A 237 -17.15 -23.50 17.17
CA LEU A 237 -18.59 -23.33 17.17
C LEU A 237 -19.26 -24.17 16.09
N VAL A 238 -18.61 -24.32 14.95
CA VAL A 238 -19.15 -25.13 13.85
C VAL A 238 -18.60 -26.55 13.84
N ILE A 239 -17.46 -26.80 14.46
CA ILE A 239 -16.95 -28.15 14.70
C ILE A 239 -16.82 -28.32 16.21
N PRO A 240 -17.92 -28.61 16.92
CA PRO A 240 -17.89 -28.57 18.39
C PRO A 240 -16.88 -29.52 19.03
N GLU A 241 -16.47 -30.58 18.34
CA GLU A 241 -15.49 -31.49 18.94
C GLU A 241 -14.14 -30.82 19.15
N LEU A 242 -13.85 -29.75 18.41
CA LEU A 242 -12.57 -29.06 18.51
C LEU A 242 -12.67 -27.76 19.32
N GLN A 243 -13.70 -27.62 20.13
CA GLN A 243 -13.85 -26.43 20.97
C GLN A 243 -12.68 -26.34 21.95
N GLY A 244 -12.04 -25.18 21.97
CA GLY A 244 -10.91 -24.94 22.85
C GLY A 244 -9.60 -25.52 22.40
N LYS A 245 -9.54 -26.12 21.21
CA LYS A 245 -8.32 -26.72 20.70
C LYS A 245 -7.67 -25.92 19.59
N LEU A 246 -8.21 -24.76 19.25
CA LEU A 246 -7.66 -23.91 18.20
C LEU A 246 -7.55 -22.48 18.69
N ASN A 247 -6.50 -21.79 18.22
CA ASN A 247 -6.29 -20.38 18.53
C ASN A 247 -5.45 -19.77 17.43
N GLY A 248 -5.42 -18.44 17.40
CA GLY A 248 -4.67 -17.78 16.33
C GLY A 248 -4.64 -16.29 16.50
N ILE A 249 -3.94 -15.65 15.56
CA ILE A 249 -3.78 -14.20 15.50
C ILE A 249 -4.06 -13.74 14.08
N ALA A 250 -3.98 -12.43 13.87
CA ALA A 250 -4.19 -11.82 12.58
C ALA A 250 -3.11 -10.77 12.31
N LEU A 251 -2.71 -10.65 11.05
CA LEU A 251 -1.75 -9.64 10.62
C LEU A 251 -2.32 -8.92 9.40
N ARG A 252 -2.72 -7.66 9.59
CA ARG A 252 -3.22 -6.86 8.49
C ARG A 252 -2.06 -6.27 7.70
N VAL A 253 -2.08 -6.45 6.39
CA VAL A 253 -0.99 -6.00 5.52
C VAL A 253 -1.60 -5.07 4.47
N PRO A 254 -0.78 -4.20 3.86
CA PRO A 254 -1.32 -3.20 2.92
C PRO A 254 -1.79 -3.77 1.58
N THR A 255 -2.77 -4.68 1.62
CA THR A 255 -3.53 -5.03 0.43
C THR A 255 -5.00 -4.70 0.67
N PRO A 256 -5.74 -4.30 -0.36
CA PRO A 256 -7.14 -3.92 -0.15
C PRO A 256 -8.11 -5.09 -0.09
N ASN A 257 -7.76 -6.26 -0.63
CA ASN A 257 -8.66 -7.41 -0.62
C ASN A 257 -7.84 -8.67 -0.84
N VAL A 258 -8.48 -9.81 -0.56
CA VAL A 258 -7.89 -11.15 -0.61
C VAL A 258 -6.96 -11.35 0.57
N SER A 259 -7.12 -12.48 1.28
CA SER A 259 -6.30 -12.81 2.44
C SER A 259 -5.88 -14.26 2.33
N VAL A 260 -5.05 -14.70 3.28
CA VAL A 260 -4.51 -16.06 3.26
C VAL A 260 -4.36 -16.56 4.69
N VAL A 261 -4.82 -17.77 4.94
CA VAL A 261 -4.76 -18.41 6.26
C VAL A 261 -3.56 -19.33 6.29
N ASP A 262 -2.76 -19.24 7.36
CA ASP A 262 -1.69 -20.19 7.63
C ASP A 262 -2.07 -20.98 8.87
N PHE A 263 -2.20 -22.30 8.72
CA PHE A 263 -2.69 -23.16 9.79
C PHE A 263 -1.67 -24.26 10.08
N VAL A 264 -1.29 -24.39 11.34
CA VAL A 264 -0.36 -25.41 11.79
C VAL A 264 -1.08 -26.28 12.82
N ALA A 265 -1.22 -27.56 12.51
CA ALA A 265 -2.03 -28.48 13.31
C ALA A 265 -1.19 -29.63 13.85
N GLN A 266 -1.43 -29.97 15.11
CA GLN A 266 -0.87 -31.17 15.72
C GLN A 266 -1.93 -32.27 15.60
N VAL A 267 -1.66 -33.26 14.75
CA VAL A 267 -2.64 -34.27 14.41
C VAL A 267 -2.22 -35.62 14.98
N GLU A 268 -3.17 -36.56 14.98
CA GLU A 268 -2.99 -37.87 15.61
C GLU A 268 -2.37 -38.89 14.67
N LYS A 269 -2.84 -38.97 13.43
CA LYS A 269 -2.36 -39.98 12.50
C LYS A 269 -1.12 -39.47 11.77
N PRO A 270 0.00 -40.18 11.83
CA PRO A 270 1.21 -39.73 11.12
C PRO A 270 0.97 -39.68 9.61
N THR A 271 1.47 -38.63 8.99
CA THR A 271 1.23 -38.40 7.57
C THR A 271 2.38 -37.60 6.98
N ILE A 272 2.24 -37.25 5.70
CA ILE A 272 3.20 -36.39 5.00
C ILE A 272 2.40 -35.36 4.21
N ALA A 273 3.11 -34.36 3.68
CA ALA A 273 2.45 -33.29 2.94
C ALA A 273 1.70 -33.81 1.72
N GLU A 274 2.20 -34.89 1.11
CA GLU A 274 1.56 -35.43 -0.08
C GLU A 274 0.18 -36.00 0.24
N GLN A 275 0.04 -36.66 1.39
CA GLN A 275 -1.26 -37.22 1.77
C GLN A 275 -2.23 -36.13 2.20
N VAL A 276 -1.72 -35.10 2.89
CA VAL A 276 -2.56 -33.99 3.30
C VAL A 276 -3.15 -33.29 2.08
N ASN A 277 -2.35 -33.16 1.02
CA ASN A 277 -2.85 -32.52 -0.20
C ASN A 277 -3.88 -33.40 -0.90
N GLN A 278 -3.63 -34.71 -0.96
CA GLN A 278 -4.56 -35.61 -1.65
C GLN A 278 -5.90 -35.71 -0.91
N VAL A 279 -5.87 -35.70 0.42
CA VAL A 279 -7.11 -35.76 1.18
C VAL A 279 -7.93 -34.49 0.98
N ILE A 280 -7.26 -33.33 1.00
CA ILE A 280 -7.97 -32.07 0.78
C ILE A 280 -8.47 -31.99 -0.66
N LYS A 281 -7.66 -32.44 -1.62
CA LYS A 281 -8.10 -32.49 -3.00
C LYS A 281 -9.32 -33.40 -3.17
N GLU A 282 -9.32 -34.55 -2.50
CA GLU A 282 -10.45 -35.45 -2.61
C GLU A 282 -11.72 -34.83 -2.05
N ALA A 283 -11.62 -34.13 -0.91
CA ALA A 283 -12.81 -33.49 -0.35
C ALA A 283 -13.30 -32.36 -1.24
N SER A 284 -12.37 -31.60 -1.85
CA SER A 284 -12.75 -30.52 -2.73
C SER A 284 -13.50 -31.01 -3.97
N GLU A 285 -13.39 -32.30 -4.30
CA GLU A 285 -14.09 -32.85 -5.44
C GLU A 285 -15.37 -33.58 -5.05
N THR A 286 -15.63 -33.76 -3.75
CA THR A 286 -16.80 -34.47 -3.29
C THR A 286 -17.53 -33.58 -2.30
N THR A 287 -17.39 -33.83 -0.99
CA THR A 287 -18.23 -33.17 0.00
C THR A 287 -18.01 -31.66 0.05
N MET A 288 -16.82 -31.21 -0.34
CA MET A 288 -16.45 -29.79 -0.24
C MET A 288 -16.42 -29.10 -1.60
N LYS A 289 -17.06 -29.69 -2.61
CA LYS A 289 -17.11 -29.07 -3.93
C LYS A 289 -17.79 -27.71 -3.84
N GLY A 290 -17.14 -26.69 -4.40
CA GLY A 290 -17.63 -25.34 -4.34
C GLY A 290 -17.24 -24.57 -3.10
N ILE A 291 -16.79 -25.25 -2.05
CA ILE A 291 -16.34 -24.61 -0.82
C ILE A 291 -14.82 -24.57 -0.73
N ILE A 292 -14.17 -25.72 -0.95
CA ILE A 292 -12.72 -25.80 -1.03
C ILE A 292 -12.35 -25.99 -2.49
N HIS A 293 -11.43 -25.17 -2.98
CA HIS A 293 -10.79 -25.39 -4.27
C HIS A 293 -9.34 -25.81 -4.03
N TYR A 294 -8.89 -26.81 -4.78
CA TYR A 294 -7.56 -27.35 -4.66
C TYR A 294 -6.72 -26.83 -5.82
N SER A 295 -5.64 -26.12 -5.51
CA SER A 295 -4.81 -25.46 -6.51
C SER A 295 -3.36 -25.91 -6.37
N GLU A 296 -2.77 -26.33 -7.48
CA GLU A 296 -1.34 -26.61 -7.55
C GLU A 296 -0.60 -25.55 -8.36
N LEU A 297 -1.24 -24.41 -8.63
CA LEU A 297 -0.65 -23.34 -9.39
C LEU A 297 0.10 -22.37 -8.48
N GLU A 298 1.12 -21.72 -9.03
CA GLU A 298 1.93 -20.74 -8.30
C GLU A 298 1.37 -19.35 -8.56
N LEU A 299 0.35 -19.00 -7.78
CA LEU A 299 -0.35 -17.73 -7.94
C LEU A 299 -0.06 -16.82 -6.75
N VAL A 300 -0.57 -15.60 -6.87
CA VAL A 300 -0.46 -14.59 -5.82
C VAL A 300 -1.86 -14.07 -5.51
N SER A 301 -1.93 -13.11 -4.59
CA SER A 301 -3.22 -12.70 -4.02
C SER A 301 -4.17 -12.16 -5.08
N SER A 302 -3.66 -11.34 -6.01
CA SER A 302 -4.54 -10.70 -6.98
C SER A 302 -5.24 -11.71 -7.88
N ASP A 303 -4.61 -12.87 -8.12
CA ASP A 303 -5.22 -13.87 -8.98
C ASP A 303 -6.50 -14.46 -8.38
N TYR A 304 -6.72 -14.30 -7.08
CA TYR A 304 -7.88 -14.86 -6.40
C TYR A 304 -8.96 -13.83 -6.14
N ARG A 305 -8.86 -12.64 -6.74
CA ARG A 305 -9.95 -11.69 -6.71
C ARG A 305 -11.17 -12.28 -7.41
N GLY A 306 -12.29 -12.34 -6.69
CA GLY A 306 -13.53 -12.84 -7.26
C GLY A 306 -13.72 -14.34 -7.18
N HIS A 307 -12.79 -15.07 -6.59
CA HIS A 307 -12.95 -16.51 -6.47
C HIS A 307 -14.11 -16.83 -5.53
N ASN A 308 -14.93 -17.80 -5.94
CA ASN A 308 -16.16 -18.12 -5.23
C ASN A 308 -15.96 -19.10 -4.09
N ALA A 309 -14.79 -19.72 -3.99
CA ALA A 309 -14.55 -20.69 -2.93
C ALA A 309 -14.29 -20.00 -1.60
N SER A 310 -14.61 -20.69 -0.50
CA SER A 310 -14.28 -20.17 0.83
C SER A 310 -12.81 -20.39 1.16
N SER A 311 -12.20 -21.44 0.61
CA SER A 311 -10.79 -21.73 0.83
C SER A 311 -10.20 -22.26 -0.47
N ILE A 312 -9.08 -21.67 -0.89
CA ILE A 312 -8.32 -22.17 -2.02
C ILE A 312 -6.99 -22.66 -1.46
N LEU A 313 -6.83 -23.97 -1.33
CA LEU A 313 -5.61 -24.53 -0.76
C LEU A 313 -4.46 -24.36 -1.74
N ASP A 314 -3.40 -23.70 -1.27
CA ASP A 314 -2.15 -23.57 -2.05
C ASP A 314 -1.32 -24.80 -1.74
N ALA A 315 -1.44 -25.80 -2.63
CA ALA A 315 -0.86 -27.12 -2.34
C ALA A 315 0.66 -27.08 -2.29
N SER A 316 1.30 -26.17 -3.02
CA SER A 316 2.75 -26.13 -3.06
C SER A 316 3.35 -25.77 -1.70
N LEU A 317 2.58 -25.16 -0.81
CA LEU A 317 3.09 -24.70 0.48
C LEU A 317 2.86 -25.69 1.61
N THR A 318 2.13 -26.79 1.35
CA THR A 318 1.90 -27.79 2.38
C THR A 318 3.21 -28.45 2.79
N MET A 319 3.41 -28.61 4.09
CA MET A 319 4.58 -29.30 4.61
C MET A 319 4.23 -29.96 5.94
N VAL A 320 4.93 -31.06 6.24
CA VAL A 320 4.70 -31.84 7.44
C VAL A 320 6.05 -32.17 8.07
N LEU A 321 6.13 -32.06 9.39
CA LEU A 321 7.35 -32.37 10.14
C LEU A 321 7.05 -33.40 11.21
N GLY A 322 7.89 -34.45 11.27
CA GLY A 322 7.75 -35.47 12.29
C GLY A 322 6.48 -36.29 12.16
N GLY A 323 5.82 -36.18 11.01
CA GLY A 323 4.59 -36.88 10.75
C GLY A 323 3.36 -36.33 11.46
N ASN A 324 3.53 -35.45 12.45
CA ASN A 324 2.42 -35.00 13.27
C ASN A 324 2.19 -33.50 13.25
N LEU A 325 3.12 -32.71 12.71
CA LEU A 325 2.98 -31.25 12.64
C LEU A 325 2.71 -30.87 11.19
N VAL A 326 1.47 -30.47 10.90
CA VAL A 326 1.00 -30.22 9.55
C VAL A 326 0.80 -28.73 9.36
N LYS A 327 1.23 -28.22 8.20
CA LYS A 327 1.08 -26.82 7.85
C LYS A 327 0.39 -26.72 6.49
N VAL A 328 -0.78 -26.09 6.45
CA VAL A 328 -1.50 -25.85 5.21
C VAL A 328 -1.77 -24.37 5.07
N VAL A 329 -1.90 -23.92 3.81
CA VAL A 329 -2.03 -22.52 3.47
C VAL A 329 -3.19 -22.38 2.48
N ALA A 330 -4.14 -21.48 2.79
CA ALA A 330 -5.36 -21.36 2.01
C ALA A 330 -5.69 -19.90 1.75
N TRP A 331 -6.03 -19.59 0.50
CA TRP A 331 -6.46 -18.26 0.09
C TRP A 331 -7.96 -18.09 0.29
N TYR A 332 -8.39 -16.83 0.36
CA TYR A 332 -9.82 -16.53 0.34
C TYR A 332 -10.01 -15.05 0.02
N ASP A 333 -10.97 -14.77 -0.85
CA ASP A 333 -11.43 -13.41 -1.11
C ASP A 333 -12.35 -13.00 0.02
N ASN A 334 -11.82 -12.26 0.99
CA ASN A 334 -12.57 -11.98 2.21
C ASN A 334 -13.80 -11.13 1.95
N GLU A 335 -13.89 -10.45 0.82
CA GLU A 335 -15.06 -9.66 0.48
C GLU A 335 -16.05 -10.45 -0.38
N TRP A 336 -15.60 -10.94 -1.53
CA TRP A 336 -16.49 -11.60 -2.47
C TRP A 336 -16.78 -13.04 -2.06
N GLY A 337 -15.74 -13.79 -1.67
CA GLY A 337 -15.95 -15.16 -1.23
C GLY A 337 -16.86 -15.26 -0.02
N TYR A 338 -16.65 -14.38 0.95
CA TYR A 338 -17.51 -14.38 2.14
C TYR A 338 -18.94 -13.99 1.78
N SER A 339 -19.10 -13.01 0.88
CA SER A 339 -20.44 -12.57 0.50
C SER A 339 -21.17 -13.64 -0.30
N GLN A 340 -20.43 -14.45 -1.07
CA GLN A 340 -21.04 -15.61 -1.72
C GLN A 340 -21.61 -16.57 -0.70
N ARG A 341 -20.94 -16.71 0.44
CA ARG A 341 -21.42 -17.62 1.49
C ARG A 341 -22.61 -17.02 2.22
N VAL A 342 -22.63 -15.71 2.42
CA VAL A 342 -23.79 -15.05 2.99
C VAL A 342 -25.02 -15.31 2.13
N LEU A 343 -24.86 -15.14 0.81
CA LEU A 343 -25.95 -15.46 -0.11
C LEU A 343 -26.30 -16.95 -0.03
N ASP A 344 -25.29 -17.81 0.07
CA ASP A 344 -25.55 -19.25 0.14
C ASP A 344 -26.35 -19.61 1.39
N LEU A 345 -25.97 -19.03 2.54
CA LEU A 345 -26.73 -19.29 3.76
C LEU A 345 -28.13 -18.70 3.67
N ALA A 346 -28.27 -17.54 3.03
CA ALA A 346 -29.59 -16.93 2.87
C ALA A 346 -30.47 -17.76 1.94
N GLU A 347 -29.90 -18.28 0.85
CA GLU A 347 -30.66 -19.14 -0.03
C GLU A 347 -31.08 -20.43 0.69
N HIS A 348 -30.20 -20.96 1.54
CA HIS A 348 -30.54 -22.16 2.28
C HIS A 348 -31.68 -21.92 3.28
N MET A 349 -31.66 -20.76 3.94
CA MET A 349 -32.76 -20.40 4.83
C MET A 349 -34.06 -20.24 4.04
N ALA A 350 -33.97 -19.71 2.82
CA ALA A 350 -35.17 -19.51 2.00
C ALA A 350 -35.76 -20.85 1.57
N ALA A 351 -34.91 -21.81 1.22
CA ALA A 351 -35.39 -23.12 0.81
C ALA A 351 -36.09 -23.87 1.93
N HIS A 352 -35.78 -23.54 3.19
CA HIS A 352 -36.43 -24.16 4.34
C HIS A 352 -37.05 -23.11 5.22
N TRP A 353 -37.92 -22.27 4.66
CA TRP A 353 -38.43 -21.12 5.41
C TRP A 353 -39.53 -21.53 6.39
N ALA A 354 -40.43 -22.41 5.97
CA ALA A 354 -41.62 -22.78 6.74
C ALA A 354 -42.55 -21.60 6.95
N SER B 17 3.07 35.94 31.61
CA SER B 17 3.45 36.56 30.35
C SER B 17 3.35 35.55 29.20
N MET B 18 3.37 34.27 29.54
CA MET B 18 3.24 33.22 28.54
C MET B 18 1.81 33.10 28.07
N VAL B 19 1.65 32.81 26.78
CA VAL B 19 0.33 32.60 26.18
C VAL B 19 -0.05 31.13 26.37
N ARG B 20 -1.15 30.89 27.07
CA ARG B 20 -1.58 29.54 27.40
C ARG B 20 -2.39 28.97 26.24
N VAL B 21 -1.97 27.83 25.72
CA VAL B 21 -2.49 27.25 24.49
C VAL B 21 -3.20 25.94 24.81
N ALA B 22 -4.32 25.70 24.14
CA ALA B 22 -5.01 24.42 24.18
C ALA B 22 -5.22 23.93 22.75
N ILE B 23 -4.99 22.64 22.54
CA ILE B 23 -5.19 22.02 21.24
C ILE B 23 -6.54 21.32 21.23
N ASN B 24 -7.39 21.68 20.28
CA ASN B 24 -8.68 21.02 20.08
C ASN B 24 -8.57 20.17 18.83
N GLY B 25 -8.56 18.85 19.02
CA GLY B 25 -8.34 17.93 17.92
C GLY B 25 -6.90 17.47 17.84
N PHE B 26 -6.58 16.40 18.57
CA PHE B 26 -5.22 15.88 18.65
C PHE B 26 -4.95 14.88 17.53
N GLY B 27 -5.20 15.30 16.29
CA GLY B 27 -5.00 14.43 15.14
C GLY B 27 -3.63 14.59 14.50
N ARG B 28 -3.58 14.50 13.17
CA ARG B 28 -2.30 14.61 12.48
C ARG B 28 -1.69 15.99 12.68
N ILE B 29 -2.48 17.05 12.44
CA ILE B 29 -1.97 18.40 12.60
C ILE B 29 -1.77 18.73 14.08
N GLY B 30 -2.71 18.30 14.92
CA GLY B 30 -2.59 18.57 16.35
C GLY B 30 -1.34 17.93 16.96
N ARG B 31 -1.02 16.71 16.55
CA ARG B 31 0.14 16.02 17.11
C ARG B 31 1.43 16.43 16.43
N ASN B 32 1.37 16.82 15.14
CA ASN B 32 2.54 17.40 14.50
C ASN B 32 2.86 18.76 15.11
N PHE B 33 1.83 19.59 15.34
CA PHE B 33 2.03 20.87 15.99
C PHE B 33 2.61 20.71 17.38
N MET B 34 2.15 19.70 18.12
CA MET B 34 2.66 19.47 19.47
C MET B 34 4.14 19.12 19.45
N ARG B 35 4.55 18.22 18.55
CA ARG B 35 5.95 17.87 18.45
C ARG B 35 6.78 19.05 17.94
N CYS B 36 6.19 19.90 17.09
CA CYS B 36 6.85 21.13 16.69
C CYS B 36 7.15 22.02 17.88
N TRP B 37 6.15 22.19 18.76
CA TRP B 37 6.32 23.07 19.92
C TRP B 37 7.34 22.51 20.90
N LEU B 38 7.38 21.18 21.04
CA LEU B 38 8.31 20.58 21.99
C LEU B 38 9.76 20.81 21.57
N GLN B 39 10.03 20.80 20.27
CA GLN B 39 11.38 21.04 19.78
C GLN B 39 11.77 22.52 19.85
N ARG B 40 10.80 23.42 19.68
CA ARG B 40 11.04 24.85 19.72
C ARG B 40 10.60 25.48 21.04
N LYS B 41 10.51 24.69 22.11
CA LYS B 41 9.95 25.15 23.37
C LYS B 41 10.84 26.13 24.10
N ALA B 42 12.15 26.10 23.86
CA ALA B 42 13.08 26.92 24.64
C ALA B 42 12.99 28.40 24.30
N ASN B 43 12.49 28.76 23.12
CA ASN B 43 12.36 30.15 22.71
C ASN B 43 10.92 30.61 22.58
N SER B 44 9.97 29.77 22.99
CA SER B 44 8.57 30.04 22.72
C SER B 44 7.97 31.01 23.73
N LYS B 45 7.02 31.81 23.25
CA LYS B 45 6.13 32.57 24.11
C LYS B 45 4.80 31.85 24.30
N LEU B 46 4.71 30.59 23.88
CA LEU B 46 3.51 29.78 24.02
C LEU B 46 3.75 28.66 25.02
N GLU B 47 2.68 28.27 25.70
CA GLU B 47 2.72 27.16 26.66
C GLU B 47 1.49 26.31 26.44
N ILE B 48 1.67 25.10 25.91
CA ILE B 48 0.57 24.18 25.71
C ILE B 48 0.19 23.57 27.05
N VAL B 49 -1.04 23.82 27.49
CA VAL B 49 -1.48 23.41 28.82
C VAL B 49 -2.74 22.55 28.79
N GLY B 50 -3.32 22.32 27.61
CA GLY B 50 -4.55 21.55 27.54
C GLY B 50 -4.75 20.92 26.19
N ILE B 51 -5.40 19.76 26.18
CA ILE B 51 -5.77 19.05 24.96
C ILE B 51 -7.21 18.59 25.11
N ASN B 52 -8.01 18.82 24.07
CA ASN B 52 -9.32 18.19 23.94
C ASN B 52 -9.32 17.36 22.67
N ASP B 53 -9.83 16.13 22.77
CA ASP B 53 -9.80 15.20 21.65
C ASP B 53 -10.78 14.07 21.93
N THR B 54 -11.14 13.36 20.87
CA THR B 54 -12.00 12.18 21.01
C THR B 54 -11.36 11.14 21.93
N SER B 55 -10.04 11.01 21.87
CA SER B 55 -9.34 9.98 22.62
C SER B 55 -9.05 10.41 24.05
N ASP B 56 -8.84 9.41 24.90
CA ASP B 56 -8.41 9.63 26.27
C ASP B 56 -6.93 10.02 26.27
N PRO B 57 -6.41 10.51 27.40
CA PRO B 57 -4.99 10.92 27.42
C PRO B 57 -4.02 9.76 27.22
N ARG B 58 -4.32 8.58 27.77
CA ARG B 58 -3.40 7.44 27.62
C ARG B 58 -3.28 7.01 26.16
N THR B 59 -4.39 7.03 25.43
CA THR B 59 -4.33 6.73 24.00
C THR B 59 -3.51 7.76 23.25
N ASN B 60 -3.69 9.04 23.58
CA ASN B 60 -3.02 10.10 22.84
C ASN B 60 -1.53 10.18 23.16
N ALA B 61 -1.14 9.82 24.39
CA ALA B 61 0.28 9.73 24.69
C ALA B 61 0.96 8.64 23.88
N HIS B 62 0.23 7.57 23.57
CA HIS B 62 0.76 6.51 22.72
C HIS B 62 0.89 6.98 21.27
N LEU B 63 -0.16 7.64 20.76
CA LEU B 63 -0.12 8.14 19.40
C LEU B 63 0.89 9.27 19.24
N LEU B 64 1.07 10.10 20.27
CA LEU B 64 2.06 11.16 20.20
C LEU B 64 3.48 10.58 20.14
N LYS B 65 3.73 9.51 20.89
CA LYS B 65 5.07 8.92 20.93
C LYS B 65 5.36 8.13 19.66
N TYR B 66 4.47 7.21 19.29
CA TYR B 66 4.70 6.31 18.16
C TYR B 66 3.92 6.85 16.95
N ASP B 67 4.67 7.32 15.95
CA ASP B 67 4.10 7.91 14.74
C ASP B 67 4.66 7.17 13.53
N SER B 68 3.75 6.67 12.69
CA SER B 68 4.18 5.95 11.48
C SER B 68 4.96 6.84 10.52
N MET B 69 4.75 8.16 10.58
CA MET B 69 5.43 9.10 9.69
C MET B 69 6.63 9.76 10.33
N LEU B 70 6.53 10.19 11.59
CA LEU B 70 7.60 10.90 12.26
C LEU B 70 8.50 9.99 13.09
N GLY B 71 8.15 8.71 13.25
CA GLY B 71 8.91 7.82 14.09
C GLY B 71 8.62 8.04 15.57
N ILE B 72 9.33 7.29 16.40
CA ILE B 72 9.16 7.39 17.84
C ILE B 72 9.76 8.70 18.32
N PHE B 73 8.98 9.44 19.14
CA PHE B 73 9.47 10.70 19.68
C PHE B 73 10.64 10.43 20.64
N GLN B 74 11.73 11.14 20.44
CA GLN B 74 12.99 10.84 21.13
C GLN B 74 13.43 11.90 22.12
N ASP B 75 13.04 13.16 21.92
CA ASP B 75 13.57 14.24 22.76
C ASP B 75 13.21 14.02 24.23
N ALA B 76 11.92 14.02 24.53
CA ALA B 76 11.45 13.90 25.91
C ALA B 76 10.64 12.62 26.07
N GLU B 77 10.52 12.19 27.33
CA GLU B 77 9.68 11.04 27.66
C GLU B 77 8.22 11.46 27.63
N ILE B 78 7.37 10.54 27.18
CA ILE B 78 5.94 10.79 27.07
C ILE B 78 5.20 9.73 27.87
N THR B 79 4.51 10.17 28.92
CA THR B 79 3.70 9.30 29.77
C THR B 79 2.32 9.94 29.93
N ALA B 80 1.43 9.25 30.66
CA ALA B 80 0.08 9.75 30.86
C ALA B 80 -0.55 9.04 32.04
N ASP B 81 -1.59 9.67 32.58
CA ASP B 81 -2.46 9.04 33.56
C ASP B 81 -3.89 9.28 33.09
N ASP B 82 -4.85 9.17 34.02
CA ASP B 82 -6.25 9.40 33.66
C ASP B 82 -6.53 10.85 33.29
N ASP B 83 -5.69 11.78 33.75
CA ASP B 83 -5.98 13.21 33.63
C ASP B 83 -5.07 13.95 32.67
N CYS B 84 -3.79 13.60 32.59
CA CYS B 84 -2.83 14.44 31.90
C CYS B 84 -1.93 13.61 30.99
N ILE B 85 -1.37 14.28 29.99
CA ILE B 85 -0.24 13.79 29.22
C ILE B 85 1.00 14.53 29.71
N TYR B 86 2.08 13.79 29.95
CA TYR B 86 3.31 14.36 30.46
C TYR B 86 4.40 14.27 29.40
N ALA B 87 4.86 15.41 28.91
CA ALA B 87 5.91 15.48 27.90
C ALA B 87 7.13 16.10 28.56
N GLY B 88 8.01 15.25 29.08
CA GLY B 88 9.19 15.71 29.79
C GLY B 88 8.86 16.54 31.00
N GLY B 89 8.10 15.99 31.93
CA GLY B 89 7.75 16.69 33.14
C GLY B 89 6.58 17.63 32.94
N HIS B 90 6.61 18.37 31.83
CA HIS B 90 5.55 19.32 31.52
C HIS B 90 4.23 18.60 31.34
N ALA B 91 3.26 18.96 32.17
CA ALA B 91 1.95 18.32 32.15
C ALA B 91 1.00 19.07 31.22
N VAL B 92 0.17 18.31 30.52
CA VAL B 92 -0.86 18.85 29.63
C VAL B 92 -2.19 18.23 30.03
N LYS B 93 -3.11 19.06 30.52
CA LYS B 93 -4.42 18.58 30.92
C LYS B 93 -5.20 18.10 29.70
N CYS B 94 -6.01 17.05 29.90
CA CYS B 94 -6.72 16.42 28.80
C CYS B 94 -8.18 16.21 29.15
N VAL B 95 -9.06 16.47 28.18
CA VAL B 95 -10.49 16.22 28.31
C VAL B 95 -10.97 15.62 26.98
N SER B 96 -12.18 15.07 27.01
CA SER B 96 -12.79 14.45 25.82
C SER B 96 -14.27 14.86 25.77
N ASP B 97 -14.51 16.04 25.21
CA ASP B 97 -15.86 16.54 24.98
C ASP B 97 -15.93 17.10 23.57
N ARG B 98 -16.77 16.50 22.73
CA ARG B 98 -16.87 16.87 21.32
C ARG B 98 -17.74 18.08 21.08
N ASN B 99 -18.27 18.70 22.13
CA ASN B 99 -18.99 19.97 22.01
C ASN B 99 -18.12 21.06 22.64
N PRO B 100 -17.51 21.94 21.84
CA PRO B 100 -16.52 22.88 22.41
C PRO B 100 -17.11 23.84 23.41
N GLU B 101 -18.42 24.07 23.41
CA GLU B 101 -19.04 24.96 24.38
C GLU B 101 -18.93 24.43 25.80
N ASN B 102 -18.71 23.12 25.96
CA ASN B 102 -18.56 22.51 27.28
C ASN B 102 -17.12 22.47 27.76
N LEU B 103 -16.18 23.02 26.99
CA LEU B 103 -14.77 22.81 27.29
C LEU B 103 -14.31 23.74 28.43
N PRO B 104 -13.40 23.27 29.29
CA PRO B 104 -12.99 24.01 30.49
C PRO B 104 -11.94 25.09 30.23
N TRP B 105 -12.22 25.94 29.23
CA TRP B 105 -11.23 26.95 28.85
C TRP B 105 -11.09 28.03 29.92
N SER B 106 -12.20 28.44 30.53
CA SER B 106 -12.10 29.38 31.65
C SER B 106 -11.39 28.75 32.83
N ALA B 107 -11.72 27.50 33.14
CA ALA B 107 -11.11 26.80 34.27
C ALA B 107 -9.62 26.55 34.06
N TRP B 108 -9.15 26.52 32.81
CA TRP B 108 -7.75 26.29 32.51
C TRP B 108 -7.01 27.54 32.10
N GLY B 109 -7.66 28.71 32.15
CA GLY B 109 -7.00 29.95 31.77
C GLY B 109 -6.49 29.97 30.34
N ILE B 110 -7.25 29.40 29.41
CA ILE B 110 -6.79 29.25 28.04
C ILE B 110 -6.89 30.58 27.32
N ASP B 111 -5.80 30.99 26.67
CA ASP B 111 -5.77 32.19 25.85
C ASP B 111 -5.95 31.90 24.37
N LEU B 112 -5.29 30.87 23.86
CA LEU B 112 -5.30 30.54 22.44
C LEU B 112 -5.67 29.08 22.25
N VAL B 113 -6.67 28.82 21.42
CA VAL B 113 -7.06 27.46 21.06
C VAL B 113 -6.58 27.17 19.65
N ILE B 114 -5.81 26.10 19.50
CA ILE B 114 -5.46 25.58 18.17
C ILE B 114 -6.61 24.67 17.75
N GLU B 115 -7.46 25.15 16.85
CA GLU B 115 -8.63 24.42 16.40
C GLU B 115 -8.21 23.53 15.24
N ALA B 116 -8.00 22.25 15.52
CA ALA B 116 -7.48 21.31 14.53
C ALA B 116 -8.33 20.05 14.44
N THR B 117 -9.61 20.13 14.79
CA THR B 117 -10.51 19.00 14.59
C THR B 117 -10.96 18.85 13.14
N GLY B 118 -10.95 19.94 12.38
CA GLY B 118 -11.43 19.93 11.02
C GLY B 118 -12.91 20.20 10.88
N VAL B 119 -13.66 20.26 11.98
CA VAL B 119 -15.12 20.38 11.92
C VAL B 119 -15.61 21.66 12.61
N PHE B 120 -14.73 22.61 12.87
CA PHE B 120 -15.11 23.88 13.50
C PHE B 120 -14.42 25.04 12.79
N THR B 121 -14.44 25.01 11.46
CA THR B 121 -13.78 26.02 10.64
C THR B 121 -14.66 27.22 10.32
N SER B 122 -15.94 27.17 10.69
CA SER B 122 -16.83 28.31 10.49
C SER B 122 -16.74 29.26 11.68
N ARG B 123 -17.24 30.49 11.49
CA ARG B 123 -17.18 31.48 12.56
C ARG B 123 -18.00 31.03 13.76
N GLU B 124 -19.20 30.49 13.52
CA GLU B 124 -20.02 30.04 14.64
C GLU B 124 -19.44 28.81 15.32
N GLY B 125 -18.75 27.94 14.57
CA GLY B 125 -18.12 26.80 15.19
C GLY B 125 -16.93 27.18 16.04
N ALA B 126 -16.03 28.01 15.50
CA ALA B 126 -14.86 28.43 16.24
C ALA B 126 -15.23 29.34 17.41
N SER B 127 -16.32 30.09 17.30
CA SER B 127 -16.74 30.98 18.38
C SER B 127 -17.22 30.20 19.59
N LYS B 128 -17.51 28.91 19.45
CA LYS B 128 -17.88 28.10 20.60
C LYS B 128 -16.76 28.03 21.62
N HIS B 129 -15.50 28.07 21.15
CA HIS B 129 -14.36 28.15 22.06
C HIS B 129 -14.38 29.46 22.84
N LEU B 130 -14.85 30.55 22.22
CA LEU B 130 -14.90 31.84 22.91
C LEU B 130 -15.93 31.80 24.03
N SER B 131 -17.09 31.18 23.79
CA SER B 131 -18.09 31.06 24.85
C SER B 131 -17.56 30.26 26.03
N ALA B 132 -16.71 29.25 25.77
CA ALA B 132 -16.18 28.42 26.84
C ALA B 132 -15.14 29.16 27.67
N GLY B 133 -14.58 30.26 27.17
CA GLY B 133 -13.67 31.07 27.96
C GLY B 133 -12.34 31.39 27.30
N ALA B 134 -12.16 30.94 26.06
CA ALA B 134 -10.94 31.23 25.34
C ALA B 134 -10.99 32.62 24.74
N LYS B 135 -9.80 33.22 24.54
CA LYS B 135 -9.72 34.57 24.03
C LYS B 135 -9.57 34.63 22.52
N LYS B 136 -8.83 33.68 21.93
CA LYS B 136 -8.61 33.66 20.49
C LYS B 136 -8.58 32.21 20.00
N VAL B 137 -8.97 32.03 18.74
CA VAL B 137 -8.95 30.73 18.08
C VAL B 137 -8.12 30.83 16.81
N LEU B 138 -7.25 29.84 16.60
CA LEU B 138 -6.46 29.71 15.38
C LEU B 138 -6.93 28.43 14.68
N ILE B 139 -7.60 28.59 13.54
CA ILE B 139 -8.11 27.45 12.79
C ILE B 139 -7.01 26.95 11.86
N THR B 140 -6.67 25.67 11.99
CA THR B 140 -5.63 25.07 11.15
C THR B 140 -6.22 24.60 9.83
N ALA B 141 -7.00 25.45 9.18
CA ALA B 141 -7.67 25.14 7.93
C ALA B 141 -8.27 26.43 7.36
N PRO B 142 -8.62 26.45 6.08
CA PRO B 142 -9.35 27.60 5.55
C PRO B 142 -10.65 27.84 6.33
N GLY B 143 -10.93 29.10 6.61
CA GLY B 143 -12.14 29.43 7.32
C GLY B 143 -13.35 29.48 6.42
N LYS B 144 -14.52 29.37 7.05
CA LYS B 144 -15.80 29.53 6.37
C LYS B 144 -16.42 30.86 6.78
N GLY B 145 -16.68 31.70 5.79
CA GLY B 145 -17.08 33.07 6.06
C GLY B 145 -15.91 34.03 6.01
N ASN B 146 -16.16 35.25 6.48
CA ASN B 146 -15.13 36.29 6.50
C ASN B 146 -14.28 36.14 7.75
N ILE B 147 -13.48 35.08 7.76
CA ILE B 147 -12.48 34.82 8.80
C ILE B 147 -11.12 35.24 8.25
N PRO B 148 -10.39 36.13 8.92
CA PRO B 148 -9.10 36.59 8.38
C PRO B 148 -8.12 35.43 8.23
N THR B 149 -7.62 35.25 7.02
CA THR B 149 -6.72 34.17 6.67
C THR B 149 -5.31 34.71 6.50
N TYR B 150 -4.33 33.98 7.04
CA TYR B 150 -2.94 34.40 7.01
C TYR B 150 -2.05 33.25 6.56
N VAL B 151 -0.98 33.61 5.85
CA VAL B 151 0.09 32.69 5.51
C VAL B 151 1.39 33.34 5.96
N VAL B 152 2.13 32.67 6.84
CA VAL B 152 3.38 33.24 7.35
C VAL B 152 4.34 33.43 6.20
N GLY B 153 4.94 34.62 6.13
CA GLY B 153 5.84 34.97 5.05
C GLY B 153 5.19 35.70 3.89
N VAL B 154 3.86 35.79 3.87
CA VAL B 154 3.13 36.44 2.78
C VAL B 154 2.35 37.64 3.29
N ASN B 155 1.53 37.44 4.33
CA ASN B 155 0.68 38.53 4.82
C ASN B 155 0.48 38.51 6.33
N HIS B 156 1.26 37.73 7.08
CA HIS B 156 0.99 37.59 8.51
C HIS B 156 1.27 38.87 9.28
N HIS B 157 2.07 39.79 8.74
CA HIS B 157 2.32 41.05 9.42
C HIS B 157 1.10 41.96 9.40
N THR B 158 0.14 41.71 8.52
CA THR B 158 -1.11 42.45 8.52
C THR B 158 -2.08 41.97 9.58
N TYR B 159 -1.70 41.01 10.40
CA TYR B 159 -2.58 40.48 11.43
C TYR B 159 -2.92 41.55 12.44
N ASP B 160 -4.22 41.77 12.66
CA ASP B 160 -4.66 42.77 13.62
C ASP B 160 -4.84 42.11 14.99
N PRO B 161 -4.26 42.70 16.04
CA PRO B 161 -4.34 42.06 17.37
C PRO B 161 -5.76 41.95 17.92
N SER B 162 -6.73 42.66 17.35
CA SER B 162 -8.09 42.63 17.86
C SER B 162 -8.91 41.46 17.32
N GLU B 163 -8.45 40.80 16.25
CA GLU B 163 -9.19 39.67 15.71
C GLU B 163 -9.12 38.48 16.65
N ASP B 164 -10.27 37.86 16.90
CA ASP B 164 -10.36 36.75 17.83
C ASP B 164 -10.45 35.39 17.14
N ILE B 165 -10.67 35.36 15.83
CA ILE B 165 -10.73 34.11 15.06
C ILE B 165 -9.95 34.30 13.78
N VAL B 166 -8.90 33.50 13.58
CA VAL B 166 -8.08 33.57 12.38
C VAL B 166 -7.91 32.17 11.81
N SER B 167 -7.47 32.12 10.55
CA SER B 167 -7.20 30.87 9.86
C SER B 167 -5.78 30.90 9.31
N ASN B 168 -5.08 29.77 9.44
CA ASN B 168 -3.75 29.61 8.87
C ASN B 168 -3.79 29.03 7.47
N ALA B 169 -4.94 29.10 6.80
CA ALA B 169 -5.13 28.54 5.46
C ALA B 169 -4.84 27.05 5.44
N SER B 170 -4.53 26.52 4.25
CA SER B 170 -4.30 25.10 4.06
C SER B 170 -2.83 24.85 3.71
N CYS B 171 -2.46 23.57 3.69
CA CYS B 171 -1.08 23.20 3.42
C CYS B 171 -0.66 23.61 2.02
N THR B 172 -1.52 23.40 1.03
CA THR B 172 -1.19 23.80 -0.34
C THR B 172 -1.14 25.31 -0.48
N THR B 173 -2.00 26.03 0.26
CA THR B 173 -1.93 27.49 0.24
C THR B 173 -0.61 27.99 0.79
N ASN B 174 -0.15 27.39 1.90
CA ASN B 174 1.11 27.80 2.49
C ASN B 174 2.32 27.47 1.61
N CYS B 175 2.19 26.49 0.72
CA CYS B 175 3.29 26.19 -0.19
C CYS B 175 3.26 27.09 -1.41
N LEU B 176 2.08 27.31 -1.98
CA LEU B 176 1.98 28.02 -3.25
C LEU B 176 2.06 29.53 -3.08
N ALA B 177 1.43 30.07 -2.04
CA ALA B 177 1.36 31.52 -1.88
C ALA B 177 2.72 32.21 -1.82
N PRO B 178 3.73 31.71 -1.08
CA PRO B 178 5.03 32.41 -1.09
C PRO B 178 5.67 32.46 -2.46
N ILE B 179 5.51 31.41 -3.27
CA ILE B 179 6.08 31.40 -4.61
C ILE B 179 5.27 32.31 -5.53
N VAL B 180 3.94 32.32 -5.36
CA VAL B 180 3.10 33.21 -6.14
C VAL B 180 3.45 34.66 -5.87
N LYS B 181 3.66 35.00 -4.60
CA LYS B 181 4.02 36.37 -4.24
C LYS B 181 5.34 36.77 -4.88
N VAL B 182 6.34 35.89 -4.82
CA VAL B 182 7.65 36.20 -5.40
C VAL B 182 7.54 36.36 -6.90
N LEU B 183 6.84 35.43 -7.57
CA LEU B 183 6.68 35.53 -9.01
C LEU B 183 5.85 36.74 -9.41
N HIS B 184 4.85 37.10 -8.58
CA HIS B 184 3.98 38.22 -8.92
C HIS B 184 4.74 39.54 -8.88
N GLU B 185 5.55 39.75 -7.82
CA GLU B 185 6.30 41.00 -7.73
C GLU B 185 7.41 41.08 -8.76
N ALA B 186 7.92 39.94 -9.20
CA ALA B 186 9.01 39.93 -10.16
C ALA B 186 8.50 40.09 -11.59
N PHE B 187 7.43 39.38 -11.95
CA PHE B 187 6.97 39.30 -13.32
C PHE B 187 5.54 39.76 -13.54
N GLY B 188 4.72 39.85 -12.49
CA GLY B 188 3.34 40.24 -12.66
C GLY B 188 2.46 39.10 -13.12
N ILE B 189 1.81 38.43 -12.16
CA ILE B 189 0.97 37.28 -12.47
C ILE B 189 -0.41 37.76 -12.90
N GLN B 190 -0.80 37.41 -14.12
CA GLN B 190 -2.12 37.77 -14.65
C GLN B 190 -3.15 36.67 -14.37
N GLN B 191 -2.83 35.43 -14.73
CA GLN B 191 -3.66 34.28 -14.39
C GLN B 191 -2.73 33.14 -13.98
N GLY B 192 -3.31 32.15 -13.30
CA GLY B 192 -2.52 31.02 -12.84
C GLY B 192 -3.31 29.75 -12.56
N MET B 193 -2.84 28.63 -13.08
CA MET B 193 -3.45 27.33 -12.84
C MET B 193 -2.55 26.51 -11.92
N MET B 194 -3.17 25.75 -11.03
CA MET B 194 -2.44 24.93 -10.07
C MET B 194 -2.97 23.51 -10.06
N THR B 195 -2.08 22.56 -9.79
CA THR B 195 -2.44 21.19 -9.49
C THR B 195 -1.46 20.66 -8.47
N THR B 196 -1.96 20.18 -7.34
CA THR B 196 -1.13 19.60 -6.30
C THR B 196 -1.30 18.09 -6.33
N THR B 197 -0.23 17.40 -6.71
CA THR B 197 -0.18 15.94 -6.57
C THR B 197 0.07 15.66 -5.09
N HIS B 198 -1.00 15.26 -4.41
CA HIS B 198 -1.14 15.42 -2.97
C HIS B 198 -1.21 14.07 -2.28
N SER B 199 -0.52 13.94 -1.16
CA SER B 199 -0.65 12.76 -0.33
C SER B 199 -2.06 12.68 0.26
N TYR B 200 -2.54 11.46 0.46
CA TYR B 200 -3.88 11.31 1.00
C TYR B 200 -3.91 11.70 2.48
N THR B 201 -5.09 12.08 2.95
CA THR B 201 -5.29 12.53 4.31
C THR B 201 -6.41 11.71 4.95
N GLY B 202 -6.59 11.92 6.26
CA GLY B 202 -7.63 11.21 6.99
C GLY B 202 -9.04 11.52 6.51
N ASP B 203 -9.22 12.58 5.73
CA ASP B 203 -10.53 12.90 5.18
C ASP B 203 -10.97 11.88 4.14
N GLN B 204 -10.03 11.11 3.57
CA GLN B 204 -10.35 10.12 2.56
C GLN B 204 -10.67 8.78 3.22
N ARG B 205 -11.03 7.80 2.41
CA ARG B 205 -11.49 6.50 2.88
C ARG B 205 -10.47 5.42 2.53
N LEU B 206 -10.22 4.53 3.50
CA LEU B 206 -9.29 3.43 3.27
C LEU B 206 -9.82 2.47 2.23
N LEU B 207 -11.09 2.11 2.32
CA LEU B 207 -11.79 1.37 1.29
C LEU B 207 -13.04 2.14 0.89
N ASP B 208 -13.59 1.78 -0.27
CA ASP B 208 -14.76 2.47 -0.80
C ASP B 208 -15.87 2.56 0.25
N ALA B 209 -16.18 3.79 0.65
CA ALA B 209 -17.18 4.03 1.67
C ALA B 209 -17.75 5.43 1.47
N SER B 210 -18.95 5.64 1.99
CA SER B 210 -19.69 6.87 1.72
C SER B 210 -18.92 8.11 2.18
N HIS B 211 -19.09 9.20 1.42
CA HIS B 211 -18.38 10.44 1.65
C HIS B 211 -19.15 11.56 0.97
N ARG B 212 -19.06 12.77 1.54
CA ARG B 212 -19.62 13.94 0.88
C ARG B 212 -19.08 14.08 -0.53
N ASP B 213 -17.77 13.90 -0.69
CA ASP B 213 -17.09 13.90 -1.97
C ASP B 213 -17.13 12.49 -2.54
N LEU B 214 -17.79 12.31 -3.69
CA LEU B 214 -17.91 10.99 -4.29
C LEU B 214 -16.56 10.42 -4.72
N ARG B 215 -15.53 11.27 -4.85
CA ARG B 215 -14.21 10.79 -5.24
C ARG B 215 -13.33 10.49 -4.02
N ARG B 216 -13.40 11.32 -2.98
CA ARG B 216 -12.74 10.98 -1.73
C ARG B 216 -13.35 9.76 -1.07
N ALA B 217 -14.49 9.29 -1.57
CA ALA B 217 -15.12 8.08 -1.06
C ALA B 217 -14.37 6.82 -1.46
N ARG B 218 -13.45 6.92 -2.42
CA ARG B 218 -12.83 5.76 -3.05
C ARG B 218 -11.47 5.47 -2.43
N ALA B 219 -11.17 4.17 -2.28
CA ALA B 219 -9.99 3.65 -1.60
C ALA B 219 -8.74 4.49 -1.85
N ALA B 220 -8.20 5.08 -0.77
CA ALA B 220 -7.20 6.13 -0.92
C ALA B 220 -5.87 5.59 -1.41
N ALA B 221 -5.41 4.46 -0.87
CA ALA B 221 -4.10 3.93 -1.25
C ALA B 221 -4.12 3.15 -2.55
N MET B 222 -5.25 3.11 -3.25
CA MET B 222 -5.37 2.39 -4.51
C MET B 222 -5.66 3.28 -5.71
N ASN B 223 -5.91 4.57 -5.51
CA ASN B 223 -6.44 5.42 -6.57
C ASN B 223 -5.71 6.75 -6.63
N ILE B 224 -5.65 7.31 -7.83
CA ILE B 224 -5.46 8.74 -8.01
C ILE B 224 -6.84 9.39 -7.93
N VAL B 225 -7.00 10.32 -7.00
CA VAL B 225 -8.31 10.85 -6.64
C VAL B 225 -8.31 12.34 -6.92
N PRO B 226 -8.95 12.79 -8.00
CA PRO B 226 -9.14 14.23 -8.21
C PRO B 226 -10.12 14.79 -7.19
N THR B 227 -9.79 15.98 -6.68
CA THR B 227 -10.62 16.62 -5.66
C THR B 227 -10.27 18.11 -5.62
N SER B 228 -10.97 18.83 -4.75
CA SER B 228 -10.77 20.26 -4.60
C SER B 228 -9.53 20.54 -3.74
N THR B 229 -8.97 21.73 -3.93
CA THR B 229 -7.85 22.20 -3.13
C THR B 229 -8.18 23.57 -2.56
N GLY B 230 -7.84 23.78 -1.29
CA GLY B 230 -8.10 25.06 -0.66
C GLY B 230 -7.28 26.20 -1.22
N ALA B 231 -6.13 25.91 -1.83
CA ALA B 231 -5.30 26.95 -2.40
C ALA B 231 -5.95 27.62 -3.59
N ALA B 232 -6.96 27.00 -4.22
CA ALA B 232 -7.65 27.63 -5.34
C ALA B 232 -8.31 28.93 -4.93
N LYS B 233 -8.80 29.00 -3.69
CA LYS B 233 -9.45 30.21 -3.17
C LYS B 233 -8.55 30.99 -2.21
N ALA B 234 -7.77 30.30 -1.38
CA ALA B 234 -7.10 30.95 -0.26
C ALA B 234 -5.90 31.80 -0.67
N VAL B 235 -5.24 31.47 -1.79
CA VAL B 235 -4.09 32.27 -2.21
C VAL B 235 -4.53 33.68 -2.55
N GLY B 236 -5.70 33.82 -3.18
CA GLY B 236 -6.25 35.15 -3.44
C GLY B 236 -6.61 35.91 -2.19
N LEU B 237 -6.78 35.21 -1.07
CA LEU B 237 -7.06 35.90 0.20
C LEU B 237 -5.81 36.54 0.78
N VAL B 238 -4.67 35.84 0.73
CA VAL B 238 -3.44 36.37 1.30
C VAL B 238 -2.67 37.26 0.33
N ILE B 239 -2.94 37.16 -0.96
CA ILE B 239 -2.43 38.10 -1.95
C ILE B 239 -3.64 38.73 -2.63
N PRO B 240 -4.23 39.78 -2.07
CA PRO B 240 -5.53 40.26 -2.56
C PRO B 240 -5.52 40.74 -4.00
N GLU B 241 -4.36 41.13 -4.52
CA GLU B 241 -4.27 41.53 -5.93
C GLU B 241 -4.77 40.42 -6.85
N LEU B 242 -4.50 39.17 -6.50
CA LEU B 242 -4.75 38.03 -7.36
C LEU B 242 -6.07 37.33 -7.02
N GLN B 243 -6.95 37.98 -6.27
CA GLN B 243 -8.27 37.42 -6.00
C GLN B 243 -9.01 37.22 -7.32
N GLY B 244 -9.46 35.98 -7.56
CA GLY B 244 -10.16 35.64 -8.79
C GLY B 244 -9.28 35.37 -9.98
N LYS B 245 -7.96 35.33 -9.81
CA LYS B 245 -7.04 35.12 -10.91
C LYS B 245 -6.34 33.78 -10.86
N LEU B 246 -6.59 32.96 -9.85
CA LEU B 246 -5.99 31.64 -9.72
C LEU B 246 -7.07 30.60 -9.50
N ASN B 247 -6.81 29.39 -10.02
CA ASN B 247 -7.72 28.27 -9.87
C ASN B 247 -6.92 26.99 -10.03
N GLY B 248 -7.52 25.88 -9.64
CA GLY B 248 -6.85 24.61 -9.78
C GLY B 248 -7.55 23.51 -9.01
N ILE B 249 -6.95 22.32 -9.07
CA ILE B 249 -7.48 21.10 -8.48
C ILE B 249 -6.38 20.41 -7.69
N ALA B 250 -6.75 19.31 -7.04
CA ALA B 250 -5.82 18.44 -6.33
C ALA B 250 -5.92 17.03 -6.89
N LEU B 251 -4.80 16.32 -6.86
CA LEU B 251 -4.74 14.91 -7.25
C LEU B 251 -4.20 14.13 -6.06
N ARG B 252 -5.10 13.51 -5.28
CA ARG B 252 -4.70 12.72 -4.13
C ARG B 252 -4.15 11.39 -4.62
N VAL B 253 -2.92 11.08 -4.23
CA VAL B 253 -2.20 9.90 -4.73
C VAL B 253 -1.82 9.05 -3.53
N PRO B 254 -1.50 7.76 -3.76
CA PRO B 254 -1.23 6.83 -2.63
C PRO B 254 0.14 7.03 -1.98
N THR B 255 0.33 8.19 -1.36
CA THR B 255 1.43 8.39 -0.43
C THR B 255 0.87 8.93 0.88
N PRO B 256 1.46 8.57 2.02
CA PRO B 256 0.90 9.00 3.30
C PRO B 256 1.28 10.41 3.72
N ASN B 257 2.35 10.97 3.17
CA ASN B 257 2.74 12.34 3.52
C ASN B 257 3.66 12.88 2.44
N VAL B 258 3.81 14.21 2.46
CA VAL B 258 4.58 15.01 1.49
C VAL B 258 3.78 15.14 0.20
N SER B 259 3.73 16.35 -0.33
CA SER B 259 2.98 16.65 -1.55
C SER B 259 3.80 17.61 -2.40
N VAL B 260 3.35 17.80 -3.65
CA VAL B 260 4.06 18.67 -4.59
C VAL B 260 3.02 19.42 -5.42
N VAL B 261 3.24 20.73 -5.59
CA VAL B 261 2.31 21.60 -6.30
C VAL B 261 2.92 21.98 -7.65
N ASP B 262 2.06 21.99 -8.67
CA ASP B 262 2.46 22.31 -10.04
C ASP B 262 1.69 23.56 -10.46
N PHE B 263 2.41 24.67 -10.66
CA PHE B 263 1.82 25.98 -10.88
C PHE B 263 2.25 26.50 -12.25
N VAL B 264 1.27 26.78 -13.11
CA VAL B 264 1.49 27.34 -14.43
C VAL B 264 0.86 28.72 -14.46
N ALA B 265 1.69 29.76 -14.56
CA ALA B 265 1.24 31.14 -14.47
C ALA B 265 1.39 31.85 -15.81
N GLN B 266 0.44 32.75 -16.07
CA GLN B 266 0.51 33.67 -17.20
C GLN B 266 1.00 35.01 -16.65
N VAL B 267 2.22 35.41 -17.05
CA VAL B 267 2.86 36.57 -16.48
C VAL B 267 2.93 37.69 -17.52
N GLU B 268 3.13 38.91 -17.02
CA GLU B 268 3.19 40.10 -17.86
C GLU B 268 4.58 40.35 -18.40
N LYS B 269 5.60 40.30 -17.55
CA LYS B 269 6.98 40.52 -17.96
C LYS B 269 7.57 39.22 -18.50
N PRO B 270 7.91 39.18 -19.80
CA PRO B 270 8.46 37.95 -20.37
C PRO B 270 9.80 37.59 -19.75
N THR B 271 10.06 36.29 -19.64
CA THR B 271 11.23 35.81 -18.92
C THR B 271 11.58 34.42 -19.43
N ILE B 272 12.58 33.79 -18.79
CA ILE B 272 13.03 32.45 -19.11
C ILE B 272 13.22 31.68 -17.81
N ALA B 273 13.45 30.37 -17.95
CA ALA B 273 13.48 29.49 -16.77
C ALA B 273 14.63 29.85 -15.84
N GLU B 274 15.79 30.20 -16.39
CA GLU B 274 16.93 30.54 -15.54
C GLU B 274 16.66 31.79 -14.72
N GLN B 275 15.96 32.77 -15.29
CA GLN B 275 15.66 33.99 -14.56
C GLN B 275 14.58 33.76 -13.52
N VAL B 276 13.60 32.90 -13.80
CA VAL B 276 12.59 32.55 -12.81
C VAL B 276 13.24 31.88 -11.62
N ASN B 277 14.11 30.89 -11.88
CA ASN B 277 14.81 30.22 -10.79
C ASN B 277 15.70 31.20 -10.02
N GLN B 278 16.32 32.14 -10.72
CA GLN B 278 17.18 33.11 -10.06
C GLN B 278 16.39 33.99 -9.09
N VAL B 279 15.19 34.42 -9.50
CA VAL B 279 14.37 35.29 -8.66
C VAL B 279 13.93 34.57 -7.40
N ILE B 280 13.51 33.31 -7.54
CA ILE B 280 13.07 32.54 -6.37
C ILE B 280 14.25 32.21 -5.47
N LYS B 281 15.41 31.93 -6.06
CA LYS B 281 16.60 31.63 -5.28
C LYS B 281 17.01 32.82 -4.42
N GLU B 282 17.02 34.02 -5.01
CA GLU B 282 17.35 35.22 -4.25
C GLU B 282 16.34 35.46 -3.14
N ALA B 283 15.05 35.26 -3.44
CA ALA B 283 14.03 35.42 -2.42
C ALA B 283 14.19 34.41 -1.29
N SER B 284 14.56 33.18 -1.63
CA SER B 284 14.77 32.14 -0.62
C SER B 284 15.94 32.46 0.30
N GLU B 285 16.84 33.35 -0.12
CA GLU B 285 17.99 33.72 0.69
C GLU B 285 17.80 35.02 1.46
N THR B 286 16.70 35.74 1.22
CA THR B 286 16.47 37.01 1.89
C THR B 286 15.06 37.14 2.44
N THR B 287 14.15 37.68 1.63
CA THR B 287 12.80 37.98 2.11
C THR B 287 12.02 36.71 2.47
N MET B 288 12.25 35.62 1.74
CA MET B 288 11.52 34.37 1.96
C MET B 288 12.37 33.31 2.65
N LYS B 289 13.45 33.72 3.33
CA LYS B 289 14.31 32.76 4.01
C LYS B 289 13.55 32.08 5.14
N GLY B 290 13.60 30.75 5.16
CA GLY B 290 12.82 29.97 6.09
C GLY B 290 11.42 29.64 5.62
N ILE B 291 10.96 30.25 4.54
CA ILE B 291 9.65 29.98 3.96
C ILE B 291 9.78 29.23 2.64
N ILE B 292 10.61 29.74 1.73
CA ILE B 292 10.92 29.06 0.47
C ILE B 292 12.35 28.56 0.56
N HIS B 293 12.56 27.29 0.21
CA HIS B 293 13.89 26.72 0.06
C HIS B 293 14.13 26.43 -1.41
N TYR B 294 15.30 26.84 -1.91
CA TYR B 294 15.68 26.64 -3.30
C TYR B 294 16.57 25.41 -3.39
N SER B 295 16.14 24.42 -4.17
CA SER B 295 16.82 23.15 -4.28
C SER B 295 17.05 22.81 -5.74
N GLU B 296 18.30 22.48 -6.08
CA GLU B 296 18.64 21.96 -7.40
C GLU B 296 18.93 20.46 -7.37
N LEU B 297 18.75 19.81 -6.23
CA LEU B 297 19.01 18.38 -6.10
C LEU B 297 17.86 17.57 -6.72
N GLU B 298 18.20 16.34 -7.10
CA GLU B 298 17.22 15.43 -7.73
C GLU B 298 16.67 14.47 -6.68
N LEU B 299 15.78 15.00 -5.85
CA LEU B 299 15.21 14.26 -4.74
C LEU B 299 13.79 13.79 -5.07
N VAL B 300 13.21 13.01 -4.17
CA VAL B 300 11.86 12.51 -4.29
C VAL B 300 11.10 12.84 -3.01
N SER B 301 9.83 12.43 -2.96
CA SER B 301 8.93 12.91 -1.91
C SER B 301 9.41 12.50 -0.52
N SER B 302 10.00 11.31 -0.39
CA SER B 302 10.46 10.87 0.93
C SER B 302 11.55 11.76 1.48
N ASP B 303 12.34 12.39 0.60
CA ASP B 303 13.46 13.20 1.05
C ASP B 303 13.03 14.49 1.73
N TYR B 304 11.77 14.89 1.58
CA TYR B 304 11.28 16.13 2.16
C TYR B 304 10.42 15.89 3.40
N ARG B 305 10.45 14.67 3.95
CA ARG B 305 9.81 14.42 5.23
C ARG B 305 10.49 15.24 6.32
N GLY B 306 9.70 16.02 7.04
CA GLY B 306 10.22 16.83 8.13
C GLY B 306 10.84 18.14 7.72
N HIS B 307 10.80 18.50 6.43
CA HIS B 307 11.37 19.76 6.00
C HIS B 307 10.57 20.93 6.56
N ASN B 308 11.28 21.95 7.04
CA ASN B 308 10.66 23.06 7.76
C ASN B 308 10.16 24.17 6.84
N ALA B 309 10.55 24.16 5.57
CA ALA B 309 10.12 25.21 4.65
C ALA B 309 8.69 24.98 4.19
N SER B 310 7.97 26.07 3.96
CA SER B 310 6.63 25.98 3.40
C SER B 310 6.68 25.46 1.96
N SER B 311 7.72 25.85 1.22
CA SER B 311 7.88 25.44 -0.17
C SER B 311 9.34 25.12 -0.43
N ILE B 312 9.59 24.05 -1.19
CA ILE B 312 10.91 23.72 -1.67
C ILE B 312 10.81 23.66 -3.20
N LEU B 313 11.34 24.68 -3.86
CA LEU B 313 11.26 24.74 -5.32
C LEU B 313 12.21 23.72 -5.93
N ASP B 314 11.66 22.84 -6.77
CA ASP B 314 12.48 21.89 -7.54
C ASP B 314 12.95 22.62 -8.79
N ALA B 315 14.12 23.26 -8.68
CA ALA B 315 14.57 24.21 -9.70
C ALA B 315 14.76 23.55 -11.06
N SER B 316 15.18 22.30 -11.11
CA SER B 316 15.43 21.63 -12.39
C SER B 316 14.15 21.38 -13.17
N LEU B 317 12.97 21.57 -12.57
CA LEU B 317 11.70 21.36 -13.25
C LEU B 317 11.10 22.64 -13.80
N THR B 318 11.72 23.79 -13.55
CA THR B 318 11.20 25.06 -14.06
C THR B 318 11.34 25.13 -15.57
N MET B 319 10.29 25.62 -16.24
CA MET B 319 10.30 25.78 -17.68
C MET B 319 9.40 26.94 -18.08
N VAL B 320 9.75 27.60 -19.17
CA VAL B 320 9.02 28.76 -19.68
C VAL B 320 8.83 28.58 -21.18
N LEU B 321 7.64 28.94 -21.67
CA LEU B 321 7.33 28.92 -23.09
C LEU B 321 6.85 30.29 -23.53
N GLY B 322 7.48 30.83 -24.59
CA GLY B 322 7.06 32.09 -25.15
C GLY B 322 7.19 33.28 -24.22
N GLY B 323 7.99 33.16 -23.17
CA GLY B 323 8.25 34.23 -22.21
C GLY B 323 7.21 34.47 -21.12
N ASN B 324 5.93 34.21 -21.42
CA ASN B 324 4.85 34.57 -20.52
C ASN B 324 4.18 33.40 -19.84
N LEU B 325 4.47 32.16 -20.24
CA LEU B 325 3.89 30.97 -19.61
C LEU B 325 4.97 30.29 -18.79
N VAL B 326 4.86 30.39 -17.46
CA VAL B 326 5.88 29.93 -16.54
C VAL B 326 5.35 28.75 -15.73
N LYS B 327 6.15 27.69 -15.63
CA LYS B 327 5.81 26.51 -14.84
C LYS B 327 6.84 26.35 -13.73
N VAL B 328 6.37 26.33 -12.50
CA VAL B 328 7.22 26.07 -11.34
C VAL B 328 6.60 24.92 -10.54
N VAL B 329 7.47 24.19 -9.84
CA VAL B 329 7.07 22.99 -9.10
C VAL B 329 7.74 23.03 -7.73
N ALA B 330 6.96 22.83 -6.67
CA ALA B 330 7.47 22.99 -5.32
C ALA B 330 6.95 21.89 -4.40
N TRP B 331 7.83 21.40 -3.54
CA TRP B 331 7.52 20.38 -2.55
C TRP B 331 7.04 21.01 -1.24
N TYR B 332 6.36 20.20 -0.44
CA TYR B 332 6.00 20.61 0.92
C TYR B 332 5.58 19.38 1.71
N ASP B 333 6.00 19.34 2.98
CA ASP B 333 5.49 18.36 3.94
C ASP B 333 4.18 18.92 4.48
N ASN B 334 3.06 18.40 3.97
CA ASN B 334 1.76 18.96 4.30
C ASN B 334 1.42 18.80 5.77
N GLU B 335 2.03 17.84 6.47
CA GLU B 335 1.80 17.67 7.90
C GLU B 335 2.77 18.53 8.73
N TRP B 336 4.07 18.31 8.54
CA TRP B 336 5.06 18.94 9.39
C TRP B 336 5.30 20.40 9.01
N GLY B 337 5.47 20.67 7.72
CA GLY B 337 5.72 22.03 7.28
C GLY B 337 4.57 22.96 7.59
N TYR B 338 3.34 22.48 7.46
CA TYR B 338 2.18 23.29 7.79
C TYR B 338 2.08 23.52 9.30
N SER B 339 2.34 22.48 10.09
CA SER B 339 2.29 22.63 11.54
C SER B 339 3.37 23.58 12.04
N GLN B 340 4.53 23.60 11.39
CA GLN B 340 5.54 24.60 11.73
C GLN B 340 5.01 26.00 11.51
N ARG B 341 4.27 26.21 10.40
CA ARG B 341 3.70 27.52 10.14
C ARG B 341 2.57 27.86 11.10
N VAL B 342 1.80 26.86 11.53
CA VAL B 342 0.81 27.07 12.58
C VAL B 342 1.49 27.58 13.84
N LEU B 343 2.61 26.95 14.22
CA LEU B 343 3.39 27.41 15.35
C LEU B 343 3.89 28.84 15.14
N ASP B 344 4.36 29.14 13.92
CA ASP B 344 4.85 30.48 13.62
C ASP B 344 3.75 31.52 13.78
N LEU B 345 2.56 31.23 13.24
CA LEU B 345 1.44 32.16 13.38
C LEU B 345 1.04 32.33 14.84
N ALA B 346 1.07 31.24 15.61
CA ALA B 346 0.73 31.33 17.03
C ALA B 346 1.78 32.13 17.79
N GLU B 347 3.06 31.96 17.45
CA GLU B 347 4.10 32.77 18.06
C GLU B 347 3.91 34.25 17.71
N HIS B 348 3.50 34.53 16.48
CA HIS B 348 3.29 35.91 16.05
C HIS B 348 2.11 36.54 16.79
N MET B 349 1.03 35.78 16.96
CA MET B 349 -0.12 36.30 17.71
C MET B 349 0.24 36.55 19.16
N ALA B 350 1.16 35.76 19.72
CA ALA B 350 1.61 36.00 21.09
C ALA B 350 2.46 37.26 21.18
N ALA B 351 3.28 37.52 20.17
CA ALA B 351 4.12 38.72 20.19
C ALA B 351 3.29 39.99 20.00
N HIS B 352 2.14 39.87 19.33
CA HIS B 352 1.26 41.02 19.12
C HIS B 352 -0.08 40.80 19.82
N TRP B 353 -0.03 40.48 21.12
CA TRP B 353 -1.22 40.19 21.90
C TRP B 353 -1.80 41.48 22.47
N ALA B 354 -3.13 41.57 22.49
CA ALA B 354 -3.82 42.70 23.06
C ALA B 354 -5.26 42.34 23.38
N THR C 57 16.75 -24.23 -20.98
CA THR C 57 16.22 -23.22 -21.90
C THR C 57 17.23 -22.11 -22.15
N SER C 58 16.94 -21.26 -23.14
CA SER C 58 17.72 -20.05 -23.31
C SER C 58 17.45 -19.06 -22.17
N PHE C 59 16.26 -19.12 -21.58
CA PHE C 59 15.95 -18.29 -20.43
C PHE C 59 16.75 -18.72 -19.20
N GLN C 60 16.96 -20.03 -19.03
CA GLN C 60 17.73 -20.52 -17.89
C GLN C 60 19.20 -20.18 -18.03
N GLN C 61 19.74 -20.23 -19.25
CA GLN C 61 21.13 -19.85 -19.46
C GLN C 61 21.33 -18.35 -19.34
N TYR C 62 20.29 -17.56 -19.63
CA TYR C 62 20.39 -16.12 -19.42
C TYR C 62 20.64 -15.79 -17.96
N CYS C 63 19.96 -16.49 -17.06
CA CYS C 63 20.16 -16.29 -15.63
C CYS C 63 21.46 -16.90 -15.13
N ASP C 64 22.08 -17.79 -15.91
CA ASP C 64 23.42 -18.25 -15.60
C ASP C 64 24.46 -17.19 -15.94
N ASP C 65 24.25 -16.50 -17.06
CA ASP C 65 25.17 -15.44 -17.48
C ASP C 65 24.90 -14.12 -16.78
N ASN C 66 23.70 -13.92 -16.25
CA ASN C 66 23.32 -12.69 -15.56
C ASN C 66 22.56 -13.03 -14.29
N PRO C 67 23.25 -13.54 -13.27
CA PRO C 67 22.55 -13.90 -12.02
C PRO C 67 22.05 -12.70 -11.25
N ASP C 68 22.59 -11.51 -11.48
CA ASP C 68 22.16 -10.30 -10.79
C ASP C 68 21.06 -9.55 -11.51
N ALA C 69 20.65 -10.01 -12.70
CA ALA C 69 19.59 -9.33 -13.44
C ALA C 69 18.26 -9.48 -12.73
N ALA C 70 17.33 -8.57 -13.06
CA ALA C 70 16.06 -8.51 -12.35
C ALA C 70 15.23 -9.77 -12.54
N GLU C 71 15.41 -10.47 -13.66
CA GLU C 71 14.68 -11.70 -13.93
C GLU C 71 15.27 -12.91 -13.23
N CYS C 72 16.34 -12.74 -12.45
CA CYS C 72 17.12 -13.87 -11.97
C CYS C 72 17.43 -13.84 -10.48
N ARG C 73 17.02 -12.79 -9.76
CA ARG C 73 17.37 -12.65 -8.36
C ARG C 73 16.45 -13.50 -7.49
N ILE C 74 17.05 -14.25 -6.56
CA ILE C 74 16.30 -15.00 -5.55
C ILE C 74 16.98 -14.69 -4.21
N TYR C 75 16.35 -13.82 -3.42
CA TYR C 75 16.83 -13.53 -2.07
C TYR C 75 16.10 -14.43 -1.10
N ASP C 76 16.83 -15.34 -0.46
CA ASP C 76 16.24 -16.26 0.51
C ASP C 76 16.16 -15.55 1.85
N ASP C 77 15.03 -14.92 2.12
CA ASP C 77 14.83 -14.18 3.35
C ASP C 77 13.64 -14.74 4.11
N MET D 3 -11.56 -10.24 34.65
CA MET D 3 -12.54 -11.29 34.92
C MET D 3 -12.10 -12.64 34.39
N SER D 4 -10.81 -12.84 34.23
CA SER D 4 -10.33 -14.13 33.74
C SER D 4 -10.54 -15.22 34.78
N ASN D 5 -10.53 -14.87 36.07
CA ASN D 5 -10.78 -15.84 37.12
C ASN D 5 -12.25 -15.91 37.51
N LEU D 6 -12.97 -14.80 37.44
CA LEU D 6 -14.39 -14.81 37.81
C LEU D 6 -15.26 -15.40 36.70
N GLU D 7 -14.87 -15.22 35.44
CA GLU D 7 -15.60 -15.85 34.35
C GLU D 7 -15.36 -17.36 34.31
N LYS D 8 -14.17 -17.80 34.71
CA LYS D 8 -13.88 -19.23 34.76
C LYS D 8 -14.49 -19.89 35.98
N GLN D 9 -14.67 -19.15 37.08
CA GLN D 9 -15.29 -19.71 38.26
C GLN D 9 -16.82 -19.74 38.16
N ILE D 10 -17.40 -18.79 37.43
CA ILE D 10 -18.83 -18.87 37.14
C ILE D 10 -19.14 -20.05 36.23
N GLU D 11 -18.24 -20.32 35.29
CA GLU D 11 -18.42 -21.46 34.39
C GLU D 11 -18.30 -22.79 35.14
N GLN D 12 -17.38 -22.87 36.09
CA GLN D 12 -17.22 -24.11 36.86
C GLN D 12 -18.27 -24.24 37.96
N ALA D 13 -18.75 -23.11 38.50
CA ALA D 13 -19.84 -23.17 39.47
C ALA D 13 -21.16 -23.58 38.83
N ARG D 14 -21.33 -23.32 37.54
CA ARG D 14 -22.50 -23.82 36.83
C ARG D 14 -22.34 -25.30 36.49
N GLU D 15 -21.13 -25.71 36.10
CA GLU D 15 -20.86 -27.13 35.90
C GLU D 15 -21.01 -27.89 37.21
N GLU D 16 -20.51 -27.32 38.31
CA GLU D 16 -20.70 -27.95 39.62
C GLU D 16 -22.18 -27.95 40.02
N ALA D 17 -22.95 -26.97 39.54
CA ALA D 17 -24.38 -26.98 39.81
C ALA D 17 -25.08 -28.10 39.04
N HIS D 18 -24.74 -28.27 37.76
CA HIS D 18 -25.35 -29.32 36.96
C HIS D 18 -24.89 -30.70 37.43
N LYS D 19 -23.65 -30.82 37.89
CA LYS D 19 -23.12 -32.12 38.30
C LYS D 19 -23.80 -32.64 39.56
N ILE D 20 -24.01 -31.77 40.56
CA ILE D 20 -24.60 -32.21 41.80
C ILE D 20 -26.08 -32.54 41.63
N CYS D 21 -26.78 -31.82 40.75
CA CYS D 21 -28.21 -32.05 40.57
C CYS D 21 -28.48 -33.27 39.71
N ASP D 22 -27.73 -33.44 38.62
CA ASP D 22 -27.92 -34.58 37.71
C ASP D 22 -27.67 -35.91 38.42
N GLY D 29 -31.70 -29.41 48.61
CA GLY D 29 -30.51 -29.93 49.26
C GLY D 29 -29.22 -29.40 48.67
N GLN D 30 -28.29 -30.31 48.38
CA GLN D 30 -27.02 -29.90 47.78
C GLN D 30 -27.22 -29.29 46.40
N CYS D 31 -28.29 -29.67 45.72
CA CYS D 31 -28.62 -29.05 44.43
C CYS D 31 -29.09 -27.62 44.60
N ALA D 32 -29.72 -27.30 45.74
CA ALA D 32 -30.19 -25.94 45.96
C ALA D 32 -29.05 -25.00 46.32
N ALA D 33 -28.11 -25.47 47.14
CA ALA D 33 -26.97 -24.64 47.52
C ALA D 33 -25.99 -24.45 46.37
N ALA D 34 -25.97 -25.36 45.40
CA ALA D 34 -25.09 -25.20 44.25
C ALA D 34 -25.60 -24.13 43.30
N TRP D 35 -26.92 -24.00 43.16
CA TRP D 35 -27.49 -22.93 42.35
C TRP D 35 -27.42 -21.60 43.07
N ASP D 36 -27.58 -21.59 44.40
CA ASP D 36 -27.47 -20.35 45.16
C ASP D 36 -26.03 -19.86 45.21
N ALA D 37 -25.05 -20.77 45.22
CA ALA D 37 -23.65 -20.36 45.18
C ALA D 37 -23.28 -19.79 43.82
N LEU D 38 -23.94 -20.26 42.76
CA LEU D 38 -23.66 -19.73 41.43
C LEU D 38 -24.21 -18.31 41.27
N GLU D 39 -25.40 -18.06 41.79
CA GLU D 39 -26.02 -16.74 41.67
C GLU D 39 -25.27 -15.68 42.45
N GLU D 40 -24.48 -16.06 43.46
CA GLU D 40 -23.70 -15.10 44.22
C GLU D 40 -22.47 -14.61 43.46
N LEU D 41 -21.97 -15.42 42.51
CA LEU D 41 -20.91 -14.95 41.63
C LEU D 41 -21.45 -14.19 40.43
N GLN D 42 -22.71 -14.42 40.05
CA GLN D 42 -23.33 -13.63 39.00
C GLN D 42 -23.80 -12.28 39.51
N ALA D 43 -24.10 -12.18 40.80
CA ALA D 43 -24.46 -10.89 41.39
C ALA D 43 -23.23 -10.00 41.59
N GLU D 44 -22.07 -10.62 41.84
CA GLU D 44 -20.83 -9.86 41.96
C GLU D 44 -20.26 -9.49 40.60
N ALA D 45 -20.41 -10.37 39.60
CA ALA D 45 -20.01 -10.04 38.25
C ALA D 45 -20.82 -8.87 37.70
N ALA D 46 -22.08 -8.75 38.12
CA ALA D 46 -22.84 -7.55 37.80
C ALA D 46 -22.32 -6.33 38.55
N HIS D 47 -21.71 -6.56 39.73
CA HIS D 47 -21.12 -5.47 40.48
C HIS D 47 -19.81 -5.02 39.86
N GLN D 48 -19.06 -5.95 39.27
CA GLN D 48 -17.79 -5.56 38.66
C GLN D 48 -17.99 -4.84 37.34
N ARG D 49 -18.97 -5.28 36.54
CA ARG D 49 -19.26 -4.58 35.29
C ARG D 49 -19.97 -3.25 35.52
N ALA D 50 -20.71 -3.11 36.63
CA ALA D 50 -21.35 -1.84 36.93
C ALA D 50 -20.33 -0.80 37.37
N GLU D 51 -19.33 -1.21 38.15
CA GLU D 51 -18.29 -0.28 38.56
C GLU D 51 -17.37 0.07 37.39
N GLN D 52 -17.17 -0.87 36.45
CA GLN D 52 -16.44 -0.55 35.23
C GLN D 52 -17.19 0.47 34.39
N GLN D 53 -18.52 0.47 34.46
CA GLN D 53 -19.31 1.45 33.70
C GLN D 53 -19.20 2.84 34.31
N ASP D 54 -18.90 2.93 35.62
CA ASP D 54 -18.79 4.23 36.25
C ASP D 54 -17.49 4.93 35.85
N HIS D 55 -16.37 4.20 35.85
CA HIS D 55 -15.07 4.78 35.55
C HIS D 55 -14.70 4.64 34.08
N LYS D 56 -15.68 4.40 33.20
CA LYS D 56 -15.43 4.40 31.77
C LYS D 56 -14.97 5.78 31.32
N THR D 57 -14.00 5.80 30.40
CA THR D 57 -13.56 7.06 29.83
C THR D 57 -14.66 7.68 28.98
N SER D 58 -14.56 8.99 28.78
CA SER D 58 -15.46 9.65 27.84
C SER D 58 -15.30 9.06 26.44
N PHE D 59 -14.08 8.67 26.10
CA PHE D 59 -13.83 7.98 24.83
C PHE D 59 -14.58 6.65 24.77
N GLN D 60 -14.58 5.90 25.88
CA GLN D 60 -15.28 4.62 25.89
C GLN D 60 -16.79 4.80 25.81
N GLN D 61 -17.32 5.82 26.49
CA GLN D 61 -18.74 6.13 26.34
C GLN D 61 -19.06 6.59 24.93
N TYR D 62 -18.13 7.29 24.29
CA TYR D 62 -18.33 7.72 22.91
C TYR D 62 -18.47 6.52 21.97
N CYS D 63 -17.69 5.48 22.20
CA CYS D 63 -17.76 4.29 21.34
C CYS D 63 -18.98 3.44 21.63
N ASP D 64 -19.49 3.49 22.87
CA ASP D 64 -20.78 2.85 23.15
C ASP D 64 -21.90 3.56 22.40
N ASP D 65 -21.84 4.89 22.31
CA ASP D 65 -22.89 5.66 21.66
C ASP D 65 -22.71 5.74 20.15
N ASN D 66 -21.49 5.53 19.64
CA ASN D 66 -21.21 5.56 18.21
C ASN D 66 -20.37 4.35 17.81
N PRO D 67 -20.94 3.14 17.93
CA PRO D 67 -20.14 1.94 17.62
C PRO D 67 -19.70 1.85 16.18
N ASP D 68 -20.29 2.62 15.28
CA ASP D 68 -19.93 2.61 13.88
C ASP D 68 -18.93 3.70 13.50
N ALA D 69 -18.61 4.60 14.43
CA ALA D 69 -17.64 5.65 14.13
C ALA D 69 -16.27 5.04 13.84
N ALA D 70 -15.43 5.84 13.17
CA ALA D 70 -14.14 5.34 12.71
C ALA D 70 -13.24 4.93 13.88
N GLU D 71 -13.38 5.59 15.03
CA GLU D 71 -12.55 5.31 16.19
C GLU D 71 -13.03 4.09 16.98
N CYS D 72 -14.11 3.43 16.56
CA CYS D 72 -14.74 2.40 17.37
C CYS D 72 -14.97 1.08 16.65
N ARG D 73 -14.70 0.98 15.35
CA ARG D 73 -14.99 -0.26 14.63
C ARG D 73 -14.03 -1.36 15.03
N ILE D 74 -14.57 -2.55 15.28
CA ILE D 74 -13.79 -3.74 15.58
C ILE D 74 -14.31 -4.85 14.67
N TYR D 75 -13.59 -5.13 13.59
CA TYR D 75 -13.95 -6.19 12.66
C TYR D 75 -13.10 -7.41 12.97
N ASP D 76 -13.75 -8.53 13.31
CA ASP D 76 -13.05 -9.76 13.69
C ASP D 76 -12.56 -10.47 12.43
N ASP D 77 -11.53 -9.89 11.84
CA ASP D 77 -10.91 -10.46 10.64
C ASP D 77 -10.26 -11.79 10.96
N SER E 17 -4.52 -11.75 -48.18
CA SER E 17 -4.26 -12.66 -47.06
C SER E 17 -3.79 -11.89 -45.83
N MET E 18 -3.40 -12.62 -44.79
CA MET E 18 -3.07 -12.02 -43.51
C MET E 18 -1.64 -11.49 -43.50
N VAL E 19 -1.40 -10.53 -42.60
CA VAL E 19 -0.06 -10.02 -42.31
C VAL E 19 0.44 -10.74 -41.07
N ARG E 20 1.58 -11.43 -41.20
CA ARG E 20 2.10 -12.26 -40.12
C ARG E 20 2.97 -11.41 -39.19
N VAL E 21 2.73 -11.55 -37.89
CA VAL E 21 3.30 -10.65 -36.89
C VAL E 21 4.14 -11.45 -35.91
N ALA E 22 5.26 -10.87 -35.50
CA ALA E 22 6.06 -11.37 -34.40
C ALA E 22 6.20 -10.27 -33.36
N ILE E 23 6.15 -10.66 -32.08
CA ILE E 23 6.29 -9.73 -30.96
C ILE E 23 7.71 -9.87 -30.42
N ASN E 24 8.46 -8.78 -30.41
CA ASN E 24 9.80 -8.74 -29.83
C ASN E 24 9.69 -8.04 -28.47
N GLY E 25 9.79 -8.84 -27.40
CA GLY E 25 9.63 -8.30 -26.05
C GLY E 25 8.24 -8.56 -25.51
N PHE E 26 8.10 -9.62 -24.71
CA PHE E 26 6.82 -10.04 -24.15
C PHE E 26 6.59 -9.46 -22.77
N GLY E 27 6.79 -8.15 -22.62
CA GLY E 27 6.59 -7.46 -21.36
C GLY E 27 5.18 -6.95 -21.20
N ARG E 28 5.03 -5.85 -20.44
CA ARG E 28 3.72 -5.29 -20.18
C ARG E 28 3.01 -4.92 -21.47
N ILE E 29 3.70 -4.19 -22.36
CA ILE E 29 3.08 -3.77 -23.61
C ILE E 29 2.94 -4.95 -24.56
N GLY E 30 3.97 -5.79 -24.63
CA GLY E 30 3.90 -6.96 -25.50
C GLY E 30 2.76 -7.90 -25.15
N ARG E 31 2.52 -8.09 -23.85
CA ARG E 31 1.45 -9.00 -23.42
C ARG E 31 0.08 -8.32 -23.50
N ASN E 32 0.01 -7.03 -23.18
CA ASN E 32 -1.24 -6.30 -23.37
C ASN E 32 -1.66 -6.29 -24.84
N PHE E 33 -0.68 -6.08 -25.73
CA PHE E 33 -0.95 -6.14 -27.16
C PHE E 33 -1.49 -7.51 -27.56
N MET E 34 -0.88 -8.58 -27.03
CA MET E 34 -1.34 -9.93 -27.34
C MET E 34 -2.79 -10.14 -26.92
N ARG E 35 -3.16 -9.63 -25.74
CA ARG E 35 -4.54 -9.75 -25.28
C ARG E 35 -5.48 -8.91 -26.15
N CYS E 36 -5.05 -7.70 -26.53
CA CYS E 36 -5.86 -6.87 -27.40
C CYS E 36 -6.16 -7.58 -28.72
N TRP E 37 -5.14 -8.22 -29.30
CA TRP E 37 -5.33 -8.91 -30.57
C TRP E 37 -6.18 -10.18 -30.39
N LEU E 38 -6.02 -10.86 -29.27
CA LEU E 38 -6.80 -12.07 -29.02
C LEU E 38 -8.29 -11.75 -28.91
N GLN E 39 -8.64 -10.58 -28.39
CA GLN E 39 -10.04 -10.18 -28.28
C GLN E 39 -10.57 -9.64 -29.61
N ARG E 40 -9.72 -9.02 -30.42
CA ARG E 40 -10.13 -8.38 -31.66
C ARG E 40 -9.75 -9.19 -32.90
N LYS E 41 -9.42 -10.47 -32.71
CA LYS E 41 -8.89 -11.28 -33.80
C LYS E 41 -9.95 -11.56 -34.87
N ALA E 42 -11.23 -11.62 -34.49
CA ALA E 42 -12.27 -12.01 -35.44
C ALA E 42 -12.34 -11.08 -36.64
N ASN E 43 -12.00 -9.80 -36.45
CA ASN E 43 -12.02 -8.81 -37.52
C ASN E 43 -10.63 -8.22 -37.74
N SER E 44 -9.61 -9.07 -37.72
CA SER E 44 -8.23 -8.64 -37.82
C SER E 44 -7.61 -9.07 -39.15
N LYS E 45 -6.68 -8.26 -39.64
CA LYS E 45 -5.86 -8.62 -40.79
C LYS E 45 -4.47 -9.09 -40.38
N LEU E 46 -4.19 -9.19 -39.09
CA LEU E 46 -2.89 -9.63 -38.60
C LEU E 46 -3.03 -10.99 -37.93
N GLU E 47 -1.94 -11.76 -37.95
CA GLU E 47 -1.86 -13.07 -37.33
C GLU E 47 -0.55 -13.14 -36.55
N ILE E 48 -0.64 -13.13 -35.23
CA ILE E 48 0.53 -13.23 -34.38
C ILE E 48 1.03 -14.67 -34.41
N VAL E 49 2.22 -14.88 -34.97
CA VAL E 49 2.76 -16.20 -35.18
C VAL E 49 4.00 -16.50 -34.33
N GLY E 50 4.73 -15.48 -33.88
CA GLY E 50 5.97 -15.71 -33.18
C GLY E 50 6.19 -14.72 -32.06
N ILE E 51 6.96 -15.15 -31.05
CA ILE E 51 7.34 -14.31 -29.92
C ILE E 51 8.81 -14.53 -29.63
N ASN E 52 9.57 -13.45 -29.56
CA ASN E 52 10.93 -13.46 -29.02
C ASN E 52 10.94 -12.72 -27.70
N ASP E 53 11.55 -13.31 -26.68
CA ASP E 53 11.56 -12.71 -25.36
C ASP E 53 12.66 -13.35 -24.53
N THR E 54 13.01 -12.66 -23.44
CA THR E 54 13.95 -13.21 -22.47
C THR E 54 13.47 -14.56 -21.93
N SER E 55 12.16 -14.68 -21.68
CA SER E 55 11.63 -15.84 -21.00
C SER E 55 11.34 -16.99 -21.96
N ASP E 56 11.17 -18.17 -21.38
CA ASP E 56 10.74 -19.35 -22.09
C ASP E 56 9.23 -19.30 -22.32
N PRO E 57 8.72 -20.06 -23.30
CA PRO E 57 7.27 -20.01 -23.58
C PRO E 57 6.39 -20.38 -22.40
N ARG E 58 6.85 -21.26 -21.51
CA ARG E 58 6.02 -21.63 -20.36
C ARG E 58 5.85 -20.48 -19.39
N THR E 59 6.95 -19.79 -19.05
CA THR E 59 6.85 -18.63 -18.19
C THR E 59 5.98 -17.54 -18.81
N ASN E 60 6.07 -17.38 -20.13
CA ASN E 60 5.32 -16.33 -20.81
C ASN E 60 3.85 -16.68 -20.94
N ALA E 61 3.50 -17.96 -21.07
CA ALA E 61 2.09 -18.34 -21.09
C ALA E 61 1.44 -18.11 -19.74
N HIS E 62 2.17 -18.41 -18.66
CA HIS E 62 1.66 -18.15 -17.32
C HIS E 62 1.43 -16.66 -17.10
N LEU E 63 2.39 -15.83 -17.50
CA LEU E 63 2.25 -14.39 -17.32
C LEU E 63 1.18 -13.81 -18.25
N LEU E 64 1.00 -14.40 -19.43
CA LEU E 64 -0.06 -13.95 -20.32
C LEU E 64 -1.43 -14.21 -19.72
N LYS E 65 -1.59 -15.35 -19.03
CA LYS E 65 -2.88 -15.72 -18.48
C LYS E 65 -3.15 -15.01 -17.16
N TYR E 66 -2.17 -14.98 -16.26
CA TYR E 66 -2.34 -14.40 -14.93
C TYR E 66 -1.66 -13.04 -14.90
N ASP E 67 -2.46 -11.99 -14.74
CA ASP E 67 -2.01 -10.61 -14.81
C ASP E 67 -2.51 -9.86 -13.59
N SER E 68 -1.59 -9.26 -12.83
CA SER E 68 -1.97 -8.55 -11.62
C SER E 68 -2.89 -7.37 -11.92
N MET E 69 -2.83 -6.83 -13.14
CA MET E 69 -3.63 -5.68 -13.53
C MET E 69 -4.88 -6.06 -14.31
N LEU E 70 -4.76 -6.93 -15.31
CA LEU E 70 -5.86 -7.28 -16.18
C LEU E 70 -6.63 -8.52 -15.72
N GLY E 71 -6.21 -9.16 -14.64
CA GLY E 71 -6.88 -10.35 -14.16
C GLY E 71 -6.62 -11.54 -15.07
N ILE E 72 -7.22 -12.67 -14.68
CA ILE E 72 -7.08 -13.90 -15.46
C ILE E 72 -7.72 -13.70 -16.83
N PHE E 73 -7.00 -14.10 -17.88
CA PHE E 73 -7.52 -13.95 -19.23
C PHE E 73 -8.71 -14.88 -19.44
N GLN E 74 -9.80 -14.33 -19.96
CA GLN E 74 -11.08 -15.02 -20.02
C GLN E 74 -11.42 -15.57 -21.40
N ASP E 75 -11.01 -14.87 -22.46
CA ASP E 75 -11.59 -15.14 -23.78
C ASP E 75 -11.10 -16.44 -24.39
N ALA E 76 -9.84 -16.83 -24.13
CA ALA E 76 -9.26 -17.98 -24.81
C ALA E 76 -8.50 -18.84 -23.81
N GLU E 77 -8.36 -20.12 -24.17
CA GLU E 77 -7.47 -21.01 -23.44
C GLU E 77 -6.03 -20.69 -23.77
N ILE E 78 -5.15 -20.78 -22.78
CA ILE E 78 -3.75 -20.42 -22.93
C ILE E 78 -2.91 -21.50 -22.26
N THR E 79 -2.17 -22.27 -23.05
CA THR E 79 -1.24 -23.28 -22.58
C THR E 79 0.10 -23.09 -23.29
N ALA E 80 1.05 -23.98 -23.00
CA ALA E 80 2.36 -23.90 -23.61
C ALA E 80 3.09 -25.22 -23.43
N ASP E 81 4.10 -25.42 -24.28
CA ASP E 81 5.11 -26.44 -24.06
C ASP E 81 6.49 -25.79 -24.09
N ASP E 82 7.52 -26.55 -24.46
CA ASP E 82 8.86 -25.98 -24.54
C ASP E 82 9.08 -25.15 -25.79
N ASP E 83 8.18 -25.21 -26.76
CA ASP E 83 8.38 -24.56 -28.05
C ASP E 83 7.38 -23.47 -28.37
N CYS E 84 6.13 -23.57 -27.89
CA CYS E 84 5.08 -22.67 -28.34
C CYS E 84 4.21 -22.25 -27.18
N ILE E 85 3.52 -21.12 -27.36
CA ILE E 85 2.37 -20.74 -26.55
C ILE E 85 1.14 -20.97 -27.40
N TYR E 86 0.13 -21.62 -26.82
CA TYR E 86 -1.11 -21.93 -27.53
C TYR E 86 -2.21 -21.03 -26.99
N ALA E 87 -2.62 -20.06 -27.80
CA ALA E 87 -3.71 -19.14 -27.46
C ALA E 87 -4.94 -19.58 -28.25
N GLY E 88 -5.72 -20.47 -27.65
CA GLY E 88 -6.89 -21.00 -28.31
C GLY E 88 -6.55 -21.89 -29.49
N GLY E 89 -5.73 -22.91 -29.24
CA GLY E 89 -5.34 -23.85 -30.28
C GLY E 89 -4.36 -23.30 -31.29
N HIS E 90 -4.24 -21.98 -31.35
CA HIS E 90 -3.34 -21.32 -32.30
C HIS E 90 -1.93 -21.33 -31.74
N ALA E 91 -1.03 -22.04 -32.41
CA ALA E 91 0.34 -22.20 -31.93
C ALA E 91 1.15 -20.94 -32.26
N VAL E 92 1.72 -20.33 -31.22
CA VAL E 92 2.59 -19.17 -31.37
C VAL E 92 4.01 -19.63 -31.08
N LYS E 93 4.85 -19.66 -32.11
CA LYS E 93 6.22 -20.10 -31.94
C LYS E 93 6.99 -19.14 -31.05
N CYS E 94 7.86 -19.68 -30.21
CA CYS E 94 8.61 -18.89 -29.25
C CYS E 94 10.11 -19.11 -29.44
N VAL E 95 10.87 -18.02 -29.30
CA VAL E 95 12.32 -18.04 -29.36
C VAL E 95 12.82 -17.06 -28.31
N SER E 96 14.08 -17.25 -27.89
CA SER E 96 14.66 -16.44 -26.81
C SER E 96 16.08 -16.02 -27.20
N ASP E 97 16.19 -15.07 -28.12
CA ASP E 97 17.46 -14.51 -28.55
C ASP E 97 17.39 -13.00 -28.41
N ARG E 98 18.30 -12.43 -27.62
CA ARG E 98 18.31 -11.00 -27.34
C ARG E 98 19.07 -10.21 -28.39
N ASN E 99 19.60 -10.86 -29.43
CA ASN E 99 20.17 -10.18 -30.58
C ASN E 99 19.23 -10.35 -31.75
N PRO E 100 18.47 -9.31 -32.14
CA PRO E 100 17.45 -9.49 -33.18
C PRO E 100 18.01 -9.83 -34.55
N GLU E 101 19.31 -9.62 -34.79
CA GLU E 101 19.89 -10.03 -36.06
C GLU E 101 19.83 -11.54 -36.24
N ASN E 102 19.78 -12.30 -35.14
CA ASN E 102 19.73 -13.76 -35.18
C ASN E 102 18.31 -14.30 -35.18
N LEU E 103 17.30 -13.45 -35.09
CA LEU E 103 15.93 -13.93 -34.97
C LEU E 103 15.47 -14.57 -36.27
N PRO E 104 14.68 -15.68 -36.20
CA PRO E 104 14.28 -16.46 -37.38
C PRO E 104 13.11 -15.86 -38.15
N TRP E 105 13.16 -14.55 -38.38
CA TRP E 105 12.06 -13.88 -39.06
C TRP E 105 11.93 -14.35 -40.51
N SER E 106 13.04 -14.68 -41.15
CA SER E 106 12.96 -15.19 -42.52
C SER E 106 12.27 -16.54 -42.57
N ALA E 107 12.63 -17.44 -41.65
CA ALA E 107 12.06 -18.78 -41.66
C ALA E 107 10.58 -18.76 -41.28
N TRP E 108 10.22 -17.91 -40.32
CA TRP E 108 8.83 -17.84 -39.86
C TRP E 108 7.94 -17.01 -40.79
N GLY E 109 8.50 -16.42 -41.85
CA GLY E 109 7.70 -15.61 -42.76
C GLY E 109 7.13 -14.36 -42.11
N ILE E 110 7.92 -13.67 -41.31
CA ILE E 110 7.44 -12.52 -40.56
C ILE E 110 7.36 -11.31 -41.49
N ASP E 111 6.22 -10.63 -41.45
CA ASP E 111 6.04 -9.37 -42.16
C ASP E 111 6.23 -8.14 -41.27
N LEU E 112 5.68 -8.18 -40.05
CA LEU E 112 5.67 -7.03 -39.16
C LEU E 112 6.15 -7.45 -37.78
N VAL E 113 7.07 -6.66 -37.22
CA VAL E 113 7.61 -6.89 -35.89
C VAL E 113 7.08 -5.81 -34.96
N ILE E 114 6.48 -6.23 -33.84
CA ILE E 114 6.08 -5.31 -32.78
C ILE E 114 7.27 -5.19 -31.83
N GLU E 115 8.04 -4.11 -31.99
CA GLU E 115 9.26 -3.91 -31.21
C GLU E 115 8.89 -3.32 -29.86
N ALA E 116 8.78 -4.17 -28.84
CA ALA E 116 8.31 -3.77 -27.52
C ALA E 116 9.32 -4.07 -26.42
N THR E 117 10.59 -4.25 -26.78
CA THR E 117 11.62 -4.44 -25.74
C THR E 117 11.99 -3.13 -25.08
N GLY E 118 11.85 -2.01 -25.79
CA GLY E 118 12.26 -0.72 -25.29
C GLY E 118 13.71 -0.36 -25.53
N VAL E 119 14.47 -1.22 -26.24
CA VAL E 119 15.89 -1.00 -26.45
C VAL E 119 16.28 -1.01 -27.92
N PHE E 120 15.32 -1.14 -28.84
CA PHE E 120 15.64 -1.07 -30.26
C PHE E 120 14.79 0.00 -30.93
N THR E 121 14.88 1.22 -30.41
CA THR E 121 14.06 2.34 -30.85
C THR E 121 14.75 3.24 -31.84
N SER E 122 16.06 3.08 -32.05
CA SER E 122 16.73 3.78 -33.13
C SER E 122 16.57 2.99 -34.43
N ARG E 123 16.86 3.66 -35.55
CA ARG E 123 16.78 2.96 -36.83
C ARG E 123 17.83 1.86 -36.92
N GLU E 124 19.04 2.13 -36.42
CA GLU E 124 20.07 1.09 -36.40
C GLU E 124 19.63 -0.10 -35.57
N GLY E 125 18.96 0.15 -34.44
CA GLY E 125 18.50 -0.95 -33.61
C GLY E 125 17.32 -1.68 -34.23
N ALA E 126 16.33 -0.94 -34.70
CA ALA E 126 15.14 -1.56 -35.26
C ALA E 126 15.42 -2.26 -36.58
N SER E 127 16.40 -1.77 -37.34
CA SER E 127 16.73 -2.40 -38.62
C SER E 127 17.31 -3.79 -38.46
N LYS E 128 17.75 -4.15 -37.25
CA LYS E 128 18.23 -5.51 -37.02
C LYS E 128 17.15 -6.54 -37.32
N HIS E 129 15.87 -6.18 -37.10
CA HIS E 129 14.78 -7.05 -37.49
C HIS E 129 14.69 -7.18 -39.01
N LEU E 130 14.96 -6.09 -39.73
CA LEU E 130 14.92 -6.14 -41.18
C LEU E 130 16.02 -7.04 -41.74
N SER E 131 17.20 -7.03 -41.10
CA SER E 131 18.26 -7.95 -41.49
C SER E 131 17.86 -9.39 -41.21
N ALA E 132 17.09 -9.61 -40.13
CA ALA E 132 16.66 -10.95 -39.79
C ALA E 132 15.63 -11.50 -40.77
N GLY E 133 14.96 -10.64 -41.53
CA GLY E 133 14.01 -11.11 -42.52
C GLY E 133 12.67 -10.38 -42.48
N ALA E 134 12.43 -9.64 -41.41
CA ALA E 134 11.19 -8.88 -41.30
C ALA E 134 11.14 -7.79 -42.37
N LYS E 135 9.91 -7.38 -42.69
CA LYS E 135 9.70 -6.35 -43.69
C LYS E 135 9.43 -4.97 -43.10
N LYS E 136 8.74 -4.90 -41.96
CA LYS E 136 8.47 -3.64 -41.30
C LYS E 136 8.58 -3.82 -39.79
N VAL E 137 8.83 -2.71 -39.10
CA VAL E 137 8.94 -2.70 -37.63
C VAL E 137 8.07 -1.58 -37.09
N LEU E 138 7.26 -1.90 -36.08
CA LEU E 138 6.45 -0.93 -35.36
C LEU E 138 7.02 -0.80 -33.95
N ILE E 139 7.63 0.33 -33.65
CA ILE E 139 8.21 0.55 -32.34
C ILE E 139 7.11 1.03 -31.40
N THR E 140 6.91 0.30 -30.30
CA THR E 140 5.90 0.68 -29.31
C THR E 140 6.47 1.69 -28.32
N ALA E 141 7.17 2.69 -28.82
CA ALA E 141 7.84 3.70 -28.01
C ALA E 141 8.27 4.84 -28.92
N PRO E 142 8.70 5.98 -28.37
CA PRO E 142 9.31 7.01 -29.22
C PRO E 142 10.53 6.46 -29.94
N GLY E 143 10.65 6.79 -31.22
CA GLY E 143 11.83 6.43 -31.96
C GLY E 143 12.95 7.43 -31.75
N LYS E 144 14.18 6.92 -31.73
CA LYS E 144 15.35 7.77 -31.60
C LYS E 144 15.89 8.06 -33.00
N GLY E 145 15.99 9.34 -33.34
CA GLY E 145 16.45 9.74 -34.66
C GLY E 145 15.32 10.09 -35.60
N ASN E 146 15.53 9.85 -36.90
CA ASN E 146 14.56 10.21 -37.93
C ASN E 146 13.67 9.01 -38.22
N ILE E 147 12.70 8.78 -37.34
CA ILE E 147 11.78 7.67 -37.45
C ILE E 147 10.36 8.22 -37.50
N PRO E 148 9.57 7.87 -38.50
CA PRO E 148 8.20 8.41 -38.60
C PRO E 148 7.36 8.03 -37.39
N THR E 149 6.83 9.05 -36.73
CA THR E 149 6.02 8.88 -35.53
C THR E 149 4.55 9.13 -35.85
N TYR E 150 3.68 8.26 -35.34
CA TYR E 150 2.26 8.32 -35.64
C TYR E 150 1.45 8.20 -34.36
N VAL E 151 0.35 8.97 -34.29
CA VAL E 151 -0.64 8.86 -33.23
C VAL E 151 -1.97 8.61 -33.92
N VAL E 152 -2.56 7.44 -33.70
CA VAL E 152 -3.81 7.09 -34.35
C VAL E 152 -4.88 8.09 -33.97
N GLY E 153 -5.61 8.59 -34.98
CA GLY E 153 -6.60 9.61 -34.78
C GLY E 153 -6.09 11.03 -34.91
N VAL E 154 -4.78 11.23 -34.96
CA VAL E 154 -4.18 12.55 -35.09
C VAL E 154 -3.50 12.72 -36.44
N ASN E 155 -2.59 11.80 -36.80
CA ASN E 155 -1.87 11.91 -38.06
C ASN E 155 -1.59 10.56 -38.71
N HIS E 156 -2.22 9.48 -38.26
CA HIS E 156 -1.90 8.16 -38.78
C HIS E 156 -2.32 8.00 -40.25
N HIS E 157 -3.26 8.79 -40.73
CA HIS E 157 -3.63 8.71 -42.14
C HIS E 157 -2.57 9.32 -43.06
N THR E 158 -1.58 10.00 -42.49
CA THR E 158 -0.41 10.42 -43.26
C THR E 158 0.65 9.33 -43.36
N TYR E 159 0.30 8.10 -43.01
CA TYR E 159 1.24 7.00 -43.05
C TYR E 159 1.64 6.69 -44.48
N ASP E 160 2.96 6.63 -44.74
CA ASP E 160 3.48 6.25 -46.04
C ASP E 160 3.68 4.74 -46.06
N PRO E 161 2.99 4.00 -46.94
CA PRO E 161 3.17 2.54 -46.97
C PRO E 161 4.58 2.09 -47.33
N SER E 162 5.45 2.99 -47.79
CA SER E 162 6.82 2.65 -48.12
C SER E 162 7.78 2.77 -46.95
N GLU E 163 7.30 3.25 -45.80
CA GLU E 163 8.13 3.30 -44.60
C GLU E 163 8.29 1.90 -44.00
N ASP E 164 9.51 1.56 -43.59
CA ASP E 164 9.79 0.25 -43.04
C ASP E 164 9.93 0.24 -41.52
N ILE E 165 10.11 1.40 -40.89
CA ILE E 165 10.22 1.50 -39.44
C ILE E 165 9.41 2.71 -38.99
N VAL E 166 8.43 2.48 -38.12
CA VAL E 166 7.57 3.55 -37.61
C VAL E 166 7.47 3.44 -36.10
N SER E 167 7.08 4.55 -35.47
CA SER E 167 6.91 4.63 -34.03
C SER E 167 5.48 5.05 -33.71
N ASN E 168 4.87 4.38 -32.74
CA ASN E 168 3.55 4.71 -32.26
C ASN E 168 3.58 5.77 -31.16
N ALA E 169 4.70 6.47 -31.01
CA ALA E 169 4.92 7.43 -29.93
C ALA E 169 4.78 6.76 -28.57
N SER E 170 4.61 7.58 -27.52
CA SER E 170 4.45 7.06 -26.18
C SER E 170 2.97 7.10 -25.77
N CYS E 171 2.68 6.50 -24.61
CA CYS E 171 1.31 6.50 -24.12
C CYS E 171 0.85 7.90 -23.76
N THR E 172 1.73 8.70 -23.16
CA THR E 172 1.37 10.06 -22.77
C THR E 172 1.10 10.92 -24.00
N THR E 173 1.94 10.78 -25.04
CA THR E 173 1.70 11.50 -26.28
C THR E 173 0.36 11.10 -26.89
N ASN E 174 -0.01 9.82 -26.78
CA ASN E 174 -1.29 9.37 -27.32
C ASN E 174 -2.47 9.92 -26.55
N CYS E 175 -2.27 10.28 -25.28
CA CYS E 175 -3.35 10.91 -24.52
C CYS E 175 -3.43 12.40 -24.80
N LEU E 176 -2.28 13.07 -24.86
CA LEU E 176 -2.25 14.52 -24.98
C LEU E 176 -2.55 14.99 -26.40
N ALA E 177 -2.01 14.31 -27.41
CA ALA E 177 -2.10 14.81 -28.78
C ALA E 177 -3.53 14.94 -29.30
N PRO E 178 -4.45 13.97 -29.09
CA PRO E 178 -5.83 14.18 -29.57
C PRO E 178 -6.52 15.35 -28.91
N ILE E 179 -6.33 15.53 -27.59
CA ILE E 179 -6.90 16.69 -26.90
C ILE E 179 -6.32 17.98 -27.47
N VAL E 180 -5.01 17.97 -27.75
CA VAL E 180 -4.35 19.17 -28.26
C VAL E 180 -4.87 19.53 -29.64
N LYS E 181 -5.03 18.52 -30.51
CA LYS E 181 -5.49 18.78 -31.86
C LYS E 181 -6.89 19.38 -31.87
N VAL E 182 -7.76 18.93 -30.96
CA VAL E 182 -9.12 19.47 -30.88
C VAL E 182 -9.09 20.90 -30.37
N LEU E 183 -8.30 21.15 -29.32
CA LEU E 183 -8.24 22.50 -28.75
C LEU E 183 -7.60 23.49 -29.71
N HIS E 184 -6.58 23.05 -30.46
CA HIS E 184 -5.89 23.95 -31.37
C HIS E 184 -6.78 24.36 -32.53
N GLU E 185 -7.49 23.40 -33.13
CA GLU E 185 -8.37 23.72 -34.24
C GLU E 185 -9.58 24.52 -33.82
N ALA E 186 -9.92 24.50 -32.52
CA ALA E 186 -11.06 25.26 -32.02
C ALA E 186 -10.67 26.65 -31.51
N PHE E 187 -9.55 26.75 -30.79
CA PHE E 187 -9.19 27.99 -30.13
C PHE E 187 -7.81 28.52 -30.50
N GLY E 188 -6.97 27.72 -31.16
CA GLY E 188 -5.64 28.18 -31.51
C GLY E 188 -4.68 28.15 -30.34
N ILE E 189 -3.94 27.07 -30.22
CA ILE E 189 -3.00 26.90 -29.10
C ILE E 189 -1.71 27.65 -29.42
N GLN E 190 -1.32 28.56 -28.53
CA GLN E 190 -0.10 29.35 -28.68
C GLN E 190 1.06 28.75 -27.90
N GLN E 191 0.83 28.37 -26.65
CA GLN E 191 1.80 27.63 -25.84
C GLN E 191 1.04 26.62 -24.99
N GLY E 192 1.77 25.67 -24.42
CA GLY E 192 1.12 24.65 -23.61
C GLY E 192 2.03 23.91 -22.65
N MET E 193 1.61 23.80 -21.40
CA MET E 193 2.35 23.08 -20.37
C MET E 193 1.59 21.82 -19.97
N MET E 194 2.33 20.75 -19.69
CA MET E 194 1.74 19.47 -19.37
C MET E 194 2.41 18.87 -18.14
N THR E 195 1.62 18.18 -17.32
CA THR E 195 2.15 17.31 -16.27
C THR E 195 1.30 16.06 -16.25
N THR E 196 1.92 14.90 -16.47
CA THR E 196 1.23 13.63 -16.36
C THR E 196 1.52 13.05 -14.98
N THR E 197 0.47 12.97 -14.15
CA THR E 197 0.56 12.25 -12.88
C THR E 197 0.42 10.77 -13.23
N HIS E 198 1.53 10.07 -13.23
CA HIS E 198 1.68 8.82 -13.98
C HIS E 198 1.88 7.64 -13.03
N SER E 199 1.25 6.52 -13.36
CA SER E 199 1.54 5.28 -12.67
C SER E 199 2.98 4.86 -12.92
N TYR E 200 3.59 4.23 -11.92
CA TYR E 200 4.96 3.79 -12.09
C TYR E 200 5.03 2.67 -13.11
N THR E 201 6.19 2.54 -13.74
CA THR E 201 6.41 1.55 -14.79
C THR E 201 7.62 0.69 -14.41
N GLY E 202 7.81 -0.39 -15.17
CA GLY E 202 8.91 -1.31 -14.90
C GLY E 202 10.28 -0.68 -14.98
N ASP E 203 10.40 0.49 -15.61
CA ASP E 203 11.68 1.18 -15.70
C ASP E 203 12.19 1.67 -14.34
N GLN E 204 11.29 1.85 -13.38
CA GLN E 204 11.67 2.33 -12.06
C GLN E 204 12.12 1.16 -11.18
N ARG E 205 12.54 1.47 -9.96
CA ARG E 205 13.08 0.49 -9.03
C ARG E 205 12.12 0.27 -7.88
N LEU E 206 11.94 -1.00 -7.51
CA LEU E 206 11.06 -1.34 -6.38
C LEU E 206 11.60 -0.77 -5.08
N LEU E 207 12.89 -0.96 -4.83
CA LEU E 207 13.58 -0.33 -3.72
C LEU E 207 14.76 0.46 -4.25
N ASP E 208 15.27 1.38 -3.43
CA ASP E 208 16.36 2.27 -3.82
C ASP E 208 17.53 1.49 -4.39
N ALA E 209 17.75 1.60 -5.70
CA ALA E 209 18.83 0.89 -6.37
C ALA E 209 19.33 1.75 -7.52
N SER E 210 20.49 1.38 -8.06
CA SER E 210 21.15 2.20 -9.08
C SER E 210 20.29 2.33 -10.33
N HIS E 211 20.49 3.43 -11.04
CA HIS E 211 19.72 3.81 -12.22
C HIS E 211 20.40 5.00 -12.87
N ARG E 212 20.30 5.08 -14.20
CA ARG E 212 20.85 6.23 -14.91
C ARG E 212 20.14 7.52 -14.51
N ASP E 213 18.89 7.42 -14.08
CA ASP E 213 18.09 8.55 -13.61
C ASP E 213 18.05 8.48 -12.08
N LEU E 214 18.60 9.50 -11.42
CA LEU E 214 18.70 9.48 -9.97
C LEU E 214 17.35 9.47 -9.28
N ARG E 215 16.30 9.98 -9.94
CA ARG E 215 14.97 9.96 -9.34
C ARG E 215 14.30 8.60 -9.54
N ARG E 216 14.40 8.03 -10.74
CA ARG E 216 13.87 6.69 -10.99
C ARG E 216 14.59 5.64 -10.15
N ALA E 217 15.76 5.97 -9.59
CA ALA E 217 16.48 5.06 -8.73
C ALA E 217 15.75 4.79 -7.41
N ARG E 218 14.77 5.62 -7.07
CA ARG E 218 14.15 5.60 -5.75
C ARG E 218 12.88 4.74 -5.77
N ALA E 219 12.59 4.14 -4.62
CA ALA E 219 11.50 3.18 -4.47
C ALA E 219 10.19 3.72 -5.04
N ALA E 220 9.66 3.02 -6.04
CA ALA E 220 8.55 3.56 -6.84
C ALA E 220 7.25 3.57 -6.06
N ALA E 221 6.95 2.50 -5.32
CA ALA E 221 5.71 2.42 -4.56
C ALA E 221 5.75 3.25 -3.28
N MET E 222 6.87 3.91 -2.99
CA MET E 222 7.06 4.71 -1.79
CA MET E 222 6.97 4.71 -1.79
C MET E 222 7.12 6.20 -2.04
N ASN E 223 7.24 6.63 -3.30
CA ASN E 223 7.57 8.01 -3.59
C ASN E 223 6.73 8.59 -4.71
N ILE E 224 6.59 9.92 -4.68
CA ILE E 224 6.26 10.71 -5.85
C ILE E 224 7.58 11.06 -6.54
N VAL E 225 7.76 10.60 -7.76
CA VAL E 225 9.04 10.64 -8.44
C VAL E 225 8.90 11.53 -9.68
N PRO E 226 9.41 12.75 -9.63
CA PRO E 226 9.44 13.57 -10.84
C PRO E 226 10.45 13.03 -11.85
N THR E 227 10.09 13.12 -13.12
CA THR E 227 10.99 12.68 -14.18
C THR E 227 10.70 13.50 -15.43
N SER E 228 11.72 13.64 -16.27
CA SER E 228 11.53 14.38 -17.51
C SER E 228 10.79 13.52 -18.53
N THR E 229 10.23 14.18 -19.53
CA THR E 229 9.48 13.49 -20.56
C THR E 229 9.50 14.32 -21.84
N GLY E 230 9.57 13.63 -22.98
CA GLY E 230 9.45 14.26 -24.28
C GLY E 230 8.08 14.14 -24.90
N ALA E 231 7.08 13.70 -24.13
CA ALA E 231 5.75 13.46 -24.69
C ALA E 231 5.10 14.76 -25.16
N ALA E 232 5.34 15.86 -24.44
CA ALA E 232 4.76 17.14 -24.84
C ALA E 232 5.46 17.69 -26.09
N LYS E 233 6.79 17.62 -26.13
CA LYS E 233 7.50 18.01 -27.33
C LYS E 233 7.14 17.10 -28.51
N ALA E 234 6.89 15.82 -28.24
CA ALA E 234 6.61 14.86 -29.31
C ALA E 234 5.29 15.15 -30.02
N VAL E 235 4.39 15.90 -29.38
CA VAL E 235 3.15 16.29 -30.06
C VAL E 235 3.46 17.07 -31.32
N GLY E 236 4.57 17.81 -31.33
CA GLY E 236 4.98 18.53 -32.53
C GLY E 236 5.32 17.63 -33.70
N LEU E 237 5.65 16.36 -33.43
CA LEU E 237 5.90 15.43 -34.53
C LEU E 237 4.62 15.08 -35.27
N VAL E 238 3.52 14.91 -34.53
CA VAL E 238 2.24 14.55 -35.14
C VAL E 238 1.36 15.75 -35.44
N ILE E 239 1.61 16.89 -34.79
CA ILE E 239 0.94 18.14 -35.15
C ILE E 239 2.03 19.15 -35.48
N PRO E 240 2.51 19.19 -36.73
CA PRO E 240 3.68 20.02 -37.06
C PRO E 240 3.48 21.51 -36.77
N GLU E 241 2.24 22.00 -36.78
CA GLU E 241 2.00 23.42 -36.52
C GLU E 241 2.41 23.81 -35.11
N LEU E 242 2.49 22.86 -34.18
CA LEU E 242 2.75 23.15 -32.78
C LEU E 242 4.16 22.76 -32.36
N GLN E 243 5.07 22.58 -33.32
CA GLN E 243 6.45 22.24 -33.00
C GLN E 243 7.08 23.34 -32.15
N GLY E 244 7.58 22.96 -30.97
CA GLY E 244 8.26 23.87 -30.09
C GLY E 244 7.39 24.69 -29.17
N LYS E 245 6.07 24.49 -29.21
CA LYS E 245 5.15 25.29 -28.40
C LYS E 245 4.61 24.55 -27.20
N LEU E 246 5.03 23.31 -26.97
CA LEU E 246 4.56 22.52 -25.84
C LEU E 246 5.76 21.95 -25.08
N ASN E 247 5.63 21.88 -23.76
CA ASN E 247 6.62 21.26 -22.90
C ASN E 247 5.92 20.70 -21.68
N GLY E 248 6.60 19.79 -20.97
CA GLY E 248 5.95 19.18 -19.84
C GLY E 248 6.92 18.39 -18.98
N ILE E 249 6.38 17.87 -17.89
CA ILE E 249 7.10 17.02 -16.95
C ILE E 249 6.22 15.82 -16.60
N ALA E 250 6.74 14.94 -15.74
CA ALA E 250 6.01 13.76 -15.31
C ALA E 250 6.25 13.53 -13.83
N LEU E 251 5.21 13.07 -13.13
CA LEU E 251 5.30 12.71 -11.71
C LEU E 251 4.81 11.28 -11.56
N ARG E 252 5.72 10.35 -11.28
CA ARG E 252 5.37 8.97 -11.07
C ARG E 252 4.89 8.77 -9.64
N VAL E 253 3.73 8.12 -9.49
CA VAL E 253 3.08 7.97 -8.19
C VAL E 253 2.85 6.49 -7.94
N PRO E 254 2.63 6.09 -6.67
CA PRO E 254 2.46 4.66 -6.36
C PRO E 254 1.13 4.06 -6.79
N THR E 255 0.84 4.10 -8.08
CA THR E 255 -0.20 3.27 -8.67
C THR E 255 0.42 2.43 -9.77
N PRO E 256 -0.06 1.18 -9.95
CA PRO E 256 0.58 0.31 -10.95
C PRO E 256 0.12 0.54 -12.38
N ASN E 257 -1.05 1.13 -12.60
CA ASN E 257 -1.52 1.41 -13.95
C ASN E 257 -2.54 2.54 -13.89
N VAL E 258 -2.86 3.08 -15.07
CA VAL E 258 -3.74 4.23 -15.27
C VAL E 258 -3.04 5.50 -14.83
N SER E 259 -2.99 6.48 -15.74
CA SER E 259 -2.35 7.78 -15.50
C SER E 259 -3.31 8.87 -15.93
N VAL E 260 -2.91 10.13 -15.71
CA VAL E 260 -3.77 11.27 -15.99
C VAL E 260 -2.91 12.44 -16.45
N VAL E 261 -3.35 13.12 -17.51
CA VAL E 261 -2.63 14.23 -18.09
C VAL E 261 -3.30 15.54 -17.65
N ASP E 262 -2.49 16.46 -17.13
CA ASP E 262 -2.92 17.82 -16.80
C ASP E 262 -2.30 18.78 -17.80
N PHE E 263 -3.14 19.49 -18.54
CA PHE E 263 -2.69 20.33 -19.65
C PHE E 263 -3.21 21.75 -19.46
N VAL E 264 -2.28 22.70 -19.40
CA VAL E 264 -2.61 24.13 -19.29
C VAL E 264 -2.13 24.81 -20.56
N ALA E 265 -3.06 25.37 -21.33
CA ALA E 265 -2.77 25.94 -22.64
C ALA E 265 -3.09 27.42 -22.68
N GLN E 266 -2.26 28.17 -23.40
CA GLN E 266 -2.52 29.57 -23.71
C GLN E 266 -3.08 29.64 -25.12
N VAL E 267 -4.32 30.09 -25.25
CA VAL E 267 -5.06 30.02 -26.51
C VAL E 267 -5.34 31.43 -27.02
N GLU E 268 -5.56 31.51 -28.33
CA GLU E 268 -5.80 32.80 -28.98
C GLU E 268 -7.26 33.24 -28.82
N LYS E 269 -8.20 32.37 -29.15
CA LYS E 269 -9.61 32.69 -29.05
C LYS E 269 -10.07 32.61 -27.60
N PRO E 270 -10.53 33.71 -26.99
CA PRO E 270 -11.05 33.63 -25.63
C PRO E 270 -12.25 32.70 -25.57
N THR E 271 -12.37 31.99 -24.45
CA THR E 271 -13.39 30.96 -24.31
C THR E 271 -13.72 30.77 -22.82
N ILE E 272 -14.59 29.81 -22.55
CA ILE E 272 -14.99 29.45 -21.19
C ILE E 272 -15.00 27.94 -21.08
N ALA E 273 -15.07 27.45 -19.84
CA ALA E 273 -14.97 26.02 -19.59
C ALA E 273 -16.11 25.25 -20.26
N GLU E 274 -17.30 25.85 -20.31
CA GLU E 274 -18.45 25.18 -20.91
C GLU E 274 -18.23 24.94 -22.40
N GLN E 275 -17.59 25.89 -23.09
CA GLN E 275 -17.35 25.73 -24.52
C GLN E 275 -16.20 24.78 -24.79
N VAL E 276 -15.17 24.80 -23.94
CA VAL E 276 -14.06 23.86 -24.07
C VAL E 276 -14.58 22.42 -23.96
N ASN E 277 -15.45 22.17 -22.99
CA ASN E 277 -16.02 20.83 -22.84
C ASN E 277 -16.93 20.48 -24.01
N GLN E 278 -17.70 21.46 -24.51
CA GLN E 278 -18.62 21.17 -25.61
C GLN E 278 -17.87 20.84 -26.90
N VAL E 279 -16.73 21.49 -27.12
CA VAL E 279 -15.95 21.21 -28.33
C VAL E 279 -15.33 19.82 -28.26
N ILE E 280 -14.78 19.45 -27.10
CA ILE E 280 -14.18 18.13 -26.95
C ILE E 280 -15.27 17.06 -26.97
N LYS E 281 -16.42 17.34 -26.39
CA LYS E 281 -17.53 16.38 -26.41
C LYS E 281 -17.97 16.10 -27.84
N GLU E 282 -18.13 17.15 -28.65
CA GLU E 282 -18.56 16.96 -30.03
C GLU E 282 -17.51 16.19 -30.84
N ALA E 283 -16.23 16.54 -30.66
CA ALA E 283 -15.18 15.79 -31.35
C ALA E 283 -15.17 14.33 -30.93
N SER E 284 -15.40 14.07 -29.64
CA SER E 284 -15.44 12.69 -29.15
C SER E 284 -16.62 11.92 -29.71
N GLU E 285 -17.66 12.60 -30.20
CA GLU E 285 -18.80 11.95 -30.81
C GLU E 285 -18.69 11.84 -32.32
N THR E 286 -17.73 12.54 -32.94
CA THR E 286 -17.61 12.54 -34.39
C THR E 286 -16.21 12.16 -34.84
N THR E 287 -15.34 13.15 -35.01
CA THR E 287 -14.03 12.89 -35.61
C THR E 287 -13.14 12.05 -34.70
N MET E 288 -13.17 12.32 -33.39
CA MET E 288 -12.29 11.64 -32.44
C MET E 288 -12.97 10.47 -31.75
N LYS E 289 -13.99 9.87 -32.37
CA LYS E 289 -14.71 8.77 -31.76
C LYS E 289 -13.80 7.55 -31.62
N GLY E 290 -13.87 6.90 -30.46
CA GLY E 290 -12.97 5.80 -30.14
C GLY E 290 -11.59 6.23 -29.73
N ILE E 291 -11.23 7.49 -29.88
CA ILE E 291 -9.93 8.02 -29.47
C ILE E 291 -10.07 8.87 -28.20
N ILE E 292 -10.94 9.88 -28.24
CA ILE E 292 -11.27 10.68 -27.06
C ILE E 292 -12.63 10.22 -26.54
N HIS E 293 -12.72 10.01 -25.24
CA HIS E 293 -14.00 9.79 -24.57
C HIS E 293 -14.29 10.98 -23.66
N TYR E 294 -15.55 11.39 -23.64
CA TYR E 294 -16.00 12.53 -22.85
C TYR E 294 -16.78 12.00 -21.65
N SER E 295 -16.36 12.39 -20.45
CA SER E 295 -16.98 11.91 -19.22
C SER E 295 -17.26 13.07 -18.30
N GLU E 296 -18.50 13.16 -17.82
CA GLU E 296 -18.88 14.08 -16.76
C GLU E 296 -19.09 13.35 -15.43
N LEU E 297 -18.57 12.13 -15.31
CA LEU E 297 -18.73 11.33 -14.11
C LEU E 297 -17.60 11.60 -13.13
N GLU E 298 -17.89 11.39 -11.84
CA GLU E 298 -16.94 11.64 -10.76
C GLU E 298 -16.24 10.34 -10.42
N LEU E 299 -15.28 9.97 -11.26
CA LEU E 299 -14.60 8.68 -11.15
C LEU E 299 -13.14 8.88 -10.74
N VAL E 300 -12.50 7.76 -10.37
CA VAL E 300 -11.11 7.76 -9.98
C VAL E 300 -10.34 6.84 -10.92
N SER E 301 -9.03 6.66 -10.65
CA SER E 301 -8.15 6.02 -11.63
C SER E 301 -8.55 4.57 -11.89
N SER E 302 -8.94 3.83 -10.85
CA SER E 302 -9.27 2.42 -11.03
C SER E 302 -10.46 2.22 -11.96
N ASP E 303 -11.34 3.22 -12.10
CA ASP E 303 -12.50 3.09 -12.97
C ASP E 303 -12.13 3.08 -14.45
N TYR E 304 -10.91 3.48 -14.80
CA TYR E 304 -10.49 3.53 -16.18
C TYR E 304 -9.54 2.40 -16.56
N ARG E 305 -9.40 1.40 -15.69
CA ARG E 305 -8.70 0.18 -16.05
C ARG E 305 -9.39 -0.47 -17.24
N GLY E 306 -8.64 -0.70 -18.32
CA GLY E 306 -9.18 -1.34 -19.49
C GLY E 306 -9.98 -0.46 -20.41
N HIS E 307 -9.95 0.86 -20.22
CA HIS E 307 -10.64 1.75 -21.15
C HIS E 307 -9.93 1.78 -22.49
N ASN E 308 -10.71 1.74 -23.56
CA ASN E 308 -10.16 1.63 -24.91
C ASN E 308 -9.76 2.96 -25.52
N ALA E 309 -10.15 4.09 -24.92
CA ALA E 309 -9.83 5.38 -25.49
C ALA E 309 -8.39 5.77 -25.19
N SER E 310 -7.85 6.67 -26.01
CA SER E 310 -6.52 7.21 -25.77
C SER E 310 -6.55 8.32 -24.72
N SER E 311 -7.66 9.03 -24.60
CA SER E 311 -7.80 10.09 -23.61
C SER E 311 -9.26 10.16 -23.19
N ILE E 312 -9.50 10.18 -21.88
CA ILE E 312 -10.83 10.34 -21.32
C ILE E 312 -10.84 11.69 -20.61
N LEU E 313 -11.44 12.69 -21.24
CA LEU E 313 -11.51 14.02 -20.65
C LEU E 313 -12.40 14.00 -19.42
N ASP E 314 -11.90 14.56 -18.32
CA ASP E 314 -12.68 14.72 -17.10
C ASP E 314 -13.34 16.09 -17.16
N ALA E 315 -14.59 16.12 -17.63
CA ALA E 315 -15.20 17.39 -18.02
C ALA E 315 -15.41 18.33 -16.83
N SER E 316 -15.72 17.78 -15.66
CA SER E 316 -15.96 18.63 -14.49
C SER E 316 -14.69 19.21 -13.90
N LEU E 317 -13.51 18.89 -14.46
CA LEU E 317 -12.25 19.47 -14.04
C LEU E 317 -11.76 20.57 -14.97
N THR E 318 -12.48 20.82 -16.07
CA THR E 318 -12.07 21.85 -17.01
C THR E 318 -12.15 23.23 -16.38
N MET E 319 -11.11 24.03 -16.57
CA MET E 319 -11.04 25.38 -16.02
C MET E 319 -10.47 26.33 -17.05
N VAL E 320 -10.97 27.56 -17.07
CA VAL E 320 -10.46 28.63 -17.91
C VAL E 320 -10.36 29.89 -17.07
N LEU E 321 -9.25 30.62 -17.23
CA LEU E 321 -9.02 31.86 -16.50
C LEU E 321 -8.70 32.98 -17.49
N GLY E 322 -9.38 34.11 -17.36
CA GLY E 322 -9.17 35.22 -18.27
C GLY E 322 -9.51 34.96 -19.72
N GLY E 323 -10.16 33.84 -20.04
CA GLY E 323 -10.54 33.52 -21.39
C GLY E 323 -9.49 32.77 -22.20
N ASN E 324 -8.21 32.98 -21.91
CA ASN E 324 -7.14 32.48 -22.76
C ASN E 324 -6.23 31.45 -22.07
N LEU E 325 -6.40 31.20 -20.78
CA LEU E 325 -5.63 30.17 -20.08
C LEU E 325 -6.56 28.99 -19.79
N VAL E 326 -6.37 27.90 -20.52
CA VAL E 326 -7.29 26.76 -20.50
C VAL E 326 -6.60 25.59 -19.80
N LYS E 327 -7.36 24.90 -18.94
CA LYS E 327 -6.87 23.74 -18.22
C LYS E 327 -7.82 22.57 -18.46
N VAL E 328 -7.29 21.47 -18.98
CA VAL E 328 -8.06 20.26 -19.22
C VAL E 328 -7.34 19.07 -18.59
N VAL E 329 -8.11 18.07 -18.19
CA VAL E 329 -7.59 16.89 -17.50
C VAL E 329 -8.10 15.65 -18.21
N ALA E 330 -7.19 14.73 -18.55
CA ALA E 330 -7.53 13.56 -19.34
C ALA E 330 -6.91 12.31 -18.76
N TRP E 331 -7.73 11.30 -18.53
CA TRP E 331 -7.27 10.00 -18.08
C TRP E 331 -6.77 9.16 -19.26
N TYR E 332 -5.97 8.15 -18.95
CA TYR E 332 -5.61 7.13 -19.93
C TYR E 332 -5.04 5.91 -19.22
N ASP E 333 -5.48 4.74 -19.66
CA ASP E 333 -4.88 3.47 -19.25
C ASP E 333 -3.59 3.32 -20.05
N ASN E 334 -2.46 3.68 -19.42
CA ASN E 334 -1.20 3.76 -20.16
C ASN E 334 -0.74 2.41 -20.69
N GLU E 335 -1.27 1.30 -20.17
CA GLU E 335 -0.93 -0.02 -20.69
C GLU E 335 -1.93 -0.50 -21.73
N TRP E 336 -3.22 -0.47 -21.40
CA TRP E 336 -4.24 -1.08 -22.27
C TRP E 336 -4.64 -0.14 -23.40
N GLY E 337 -4.91 1.14 -23.07
CA GLY E 337 -5.29 2.08 -24.10
C GLY E 337 -4.22 2.27 -25.15
N TYR E 338 -2.95 2.33 -24.72
CA TYR E 338 -1.85 2.45 -25.68
C TYR E 338 -1.72 1.19 -26.52
N SER E 339 -1.90 0.02 -25.90
CA SER E 339 -1.80 -1.23 -26.64
C SER E 339 -2.91 -1.34 -27.69
N GLN E 340 -4.09 -0.80 -27.40
CA GLN E 340 -5.14 -0.74 -28.42
C GLN E 340 -4.69 0.11 -29.60
N ARG E 341 -3.97 1.20 -29.33
CA ARG E 341 -3.48 2.05 -30.42
C ARG E 341 -2.36 1.37 -31.20
N VAL E 342 -1.50 0.63 -30.51
CA VAL E 342 -0.49 -0.18 -31.20
C VAL E 342 -1.17 -1.14 -32.16
N LEU E 343 -2.22 -1.81 -31.70
CA LEU E 343 -2.99 -2.69 -32.57
C LEU E 343 -3.66 -1.91 -33.69
N ASP E 344 -4.23 -0.75 -33.37
CA ASP E 344 -4.88 0.08 -34.39
C ASP E 344 -3.90 0.45 -35.49
N LEU E 345 -2.72 0.94 -35.12
CA LEU E 345 -1.73 1.33 -36.12
C LEU E 345 -1.29 0.12 -36.95
N ALA E 346 -1.16 -1.05 -36.31
CA ALA E 346 -0.72 -2.24 -37.03
C ALA E 346 -1.76 -2.68 -38.05
N GLU E 347 -3.05 -2.61 -37.70
CA GLU E 347 -4.08 -2.95 -38.68
C GLU E 347 -4.14 -1.92 -39.81
N HIS E 348 -3.89 -0.65 -39.49
CA HIS E 348 -3.82 0.37 -40.53
C HIS E 348 -2.68 0.08 -41.50
N MET E 349 -1.52 -0.33 -40.98
CA MET E 349 -0.40 -0.67 -41.85
C MET E 349 -0.72 -1.89 -42.70
N ALA E 350 -1.42 -2.87 -42.13
CA ALA E 350 -1.83 -4.03 -42.90
C ALA E 350 -2.84 -3.67 -43.99
N ALA E 351 -3.68 -2.68 -43.74
CA ALA E 351 -4.65 -2.26 -44.75
C ALA E 351 -3.97 -1.53 -45.90
N HIS E 352 -2.84 -0.88 -45.64
CA HIS E 352 -2.09 -0.18 -46.68
C HIS E 352 -0.73 -0.85 -46.89
N TRP E 353 -0.72 -2.12 -47.26
CA TRP E 353 0.52 -2.88 -47.34
C TRP E 353 1.16 -2.71 -48.71
N ALA E 354 2.35 -2.15 -48.74
CA ALA E 354 3.13 -2.00 -49.96
C ALA E 354 4.62 -1.98 -49.61
N SER F 17 46.55 -3.60 14.40
CA SER F 17 46.08 -2.65 13.40
C SER F 17 44.61 -2.92 13.07
N MET F 18 44.09 -2.17 12.10
CA MET F 18 42.68 -2.26 11.75
C MET F 18 42.49 -3.10 10.49
N VAL F 19 41.50 -3.98 10.54
CA VAL F 19 41.20 -4.85 9.41
C VAL F 19 40.58 -4.03 8.29
N ARG F 20 41.12 -4.16 7.08
CA ARG F 20 40.67 -3.37 5.94
C ARG F 20 39.54 -4.10 5.20
N VAL F 21 38.44 -3.38 4.98
CA VAL F 21 37.19 -3.97 4.52
C VAL F 21 36.83 -3.42 3.14
N ALA F 22 36.38 -4.31 2.26
CA ALA F 22 35.81 -3.94 0.98
C ALA F 22 34.38 -4.46 0.90
N ILE F 23 33.49 -3.64 0.33
CA ILE F 23 32.09 -4.01 0.15
C ILE F 23 31.89 -4.38 -1.31
N ASN F 24 31.46 -5.61 -1.57
CA ASN F 24 31.08 -6.05 -2.90
C ASN F 24 29.55 -6.02 -2.98
N GLY F 25 29.02 -5.11 -3.79
CA GLY F 25 27.59 -4.95 -3.89
C GLY F 25 27.07 -3.84 -2.99
N PHE F 26 26.88 -2.66 -3.56
CA PHE F 26 26.44 -1.49 -2.80
C PHE F 26 24.93 -1.32 -2.92
N GLY F 27 24.21 -2.35 -2.48
CA GLY F 27 22.77 -2.38 -2.50
C GLY F 27 22.15 -2.02 -1.17
N ARG F 28 20.95 -2.56 -0.91
CA ARG F 28 20.27 -2.28 0.34
C ARG F 28 21.12 -2.73 1.54
N ILE F 29 21.62 -3.97 1.50
CA ILE F 29 22.44 -4.46 2.60
C ILE F 29 23.81 -3.80 2.58
N GLY F 30 24.38 -3.61 1.38
CA GLY F 30 25.69 -2.99 1.28
C GLY F 30 25.72 -1.59 1.86
N ARG F 31 24.71 -0.78 1.52
CA ARG F 31 24.66 0.59 2.01
C ARG F 31 24.18 0.67 3.45
N ASN F 32 23.26 -0.21 3.86
CA ASN F 32 22.87 -0.27 5.26
C ASN F 32 24.08 -0.64 6.13
N PHE F 33 24.88 -1.60 5.69
CA PHE F 33 26.09 -1.96 6.41
C PHE F 33 27.04 -0.77 6.50
N MET F 34 27.17 -0.02 5.40
CA MET F 34 28.03 1.16 5.41
C MET F 34 27.56 2.18 6.45
N ARG F 35 26.26 2.47 6.46
CA ARG F 35 25.74 3.44 7.41
C ARG F 35 25.78 2.91 8.84
N CYS F 36 25.69 1.58 9.00
CA CYS F 36 25.88 0.99 10.33
C CYS F 36 27.29 1.21 10.83
N TRP F 37 28.29 1.02 9.96
CA TRP F 37 29.68 1.19 10.36
C TRP F 37 30.02 2.66 10.61
N LEU F 38 29.44 3.56 9.82
CA LEU F 38 29.71 4.99 10.00
C LEU F 38 29.28 5.47 11.38
N GLN F 39 28.15 4.95 11.88
CA GLN F 39 27.66 5.33 13.20
C GLN F 39 28.39 4.60 14.32
N ARG F 40 29.20 3.59 14.01
CA ARG F 40 30.00 2.87 15.00
C ARG F 40 31.49 2.93 14.67
N LYS F 41 31.91 3.89 13.85
CA LYS F 41 33.30 3.96 13.41
C LYS F 41 34.25 4.25 14.57
N ALA F 42 33.79 4.98 15.58
CA ALA F 42 34.66 5.36 16.69
C ALA F 42 35.09 4.13 17.49
N ASN F 43 34.21 3.17 17.66
CA ASN F 43 34.49 1.93 18.39
C ASN F 43 34.43 0.77 17.39
N SER F 44 35.49 0.62 16.59
CA SER F 44 35.51 -0.40 15.56
C SER F 44 36.94 -0.78 15.26
N LYS F 45 37.15 -2.06 14.94
CA LYS F 45 38.42 -2.57 14.47
C LYS F 45 38.46 -2.71 12.95
N LEU F 46 37.42 -2.27 12.26
CA LEU F 46 37.32 -2.37 10.82
C LEU F 46 37.46 -1.00 10.19
N GLU F 47 38.00 -0.98 8.96
CA GLU F 47 38.14 0.24 8.18
C GLU F 47 37.65 -0.05 6.76
N ILE F 48 36.49 0.50 6.41
CA ILE F 48 35.94 0.34 5.07
C ILE F 48 36.73 1.24 4.13
N VAL F 49 37.44 0.63 3.18
CA VAL F 49 38.33 1.36 2.29
C VAL F 49 38.03 1.16 0.82
N GLY F 50 37.15 0.24 0.46
CA GLY F 50 36.89 -0.05 -0.94
C GLY F 50 35.45 -0.47 -1.19
N ILE F 51 34.95 -0.11 -2.37
CA ILE F 51 33.62 -0.52 -2.82
C ILE F 51 33.74 -0.99 -4.26
N ASN F 52 33.14 -2.14 -4.55
CA ASN F 52 32.91 -2.58 -5.93
C ASN F 52 31.41 -2.68 -6.15
N ASP F 53 30.95 -2.10 -7.26
CA ASP F 53 29.53 -2.11 -7.58
C ASP F 53 29.38 -1.87 -9.07
N THR F 54 28.25 -2.34 -9.61
CA THR F 54 27.94 -2.10 -11.01
C THR F 54 27.70 -0.63 -11.31
N SER F 55 27.53 0.21 -10.30
CA SER F 55 27.28 1.64 -10.47
C SER F 55 28.53 2.44 -10.09
N ASP F 56 28.50 3.72 -10.43
CA ASP F 56 29.61 4.66 -10.28
C ASP F 56 29.62 5.27 -8.89
N PRO F 57 30.75 5.86 -8.48
CA PRO F 57 30.82 6.42 -7.11
C PRO F 57 29.87 7.58 -6.88
N ARG F 58 29.57 8.39 -7.90
CA ARG F 58 28.68 9.53 -7.70
C ARG F 58 27.24 9.08 -7.47
N THR F 59 26.77 8.11 -8.26
CA THR F 59 25.44 7.56 -8.04
C THR F 59 25.33 6.90 -6.67
N ASN F 60 26.37 6.15 -6.28
CA ASN F 60 26.30 5.41 -5.02
C ASN F 60 26.44 6.33 -3.82
N ALA F 61 27.15 7.45 -3.95
CA ALA F 61 27.18 8.42 -2.87
C ALA F 61 25.83 9.11 -2.71
N HIS F 62 25.14 9.35 -3.83
CA HIS F 62 23.79 9.93 -3.77
C HIS F 62 22.82 8.98 -3.09
N LEU F 63 22.87 7.70 -3.43
CA LEU F 63 21.97 6.73 -2.79
C LEU F 63 22.34 6.48 -1.34
N LEU F 64 23.63 6.54 -1.01
CA LEU F 64 24.04 6.38 0.38
C LEU F 64 23.49 7.50 1.25
N LYS F 65 23.50 8.73 0.74
CA LYS F 65 23.02 9.87 1.53
C LYS F 65 21.49 9.90 1.57
N TYR F 66 20.84 9.77 0.41
CA TYR F 66 19.39 9.91 0.30
C TYR F 66 18.79 8.51 0.22
N ASP F 67 18.21 8.06 1.33
CA ASP F 67 17.67 6.71 1.46
C ASP F 67 16.18 6.81 1.81
N SER F 68 15.34 6.18 0.99
CA SER F 68 13.90 6.26 1.21
C SER F 68 13.48 5.65 2.54
N MET F 69 14.22 4.67 3.03
CA MET F 69 13.87 4.00 4.28
C MET F 69 14.57 4.61 5.48
N LEU F 70 15.89 4.84 5.37
CA LEU F 70 16.65 5.38 6.49
C LEU F 70 16.60 6.89 6.58
N GLY F 71 16.22 7.57 5.50
CA GLY F 71 16.23 9.02 5.48
C GLY F 71 17.57 9.59 5.04
N ILE F 72 17.66 10.91 5.11
CA ILE F 72 18.88 11.60 4.73
C ILE F 72 19.94 11.39 5.80
N PHE F 73 21.13 10.92 5.40
CA PHE F 73 22.20 10.67 6.35
C PHE F 73 22.67 11.98 6.97
N GLN F 74 22.68 12.05 8.30
CA GLN F 74 22.93 13.29 9.01
C GLN F 74 24.28 13.35 9.71
N ASP F 75 24.88 12.20 10.05
CA ASP F 75 26.04 12.19 10.93
C ASP F 75 27.23 12.89 10.30
N ALA F 76 27.64 12.45 9.11
CA ALA F 76 28.78 13.02 8.41
C ALA F 76 28.37 13.40 6.99
N GLU F 77 29.23 14.15 6.32
CA GLU F 77 28.97 14.56 4.95
C GLU F 77 29.41 13.49 3.97
N ILE F 78 28.71 13.43 2.84
CA ILE F 78 28.94 12.40 1.83
C ILE F 78 29.08 13.08 0.48
N THR F 79 30.22 12.86 -0.19
CA THR F 79 30.49 13.39 -1.51
C THR F 79 31.16 12.30 -2.33
N ALA F 80 31.51 12.63 -3.58
CA ALA F 80 32.15 11.66 -4.46
C ALA F 80 32.80 12.39 -5.62
N ASP F 81 33.78 11.72 -6.23
CA ASP F 81 34.33 12.14 -7.51
C ASP F 81 34.33 10.89 -8.41
N ASP F 82 35.19 10.89 -9.42
CA ASP F 82 35.22 9.77 -10.36
C ASP F 82 35.75 8.49 -9.74
N ASP F 83 36.56 8.59 -8.67
CA ASP F 83 37.23 7.43 -8.12
C ASP F 83 36.82 7.06 -6.70
N CYS F 84 36.27 7.98 -5.93
CA CYS F 84 36.07 7.74 -4.51
C CYS F 84 34.70 8.23 -4.04
N ILE F 85 34.25 7.65 -2.94
CA ILE F 85 33.18 8.19 -2.11
C ILE F 85 33.83 8.70 -0.83
N TYR F 86 33.41 9.87 -0.38
CA TYR F 86 33.96 10.49 0.81
C TYR F 86 32.88 10.56 1.88
N ALA F 87 33.14 9.93 3.02
CA ALA F 87 32.21 9.90 4.14
C ALA F 87 32.94 10.36 5.40
N GLY F 88 32.64 11.58 5.84
CA GLY F 88 33.29 12.14 7.02
C GLY F 88 34.78 12.30 6.86
N GLY F 89 35.20 12.86 5.73
CA GLY F 89 36.61 13.01 5.42
C GLY F 89 37.36 11.71 5.16
N HIS F 90 36.68 10.56 5.25
CA HIS F 90 37.31 9.27 5.00
C HIS F 90 37.06 8.87 3.56
N ALA F 91 38.14 8.59 2.83
CA ALA F 91 38.06 8.26 1.41
C ALA F 91 37.80 6.76 1.24
N VAL F 92 36.81 6.43 0.41
CA VAL F 92 36.46 5.06 0.10
C VAL F 92 36.66 4.88 -1.40
N LYS F 93 37.67 4.09 -1.77
CA LYS F 93 37.99 3.89 -3.17
C LYS F 93 36.95 2.99 -3.84
N CYS F 94 36.64 3.29 -5.10
CA CYS F 94 35.56 2.62 -5.81
C CYS F 94 36.06 2.00 -7.11
N VAL F 95 35.38 0.94 -7.54
CA VAL F 95 35.67 0.25 -8.79
C VAL F 95 34.38 -0.41 -9.25
N SER F 96 34.31 -0.71 -10.55
CA SER F 96 33.09 -1.26 -11.17
C SER F 96 33.47 -2.43 -12.07
N ASP F 97 33.40 -3.64 -11.51
CA ASP F 97 33.70 -4.85 -12.27
C ASP F 97 32.85 -5.98 -11.71
N ARG F 98 32.05 -6.61 -12.58
CA ARG F 98 31.16 -7.68 -12.14
C ARG F 98 31.91 -8.98 -11.83
N ASN F 99 33.12 -9.14 -12.35
CA ASN F 99 33.90 -10.35 -12.11
C ASN F 99 34.84 -10.10 -10.94
N PRO F 100 34.66 -10.77 -9.80
CA PRO F 100 35.53 -10.49 -8.64
C PRO F 100 36.98 -10.88 -8.85
N GLU F 101 37.28 -11.73 -9.83
CA GLU F 101 38.67 -12.10 -10.09
C GLU F 101 39.51 -10.92 -10.56
N ASN F 102 38.88 -9.86 -11.06
CA ASN F 102 39.58 -8.70 -11.59
C ASN F 102 39.73 -7.57 -10.58
N LEU F 103 39.19 -7.73 -9.37
CA LEU F 103 39.16 -6.63 -8.42
C LEU F 103 40.53 -6.42 -7.78
N PRO F 104 40.87 -5.17 -7.41
CA PRO F 104 42.21 -4.84 -6.92
C PRO F 104 42.37 -5.07 -5.42
N TRP F 105 41.96 -6.24 -4.94
CA TRP F 105 42.04 -6.53 -3.51
C TRP F 105 43.49 -6.60 -3.04
N SER F 106 44.40 -7.08 -3.89
CA SER F 106 45.82 -7.08 -3.53
C SER F 106 46.35 -5.65 -3.43
N ALA F 107 46.12 -4.84 -4.45
CA ALA F 107 46.68 -3.49 -4.48
C ALA F 107 46.09 -2.62 -3.37
N TRP F 108 44.86 -2.88 -2.97
CA TRP F 108 44.22 -2.11 -1.91
C TRP F 108 44.47 -2.69 -0.53
N GLY F 109 45.15 -3.84 -0.44
CA GLY F 109 45.41 -4.46 0.84
C GLY F 109 44.15 -4.87 1.57
N ILE F 110 43.22 -5.49 0.85
CA ILE F 110 41.91 -5.82 1.40
C ILE F 110 42.03 -7.08 2.24
N ASP F 111 41.57 -6.99 3.50
CA ASP F 111 41.58 -8.12 4.41
C ASP F 111 40.28 -8.90 4.37
N LEU F 112 39.14 -8.22 4.54
CA LEU F 112 37.84 -8.86 4.61
C LEU F 112 36.92 -8.22 3.59
N VAL F 113 36.32 -9.05 2.74
CA VAL F 113 35.35 -8.59 1.75
C VAL F 113 33.95 -8.88 2.26
N ILE F 114 33.08 -7.87 2.23
CA ILE F 114 31.67 -8.04 2.53
C ILE F 114 30.98 -8.38 1.22
N GLU F 115 30.59 -9.64 1.05
CA GLU F 115 29.96 -10.11 -0.18
C GLU F 115 28.46 -9.90 -0.07
N ALA F 116 27.97 -8.79 -0.62
CA ALA F 116 26.57 -8.40 -0.52
C ALA F 116 25.91 -8.23 -1.88
N THR F 117 26.43 -8.87 -2.92
CA THR F 117 25.77 -8.84 -4.23
C THR F 117 24.66 -9.87 -4.34
N GLY F 118 24.64 -10.87 -3.46
CA GLY F 118 23.71 -11.96 -3.59
C GLY F 118 23.97 -12.90 -4.74
N VAL F 119 25.18 -12.87 -5.32
CA VAL F 119 25.45 -13.59 -6.55
C VAL F 119 26.55 -14.62 -6.31
N PHE F 120 27.44 -14.33 -5.37
CA PHE F 120 28.59 -15.19 -5.07
C PHE F 120 28.41 -15.80 -3.68
N THR F 121 27.38 -16.63 -3.55
CA THR F 121 27.02 -17.26 -2.29
C THR F 121 27.60 -18.66 -2.14
N SER F 122 28.34 -19.15 -3.13
CA SER F 122 29.01 -20.44 -3.03
C SER F 122 30.51 -20.21 -2.82
N ARG F 123 31.19 -21.24 -2.30
CA ARG F 123 32.63 -21.15 -2.15
C ARG F 123 33.31 -20.93 -3.49
N GLU F 124 32.74 -21.45 -4.57
CA GLU F 124 33.30 -21.25 -5.90
C GLU F 124 33.37 -19.78 -6.26
N GLY F 125 32.22 -19.09 -6.25
CA GLY F 125 32.22 -17.69 -6.63
C GLY F 125 32.85 -16.79 -5.58
N ALA F 126 32.66 -17.11 -4.30
CA ALA F 126 33.20 -16.27 -3.24
C ALA F 126 34.73 -16.36 -3.17
N SER F 127 35.31 -17.48 -3.59
CA SER F 127 36.76 -17.62 -3.55
C SER F 127 37.46 -16.70 -4.56
N LYS F 128 36.73 -16.20 -5.56
CA LYS F 128 37.34 -15.28 -6.52
C LYS F 128 37.85 -14.02 -5.84
N HIS F 129 37.19 -13.61 -4.75
CA HIS F 129 37.74 -12.54 -3.93
C HIS F 129 39.11 -12.92 -3.38
N LEU F 130 39.23 -14.16 -2.88
CA LEU F 130 40.51 -14.63 -2.35
C LEU F 130 41.58 -14.67 -3.43
N SER F 131 41.21 -15.10 -4.64
CA SER F 131 42.15 -15.11 -5.74
C SER F 131 42.60 -13.69 -6.10
N ALA F 132 41.73 -12.71 -5.88
CA ALA F 132 42.05 -11.32 -6.21
C ALA F 132 42.97 -10.65 -5.19
N GLY F 133 43.13 -11.24 -4.01
CA GLY F 133 44.00 -10.66 -3.00
C GLY F 133 43.37 -10.58 -1.62
N ALA F 134 42.05 -10.73 -1.56
CA ALA F 134 41.35 -10.71 -0.29
C ALA F 134 41.70 -11.95 0.53
N LYS F 135 41.69 -11.78 1.85
CA LYS F 135 42.06 -12.86 2.75
C LYS F 135 40.86 -13.62 3.30
N LYS F 136 39.77 -12.92 3.63
CA LYS F 136 38.54 -13.55 4.08
C LYS F 136 37.37 -12.88 3.38
N VAL F 137 36.21 -13.53 3.43
CA VAL F 137 34.99 -12.97 2.86
C VAL F 137 33.82 -13.35 3.76
N LEU F 138 32.93 -12.39 4.00
CA LEU F 138 31.71 -12.56 4.78
C LEU F 138 30.53 -12.40 3.83
N ILE F 139 29.78 -13.47 3.65
CA ILE F 139 28.65 -13.48 2.73
C ILE F 139 27.40 -13.05 3.49
N THR F 140 26.76 -11.99 3.01
CA THR F 140 25.55 -11.46 3.63
C THR F 140 24.28 -12.21 3.21
N ALA F 141 24.36 -13.54 3.11
CA ALA F 141 23.25 -14.37 2.67
C ALA F 141 23.55 -15.82 3.03
N PRO F 142 22.57 -16.72 2.95
CA PRO F 142 22.90 -18.14 3.12
C PRO F 142 23.89 -18.61 2.07
N GLY F 143 24.78 -19.51 2.48
CA GLY F 143 25.78 -20.04 1.59
C GLY F 143 25.30 -21.26 0.83
N LYS F 144 26.04 -21.58 -0.24
CA LYS F 144 25.79 -22.76 -1.05
C LYS F 144 26.92 -23.74 -0.78
N GLY F 145 26.65 -24.73 0.06
CA GLY F 145 27.57 -25.83 0.25
C GLY F 145 28.35 -25.73 1.54
N ASN F 146 29.67 -25.89 1.42
CA ASN F 146 30.54 -26.14 2.56
C ASN F 146 30.92 -24.88 3.34
N ILE F 147 30.07 -23.86 3.32
CA ILE F 147 30.39 -22.56 3.89
C ILE F 147 29.85 -22.51 5.32
N PRO F 148 30.68 -22.25 6.33
CA PRO F 148 30.18 -22.14 7.69
C PRO F 148 29.22 -20.97 7.85
N THR F 149 28.09 -21.23 8.51
CA THR F 149 27.04 -20.24 8.71
C THR F 149 27.01 -19.83 10.18
N TYR F 150 26.89 -18.52 10.42
CA TYR F 150 26.95 -17.97 11.77
C TYR F 150 25.80 -17.00 12.00
N VAL F 151 25.20 -17.09 13.18
CA VAL F 151 24.20 -16.14 13.64
C VAL F 151 24.68 -15.60 14.98
N VAL F 152 24.96 -14.30 15.03
CA VAL F 152 25.50 -13.69 16.23
C VAL F 152 24.51 -13.87 17.38
N GLY F 153 25.02 -14.32 18.53
CA GLY F 153 24.19 -14.63 19.68
C GLY F 153 23.76 -16.07 19.78
N VAL F 154 24.00 -16.87 18.75
CA VAL F 154 23.61 -18.28 18.73
C VAL F 154 24.82 -19.19 18.65
N ASN F 155 25.69 -18.97 17.66
CA ASN F 155 26.86 -19.84 17.51
C ASN F 155 28.10 -19.10 17.01
N HIS F 156 28.11 -17.76 17.00
CA HIS F 156 29.24 -17.03 16.43
C HIS F 156 30.53 -17.20 17.22
N HIS F 157 30.46 -17.74 18.44
CA HIS F 157 31.68 -18.05 19.18
C HIS F 157 32.40 -19.27 18.63
N THR F 158 31.68 -20.16 17.95
CA THR F 158 32.30 -21.33 17.33
C THR F 158 33.08 -20.99 16.06
N TYR F 159 33.16 -19.71 15.70
CA TYR F 159 33.90 -19.31 14.51
C TYR F 159 35.38 -19.66 14.65
N ASP F 160 35.92 -20.29 13.62
CA ASP F 160 37.34 -20.63 13.61
C ASP F 160 38.11 -19.60 12.83
N PRO F 161 39.17 -19.02 13.41
CA PRO F 161 39.91 -17.96 12.71
C PRO F 161 40.53 -18.38 11.39
N SER F 162 40.67 -19.69 11.15
CA SER F 162 41.25 -20.18 9.90
C SER F 162 40.23 -20.33 8.78
N GLU F 163 38.95 -20.12 9.06
CA GLU F 163 37.94 -20.19 8.01
C GLU F 163 38.01 -18.93 7.14
N ASP F 164 38.10 -19.13 5.83
CA ASP F 164 38.32 -18.03 4.90
C ASP F 164 37.03 -17.49 4.30
N ILE F 165 35.97 -18.30 4.26
CA ILE F 165 34.68 -17.90 3.70
C ILE F 165 33.59 -18.28 4.70
N VAL F 166 32.77 -17.31 5.09
CA VAL F 166 31.71 -17.53 6.07
C VAL F 166 30.43 -16.88 5.57
N SER F 167 29.31 -17.35 6.13
CA SER F 167 27.98 -16.83 5.81
C SER F 167 27.31 -16.35 7.09
N ASN F 168 26.65 -15.19 6.99
CA ASN F 168 25.88 -14.63 8.10
C ASN F 168 24.40 -14.99 8.01
N ALA F 169 24.07 -16.08 7.30
CA ALA F 169 22.70 -16.54 7.14
C ALA F 169 21.82 -15.46 6.52
N SER F 170 20.51 -15.58 6.70
CA SER F 170 19.56 -14.60 6.20
C SER F 170 19.04 -13.75 7.35
N CYS F 171 18.26 -12.72 6.99
CA CYS F 171 17.67 -11.87 8.02
C CYS F 171 16.65 -12.63 8.84
N THR F 172 15.90 -13.54 8.20
CA THR F 172 14.90 -14.32 8.93
C THR F 172 15.55 -15.32 9.87
N THR F 173 16.60 -16.01 9.40
CA THR F 173 17.33 -16.92 10.27
C THR F 173 17.90 -16.17 11.47
N ASN F 174 18.34 -14.94 11.27
CA ASN F 174 18.86 -14.14 12.38
C ASN F 174 17.76 -13.73 13.34
N CYS F 175 16.52 -13.66 12.87
CA CYS F 175 15.40 -13.37 13.77
C CYS F 175 14.93 -14.65 14.47
N LEU F 176 14.85 -15.75 13.73
CA LEU F 176 14.24 -16.97 14.27
C LEU F 176 15.17 -17.73 15.19
N ALA F 177 16.45 -17.84 14.82
CA ALA F 177 17.37 -18.69 15.57
C ALA F 177 17.54 -18.29 17.04
N PRO F 178 17.71 -17.01 17.40
CA PRO F 178 17.81 -16.68 18.83
C PRO F 178 16.57 -17.05 19.61
N ILE F 179 15.38 -16.85 19.03
CA ILE F 179 14.15 -17.29 19.67
C ILE F 179 14.14 -18.80 19.81
N VAL F 180 14.55 -19.50 18.75
CA VAL F 180 14.53 -20.96 18.77
C VAL F 180 15.51 -21.50 19.81
N LYS F 181 16.71 -20.91 19.89
CA LYS F 181 17.69 -21.36 20.86
C LYS F 181 17.17 -21.18 22.29
N VAL F 182 16.49 -20.07 22.56
CA VAL F 182 15.94 -19.84 23.89
C VAL F 182 14.85 -20.86 24.21
N LEU F 183 13.90 -21.02 23.29
CA LEU F 183 12.80 -21.96 23.51
C LEU F 183 13.31 -23.40 23.60
N HIS F 184 14.36 -23.73 22.85
CA HIS F 184 14.85 -25.10 22.83
C HIS F 184 15.53 -25.48 24.15
N GLU F 185 16.28 -24.55 24.74
CA GLU F 185 17.00 -24.84 25.97
C GLU F 185 16.14 -24.74 27.21
N ALA F 186 14.89 -24.30 27.09
CA ALA F 186 13.95 -24.25 28.21
C ALA F 186 12.89 -25.33 28.13
N PHE F 187 12.38 -25.63 26.94
CA PHE F 187 11.30 -26.57 26.77
C PHE F 187 11.60 -27.73 25.84
N GLY F 188 12.67 -27.66 25.05
CA GLY F 188 13.00 -28.73 24.13
C GLY F 188 12.15 -28.73 22.88
N ILE F 189 12.64 -28.10 21.82
CA ILE F 189 11.89 -28.01 20.56
C ILE F 189 12.04 -29.33 19.82
N GLN F 190 10.92 -29.99 19.55
CA GLN F 190 10.91 -31.25 18.81
C GLN F 190 10.70 -31.02 17.32
N GLN F 191 9.68 -30.24 16.95
CA GLN F 191 9.47 -29.79 15.59
C GLN F 191 9.05 -28.33 15.62
N GLY F 192 9.10 -27.68 14.46
CA GLY F 192 8.71 -26.28 14.39
C GLY F 192 8.39 -25.78 12.99
N MET F 193 7.31 -25.02 12.87
CA MET F 193 6.89 -24.44 11.59
C MET F 193 7.04 -22.93 11.64
N MET F 194 7.43 -22.34 10.52
CA MET F 194 7.66 -20.91 10.44
C MET F 194 6.93 -20.31 9.26
N THR F 195 6.43 -19.09 9.44
CA THR F 195 5.97 -18.26 8.34
C THR F 195 6.44 -16.85 8.62
N THR F 196 7.21 -16.27 7.71
CA THR F 196 7.63 -14.89 7.84
C THR F 196 6.74 -14.03 6.95
N THR F 197 5.97 -13.15 7.56
CA THR F 197 5.28 -12.09 6.82
C THR F 197 6.31 -11.01 6.54
N HIS F 198 6.81 -11.00 5.32
CA HIS F 198 8.06 -10.33 4.97
C HIS F 198 7.79 -9.12 4.08
N SER F 199 8.49 -8.03 4.34
CA SER F 199 8.50 -6.92 3.40
C SER F 199 9.11 -7.37 2.08
N TYR F 200 8.68 -6.75 0.99
CA TYR F 200 9.21 -7.13 -0.30
C TYR F 200 10.67 -6.68 -0.42
N THR F 201 11.43 -7.43 -1.20
CA THR F 201 12.85 -7.17 -1.41
C THR F 201 13.13 -6.99 -2.89
N GLY F 202 14.39 -6.65 -3.20
CA GLY F 202 14.79 -6.29 -4.54
C GLY F 202 14.74 -7.42 -5.55
N ASP F 203 14.57 -8.65 -5.11
CA ASP F 203 14.49 -9.78 -6.04
C ASP F 203 13.09 -9.95 -6.63
N GLN F 204 12.12 -9.15 -6.22
CA GLN F 204 10.78 -9.17 -6.76
C GLN F 204 10.61 -8.07 -7.80
N ARG F 205 9.78 -8.34 -8.80
CA ARG F 205 9.55 -7.37 -9.86
C ARG F 205 8.56 -6.30 -9.40
N LEU F 206 8.74 -5.09 -9.94
CA LEU F 206 7.84 -4.00 -9.60
C LEU F 206 6.47 -4.18 -10.23
N LEU F 207 6.46 -4.54 -11.52
CA LEU F 207 5.25 -4.97 -12.21
C LEU F 207 5.46 -6.37 -12.75
N ASP F 208 4.37 -7.05 -13.08
CA ASP F 208 4.41 -8.40 -13.61
C ASP F 208 5.43 -8.50 -14.74
N ALA F 209 6.52 -9.25 -14.52
CA ALA F 209 7.59 -9.30 -15.50
C ALA F 209 8.35 -10.61 -15.34
N SER F 210 9.21 -10.88 -16.33
CA SER F 210 9.94 -12.13 -16.40
C SER F 210 10.74 -12.39 -15.12
N HIS F 211 10.75 -13.66 -14.70
CA HIS F 211 11.49 -14.10 -13.53
C HIS F 211 11.46 -15.63 -13.49
N ARG F 212 12.58 -16.23 -13.11
CA ARG F 212 12.64 -17.69 -13.01
C ARG F 212 11.73 -18.24 -11.92
N ASP F 213 11.32 -17.39 -10.98
CA ASP F 213 10.35 -17.73 -9.94
C ASP F 213 9.03 -17.06 -10.32
N LEU F 214 8.00 -17.87 -10.54
CA LEU F 214 6.74 -17.34 -11.05
C LEU F 214 6.00 -16.45 -10.05
N ARG F 215 6.31 -16.55 -8.76
CA ARG F 215 5.68 -15.68 -7.78
C ARG F 215 6.47 -14.39 -7.58
N ARG F 216 7.80 -14.46 -7.59
CA ARG F 216 8.62 -13.25 -7.57
C ARG F 216 8.41 -12.42 -8.84
N ALA F 217 7.81 -13.01 -9.87
CA ALA F 217 7.55 -12.29 -11.11
C ALA F 217 6.42 -11.29 -10.98
N ARG F 218 5.58 -11.42 -9.96
CA ARG F 218 4.35 -10.64 -9.86
C ARG F 218 4.59 -9.33 -9.09
N ALA F 219 3.81 -8.32 -9.47
CA ALA F 219 3.91 -6.97 -8.91
C ALA F 219 4.01 -6.99 -7.39
N ALA F 220 5.16 -6.57 -6.87
CA ALA F 220 5.46 -6.77 -5.46
C ALA F 220 4.57 -5.93 -4.55
N ALA F 221 4.35 -4.67 -4.90
CA ALA F 221 3.55 -3.78 -4.07
C ALA F 221 2.05 -3.98 -4.25
N MET F 222 1.64 -4.92 -5.08
CA MET F 222 0.21 -5.17 -5.30
CA MET F 222 0.23 -5.20 -5.35
C MET F 222 -0.26 -6.51 -4.75
N ASN F 223 0.65 -7.33 -4.22
CA ASN F 223 0.28 -8.71 -3.91
C ASN F 223 0.84 -9.16 -2.58
N ILE F 224 0.18 -10.18 -2.02
CA ILE F 224 0.78 -11.08 -1.06
C ILE F 224 1.44 -12.19 -1.87
N VAL F 225 2.75 -12.34 -1.74
CA VAL F 225 3.50 -13.25 -2.60
C VAL F 225 4.17 -14.34 -1.77
N PRO F 226 3.67 -15.58 -1.81
CA PRO F 226 4.37 -16.66 -1.14
C PRO F 226 5.61 -17.10 -1.92
N THR F 227 6.69 -17.36 -1.19
CA THR F 227 7.90 -17.93 -1.77
C THR F 227 8.47 -18.95 -0.79
N SER F 228 9.18 -19.92 -1.34
CA SER F 228 9.90 -20.86 -0.49
C SER F 228 11.06 -20.15 0.19
N THR F 229 11.54 -20.77 1.27
CA THR F 229 12.70 -20.23 1.97
C THR F 229 13.37 -21.35 2.75
N GLY F 230 14.71 -21.31 2.77
CA GLY F 230 15.50 -22.18 3.62
C GLY F 230 15.90 -21.55 4.92
N ALA F 231 15.34 -20.38 5.28
CA ALA F 231 15.72 -19.71 6.51
C ALA F 231 15.37 -20.52 7.73
N ALA F 232 14.28 -21.29 7.67
CA ALA F 232 13.88 -22.11 8.81
C ALA F 232 14.76 -23.35 8.95
N LYS F 233 15.11 -23.97 7.83
CA LYS F 233 16.01 -25.11 7.90
C LYS F 233 17.44 -24.68 8.17
N ALA F 234 17.80 -23.45 7.76
CA ALA F 234 19.14 -22.95 8.05
C ALA F 234 19.38 -22.74 9.54
N VAL F 235 18.31 -22.71 10.34
CA VAL F 235 18.48 -22.68 11.79
C VAL F 235 19.17 -23.96 12.26
N GLY F 236 18.90 -25.08 11.60
CA GLY F 236 19.62 -26.30 11.89
C GLY F 236 21.12 -26.21 11.65
N LEU F 237 21.54 -25.27 10.81
CA LEU F 237 22.98 -25.07 10.60
C LEU F 237 23.63 -24.45 11.83
N VAL F 238 22.92 -23.54 12.51
CA VAL F 238 23.49 -22.84 13.66
C VAL F 238 23.07 -23.46 14.99
N ILE F 239 21.94 -24.16 15.06
CA ILE F 239 21.60 -24.99 16.20
C ILE F 239 21.59 -26.44 15.71
N PRO F 240 22.74 -27.12 15.68
CA PRO F 240 22.80 -28.43 15.03
C PRO F 240 21.89 -29.48 15.63
N GLU F 241 21.43 -29.31 16.87
CA GLU F 241 20.52 -30.27 17.46
C GLU F 241 19.21 -30.36 16.68
N LEU F 242 18.80 -29.27 16.04
CA LEU F 242 17.50 -29.18 15.39
C LEU F 242 17.59 -29.31 13.87
N GLN F 243 18.64 -29.97 13.37
CA GLN F 243 18.77 -30.19 11.94
C GLN F 243 17.65 -31.10 11.44
N GLY F 244 16.88 -30.60 10.48
CA GLY F 244 15.77 -31.35 9.93
C GLY F 244 14.49 -31.30 10.72
N LYS F 245 14.40 -30.43 11.73
CA LYS F 245 13.23 -30.35 12.59
C LYS F 245 12.44 -29.07 12.39
N LEU F 246 12.90 -28.17 11.54
CA LEU F 246 12.23 -26.89 11.32
C LEU F 246 12.05 -26.66 9.82
N ASN F 247 10.91 -26.08 9.45
CA ASN F 247 10.61 -25.75 8.07
C ASN F 247 9.66 -24.57 8.04
N GLY F 248 9.52 -23.97 6.87
CA GLY F 248 8.63 -22.83 6.76
C GLY F 248 8.63 -22.23 5.38
N ILE F 249 7.80 -21.19 5.22
CA ILE F 249 7.62 -20.47 3.98
C ILE F 249 7.74 -18.98 4.25
N ALA F 250 7.58 -18.18 3.21
CA ALA F 250 7.58 -16.73 3.30
C ALA F 250 6.37 -16.16 2.59
N LEU F 251 5.84 -15.07 3.13
CA LEU F 251 4.78 -14.29 2.48
C LEU F 251 5.26 -12.85 2.37
N ARG F 252 5.61 -12.43 1.16
CA ARG F 252 6.03 -11.05 0.93
C ARG F 252 4.79 -10.17 0.77
N VAL F 253 4.79 -9.04 1.49
CA VAL F 253 3.62 -8.16 1.52
C VAL F 253 4.07 -6.76 1.12
N PRO F 254 3.12 -5.92 0.67
CA PRO F 254 3.49 -4.58 0.19
C PRO F 254 3.92 -3.59 1.28
N THR F 255 4.97 -3.94 2.02
CA THR F 255 5.70 -2.98 2.84
C THR F 255 7.17 -3.00 2.41
N PRO F 256 7.87 -1.87 2.49
CA PRO F 256 9.23 -1.81 1.96
C PRO F 256 10.30 -2.30 2.92
N ASN F 257 10.00 -2.33 4.22
CA ASN F 257 10.99 -2.78 5.20
C ASN F 257 10.27 -3.20 6.47
N VAL F 258 11.01 -3.94 7.32
CA VAL F 258 10.55 -4.52 8.57
C VAL F 258 9.65 -5.71 8.28
N SER F 259 9.95 -6.85 8.91
CA SER F 259 9.22 -8.10 8.72
C SER F 259 8.92 -8.71 10.08
N VAL F 260 8.17 -9.80 10.07
CA VAL F 260 7.74 -10.46 11.30
C VAL F 260 7.73 -11.97 11.09
N VAL F 261 8.18 -12.71 12.10
CA VAL F 261 8.29 -14.17 12.05
C VAL F 261 7.19 -14.77 12.91
N ASP F 262 6.48 -15.74 12.36
CA ASP F 262 5.44 -16.49 13.07
C ASP F 262 5.94 -17.92 13.22
N PHE F 263 6.25 -18.32 14.46
CA PHE F 263 6.87 -19.60 14.73
C PHE F 263 5.96 -20.44 15.61
N VAL F 264 5.56 -21.60 15.11
CA VAL F 264 4.74 -22.55 15.86
C VAL F 264 5.59 -23.79 16.11
N ALA F 265 5.88 -24.06 17.38
CA ALA F 265 6.80 -25.12 17.76
C ALA F 265 6.08 -26.19 18.56
N GLN F 266 6.47 -27.44 18.33
CA GLN F 266 6.03 -28.58 19.12
C GLN F 266 7.09 -28.85 20.19
N VAL F 267 6.66 -28.87 21.44
CA VAL F 267 7.54 -28.73 22.59
C VAL F 267 7.45 -29.96 23.49
N GLU F 268 8.58 -30.30 24.11
CA GLU F 268 8.63 -31.43 25.03
C GLU F 268 8.06 -31.07 26.40
N LYS F 269 8.68 -30.13 27.10
CA LYS F 269 8.27 -29.78 28.45
C LYS F 269 7.00 -28.91 28.40
N PRO F 270 5.90 -29.35 29.01
CA PRO F 270 4.66 -28.57 28.91
C PRO F 270 4.79 -27.19 29.54
N THR F 271 4.13 -26.21 28.95
CA THR F 271 4.26 -24.82 29.38
C THR F 271 2.97 -24.08 29.05
N ILE F 272 2.97 -22.78 29.38
CA ILE F 272 1.87 -21.88 29.09
C ILE F 272 2.45 -20.58 28.54
N ALA F 273 1.57 -19.72 28.04
CA ALA F 273 2.01 -18.50 27.36
C ALA F 273 2.75 -17.58 28.31
N GLU F 274 2.34 -17.53 29.57
CA GLU F 274 3.00 -16.64 30.53
C GLU F 274 4.43 -17.08 30.79
N GLN F 275 4.67 -18.40 30.87
CA GLN F 275 6.01 -18.90 31.14
C GLN F 275 6.91 -18.75 29.93
N VAL F 276 6.35 -18.92 28.73
CA VAL F 276 7.13 -18.71 27.51
C VAL F 276 7.62 -17.27 27.43
N ASN F 277 6.77 -16.31 27.80
CA ASN F 277 7.18 -14.91 27.78
C ASN F 277 8.21 -14.63 28.87
N GLN F 278 8.05 -15.25 30.04
CA GLN F 278 9.03 -15.06 31.11
C GLN F 278 10.41 -15.56 30.69
N VAL F 279 10.46 -16.70 30.01
CA VAL F 279 11.73 -17.28 29.60
C VAL F 279 12.44 -16.37 28.59
N ILE F 280 11.69 -15.93 27.57
CA ILE F 280 12.30 -15.10 26.52
C ILE F 280 12.64 -13.72 27.07
N LYS F 281 11.81 -13.18 27.96
CA LYS F 281 12.15 -11.93 28.62
C LYS F 281 13.41 -12.09 29.46
N GLU F 282 13.49 -13.18 30.22
CA GLU F 282 14.69 -13.47 31.00
C GLU F 282 15.92 -13.55 30.11
N ALA F 283 15.80 -14.23 28.96
CA ALA F 283 16.93 -14.33 28.05
C ALA F 283 17.30 -12.99 27.46
N SER F 284 16.31 -12.17 27.10
CA SER F 284 16.58 -10.87 26.52
C SER F 284 17.25 -9.92 27.49
N GLU F 285 17.14 -10.18 28.79
CA GLU F 285 17.79 -9.35 29.81
C GLU F 285 19.17 -9.85 30.21
N THR F 286 19.52 -11.08 29.83
CA THR F 286 20.79 -11.66 30.25
C THR F 286 21.60 -12.20 29.07
N THR F 287 21.42 -13.49 28.77
CA THR F 287 22.26 -14.16 27.78
C THR F 287 22.04 -13.60 26.38
N MET F 288 20.82 -13.14 26.08
CA MET F 288 20.48 -12.68 24.74
C MET F 288 20.27 -11.16 24.67
N LYS F 289 20.87 -10.41 25.60
CA LYS F 289 20.74 -8.96 25.58
C LYS F 289 21.43 -8.39 24.34
N GLY F 290 20.72 -7.55 23.60
CA GLY F 290 21.20 -7.01 22.35
C GLY F 290 20.83 -7.83 21.13
N ILE F 291 20.41 -9.08 21.32
CA ILE F 291 19.98 -9.94 20.23
C ILE F 291 18.46 -10.08 20.19
N ILE F 292 17.85 -10.33 21.34
CA ILE F 292 16.39 -10.41 21.45
C ILE F 292 15.92 -9.23 22.30
N HIS F 293 14.87 -8.56 21.84
CA HIS F 293 14.18 -7.55 22.63
C HIS F 293 12.79 -8.06 22.99
N TYR F 294 12.44 -7.95 24.25
CA TYR F 294 11.13 -8.37 24.75
C TYR F 294 10.24 -7.14 24.86
N SER F 295 9.09 -7.17 24.18
CA SER F 295 8.22 -6.00 24.09
C SER F 295 6.80 -6.38 24.46
N GLU F 296 6.23 -5.64 25.41
CA GLU F 296 4.83 -5.77 25.77
C GLU F 296 3.97 -4.64 25.18
N LEU F 297 4.53 -3.87 24.26
CA LEU F 297 3.82 -2.74 23.66
C LEU F 297 3.03 -3.19 22.44
N GLU F 298 1.97 -2.45 22.13
CA GLU F 298 1.10 -2.76 21.00
C GLU F 298 1.50 -1.91 19.80
N LEU F 299 2.67 -2.23 19.26
CA LEU F 299 3.25 -1.49 18.16
C LEU F 299 2.98 -2.19 16.82
N VAL F 300 3.30 -1.48 15.74
CA VAL F 300 3.15 -2.02 14.39
C VAL F 300 4.51 -1.98 13.70
N SER F 301 4.53 -2.31 12.40
CA SER F 301 5.79 -2.55 11.71
C SER F 301 6.64 -1.28 11.61
N SER F 302 6.01 -0.13 11.36
CA SER F 302 6.77 1.11 11.21
C SER F 302 7.55 1.45 12.47
N ASP F 303 7.04 1.06 13.63
CA ASP F 303 7.70 1.38 14.90
C ASP F 303 9.02 0.65 15.09
N TYR F 304 9.31 -0.35 14.27
CA TYR F 304 10.53 -1.13 14.40
C TYR F 304 11.55 -0.81 13.32
N ARG F 305 11.38 0.30 12.60
CA ARG F 305 12.41 0.78 11.70
C ARG F 305 13.62 1.22 12.50
N GLY F 306 14.79 0.72 12.12
CA GLY F 306 16.03 1.09 12.78
C GLY F 306 16.31 0.37 14.07
N HIS F 307 15.52 -0.65 14.43
CA HIS F 307 15.78 -1.39 15.65
C HIS F 307 17.01 -2.27 15.48
N ASN F 308 17.88 -2.24 16.49
CA ASN F 308 19.17 -2.92 16.41
C ASN F 308 19.12 -4.39 16.80
N ALA F 309 18.04 -4.84 17.43
CA ALA F 309 17.95 -6.24 17.82
C ALA F 309 17.62 -7.12 16.63
N SER F 310 18.01 -8.39 16.72
CA SER F 310 17.69 -9.34 15.66
C SER F 310 16.25 -9.81 15.74
N SER F 311 15.71 -9.93 16.96
CA SER F 311 14.33 -10.36 17.16
C SER F 311 13.71 -9.51 18.24
N ILE F 312 12.50 -9.02 18.00
CA ILE F 312 11.72 -8.30 18.99
C ILE F 312 10.44 -9.09 19.22
N LEU F 313 10.35 -9.76 20.37
CA LEU F 313 9.20 -10.60 20.66
C LEU F 313 7.99 -9.75 20.98
N ASP F 314 6.89 -9.98 20.25
CA ASP F 314 5.61 -9.34 20.53
C ASP F 314 4.90 -10.22 21.56
N ALA F 315 5.12 -9.88 22.84
CA ALA F 315 4.66 -10.74 23.93
C ALA F 315 3.14 -10.88 23.95
N SER F 316 2.43 -9.89 23.39
CA SER F 316 0.97 -9.96 23.38
C SER F 316 0.43 -11.08 22.50
N LEU F 317 1.22 -11.55 21.54
CA LEU F 317 0.76 -12.54 20.57
C LEU F 317 1.12 -13.96 20.96
N THR F 318 1.86 -14.17 22.05
CA THR F 318 2.23 -15.51 22.48
C THR F 318 1.00 -16.28 22.92
N MET F 319 0.91 -17.54 22.48
CA MET F 319 -0.18 -18.42 22.86
C MET F 319 0.29 -19.86 22.83
N VAL F 320 -0.29 -20.67 23.72
CA VAL F 320 0.04 -22.09 23.85
C VAL F 320 -1.26 -22.88 23.93
N LEU F 321 -1.28 -24.06 23.30
CA LEU F 321 -2.42 -24.96 23.35
C LEU F 321 -1.94 -26.35 23.77
N GLY F 322 -2.60 -26.91 24.79
CA GLY F 322 -2.33 -28.26 25.22
C GLY F 322 -0.95 -28.43 25.84
N GLY F 323 -0.29 -27.32 26.13
CA GLY F 323 1.01 -27.31 26.76
C GLY F 323 2.19 -27.52 25.82
N ASN F 324 1.98 -28.19 24.69
CA ASN F 324 3.07 -28.57 23.82
C ASN F 324 3.16 -27.77 22.52
N LEU F 325 2.10 -27.05 22.15
CA LEU F 325 2.08 -26.27 20.91
C LEU F 325 2.23 -24.79 21.26
N VAL F 326 3.37 -24.22 20.90
CA VAL F 326 3.73 -22.85 21.26
C VAL F 326 3.78 -22.01 20.00
N LYS F 327 3.19 -20.82 20.05
CA LYS F 327 3.29 -19.83 18.98
C LYS F 327 3.89 -18.55 19.54
N VAL F 328 4.99 -18.09 18.95
CA VAL F 328 5.61 -16.83 19.31
C VAL F 328 5.80 -16.01 18.04
N VAL F 329 5.72 -14.69 18.17
CA VAL F 329 5.78 -13.77 17.04
C VAL F 329 6.87 -12.74 17.34
N ALA F 330 7.77 -12.55 16.38
CA ALA F 330 8.93 -11.69 16.58
C ALA F 330 9.12 -10.75 15.39
N TRP F 331 9.37 -9.48 15.67
CA TRP F 331 9.65 -8.49 14.65
C TRP F 331 11.15 -8.46 14.32
N TYR F 332 11.46 -7.98 13.13
CA TYR F 332 12.85 -7.72 12.77
C TYR F 332 12.91 -6.76 11.59
N ASP F 333 13.80 -5.78 11.68
CA ASP F 333 14.13 -4.88 10.57
C ASP F 333 15.08 -5.65 9.65
N ASN F 334 14.54 -6.21 8.57
CA ASN F 334 15.31 -7.09 7.72
C ASN F 334 16.50 -6.39 7.05
N GLU F 335 16.45 -5.08 6.89
CA GLU F 335 17.57 -4.34 6.31
C GLU F 335 18.56 -3.90 7.39
N TRP F 336 18.10 -3.08 8.35
CA TRP F 336 18.99 -2.51 9.35
C TRP F 336 19.40 -3.53 10.40
N GLY F 337 18.46 -4.34 10.88
CA GLY F 337 18.79 -5.31 11.91
C GLY F 337 19.81 -6.33 11.42
N TYR F 338 19.61 -6.85 10.21
CA TYR F 338 20.57 -7.81 9.66
C TYR F 338 21.93 -7.15 9.41
N SER F 339 21.92 -5.90 8.97
CA SER F 339 23.18 -5.21 8.71
C SER F 339 23.96 -4.96 10.00
N GLN F 340 23.27 -4.75 11.11
CA GLN F 340 23.95 -4.65 12.40
C GLN F 340 24.64 -5.96 12.76
N ARG F 341 24.04 -7.09 12.39
CA ARG F 341 24.64 -8.39 12.68
C ARG F 341 25.82 -8.67 11.76
N VAL F 342 25.74 -8.23 10.50
CA VAL F 342 26.88 -8.34 9.59
C VAL F 342 28.07 -7.59 10.18
N LEU F 343 27.83 -6.39 10.72
CA LEU F 343 28.89 -5.63 11.36
C LEU F 343 29.40 -6.35 12.61
N ASP F 344 28.47 -6.86 13.43
CA ASP F 344 28.88 -7.58 14.64
C ASP F 344 29.72 -8.79 14.31
N LEU F 345 29.34 -9.54 13.28
CA LEU F 345 30.13 -10.71 12.88
C LEU F 345 31.49 -10.30 12.35
N ALA F 346 31.54 -9.25 11.52
CA ALA F 346 32.82 -8.77 11.00
C ALA F 346 33.71 -8.27 12.12
N GLU F 347 33.14 -7.56 13.10
CA GLU F 347 33.92 -7.13 14.25
C GLU F 347 34.42 -8.31 15.06
N HIS F 348 33.65 -9.40 15.13
CA HIS F 348 34.09 -10.58 15.83
C HIS F 348 35.26 -11.26 15.12
N MET F 349 35.23 -11.25 13.78
CA MET F 349 36.32 -11.85 13.03
C MET F 349 37.59 -11.02 13.12
N ALA F 350 37.46 -9.70 13.24
CA ALA F 350 38.63 -8.84 13.42
C ALA F 350 39.28 -9.07 14.78
N ALA F 351 38.46 -9.32 15.81
CA ALA F 351 39.01 -9.61 17.13
C ALA F 351 39.65 -10.99 17.19
N HIS F 352 39.26 -11.91 16.31
CA HIS F 352 39.87 -13.23 16.24
C HIS F 352 40.56 -13.41 14.89
N TRP F 353 41.39 -12.45 14.50
CA TRP F 353 42.04 -12.53 13.19
C TRP F 353 43.08 -13.63 13.16
N ALA F 354 43.86 -13.77 14.24
CA ALA F 354 44.94 -14.76 14.33
C ALA F 354 45.92 -14.62 13.18
PA NAD G . -17.92 -1.21 6.18
O1A NAD G . -17.55 -0.11 7.13
O2A NAD G . -17.34 -1.23 4.78
O5B NAD G . -19.53 -1.26 6.07
C5B NAD G . -20.34 -0.77 7.13
C4B NAD G . -21.58 -0.11 6.54
O4B NAD G . -22.64 -0.11 7.50
C3B NAD G . -21.29 1.34 6.18
O3B NAD G . -21.86 1.63 4.90
C2B NAD G . -22.01 2.15 7.24
O2B NAD G . -22.49 3.38 6.70
C1B NAD G . -23.15 1.22 7.65
N9A NAD G . -23.62 1.42 9.04
C8A NAD G . -22.86 1.55 10.14
N7A NAD G . -23.63 1.71 11.25
C5A NAD G . -24.92 1.68 10.85
C6A NAD G . -26.24 1.78 11.51
N6A NAD G . -26.35 1.95 12.85
N1A NAD G . -27.34 1.69 10.73
C2A NAD G . -27.25 1.51 9.40
N3A NAD G . -26.08 1.42 8.74
C4A NAD G . -24.90 1.49 9.39
O3 NAD G . -17.61 -2.62 6.90
PN NAD G . -17.69 -4.03 6.12
O1N NAD G . -18.87 -4.01 5.16
O2N NAD G . -16.31 -4.37 5.61
O5D NAD G . -18.03 -5.00 7.34
C5D NAD G . -19.36 -5.31 7.73
C4D NAD G . -19.31 -6.44 8.76
O4D NAD G . -18.98 -7.66 8.10
C3D NAD G . -18.21 -6.18 9.78
O3D NAD G . -18.68 -6.53 11.07
C2D NAD G . -17.10 -7.14 9.41
O2D NAD G . -16.45 -7.65 10.59
C1D NAD G . -17.82 -8.26 8.68
N1N NAD G . -17.00 -8.89 7.65
C2N NAD G . -16.16 -8.17 6.88
C3N NAD G . -15.41 -8.80 5.89
C7N NAD G . -14.46 -8.02 5.03
O7N NAD G . -13.39 -8.53 4.72
N7N NAD G . -14.81 -6.81 4.63
C4N NAD G . -15.53 -10.17 5.70
C5N NAD G . -16.41 -10.88 6.51
C6N NAD G . -17.14 -10.20 7.47
PA NAD H . -7.32 14.12 11.72
O1A NAD H . -8.60 13.34 11.51
O2A NAD H . -5.99 13.42 11.62
O5B NAD H . -7.42 14.84 13.15
C5B NAD H . -8.69 15.20 13.70
C4B NAD H . -8.70 14.94 15.19
O4B NAD H . -9.71 15.73 15.82
C3B NAD H . -9.00 13.48 15.49
O3B NAD H . -8.11 12.99 16.49
C2B NAD H . -10.41 13.49 16.04
O2B NAD H . -10.55 12.48 17.04
C1B NAD H . -10.55 14.88 16.62
N9A NAD H . -11.94 15.39 16.62
C8A NAD H . -12.83 15.29 15.62
N7A NAD H . -14.01 15.87 15.96
C5A NAD H . -13.88 16.35 17.22
C6A NAD H . -14.73 17.06 18.20
N6A NAD H . -16.01 17.40 17.89
N1A NAD H . -14.19 17.36 19.40
C2A NAD H . -12.93 17.03 19.72
N3A NAD H . -12.10 16.38 18.88
C4A NAD H . -12.51 16.01 17.65
O3 NAD H . -7.34 15.37 10.72
PN NAD H . -6.03 16.23 10.37
O1N NAD H . -5.21 16.44 11.63
O2N NAD H . -5.39 15.65 9.13
O5D NAD H . -6.71 17.63 9.97
C5D NAD H . -6.91 18.68 10.92
C4D NAD H . -7.30 19.94 10.16
O4D NAD H . -6.13 20.52 9.58
C3D NAD H . -8.24 19.62 9.02
O3D NAD H . -9.25 20.64 8.96
C2D NAD H . -7.40 19.73 7.76
O2D NAD H . -8.18 20.29 6.69
C1D NAD H . -6.29 20.67 8.17
N1N NAD H . -5.01 20.41 7.50
C2N NAD H . -4.56 19.17 7.31
C3N NAD H . -3.34 18.96 6.68
C7N NAD H . -2.81 17.58 6.45
O7N NAD H . -2.08 17.37 5.49
N7N NAD H . -3.15 16.60 7.30
C4N NAD H . -2.58 20.05 6.26
C5N NAD H . -3.07 21.32 6.47
C6N NAD H . -4.29 21.48 7.11
S SO4 I . -5.18 21.29 0.28
O1 SO4 I . -6.59 21.64 0.38
O2 SO4 I . -4.82 21.10 -1.11
O3 SO4 I . -4.37 22.36 0.85
O4 SO4 I . -4.94 20.05 1.03
PA NAD J . 8.66 -4.33 -19.63
O1A NAD J . 9.99 -4.40 -18.91
O2A NAD J . 7.40 -4.82 -18.94
O5B NAD J . 8.80 -5.11 -21.03
C5B NAD J . 10.08 -5.42 -21.56
C4B NAD J . 10.10 -6.87 -22.00
O4B NAD J . 11.01 -7.03 -23.08
C3B NAD J . 10.58 -7.77 -20.87
O3B NAD J . 9.72 -8.90 -20.75
C2B NAD J . 11.96 -8.23 -21.29
O2B NAD J . 12.19 -9.58 -20.89
C1B NAD J . 11.92 -8.10 -22.81
N9A NAD J . 13.25 -7.82 -23.39
C8A NAD J . 14.13 -6.89 -22.97
N7A NAD J . 15.25 -6.90 -23.73
C5A NAD J . 15.09 -7.86 -24.67
C6A NAD J . 15.88 -8.41 -25.79
N6A NAD J . 17.11 -7.91 -26.09
N1A NAD J . 15.34 -9.39 -26.53
C2A NAD J . 14.12 -9.90 -26.25
N3A NAD J . 13.34 -9.45 -25.24
C4A NAD J . 13.77 -8.46 -24.44
O3 NAD J . 8.42 -2.81 -20.11
PN NAD J . 7.12 -2.38 -20.95
O1N NAD J . 6.53 -3.58 -21.65
O2N NAD J . 6.25 -1.54 -20.04
O5D NAD J . 7.78 -1.41 -22.04
C5D NAD J . 7.72 -1.70 -23.44
C4D NAD J . 7.96 -0.42 -24.21
O4D NAD J . 6.72 0.26 -24.37
C3D NAD J . 8.89 0.51 -23.45
O3D NAD J . 9.84 1.07 -24.36
C2D NAD J . 8.00 1.63 -22.94
O2D NAD J . 8.70 2.88 -23.01
C1D NAD J . 6.82 1.61 -23.88
N1N NAD J . 5.56 1.97 -23.24
C2N NAD J . 5.24 1.53 -22.01
C3N NAD J . 4.03 1.89 -21.43
C7N NAD J . 3.65 1.43 -20.05
O7N NAD J . 3.07 2.20 -19.30
N7N NAD J . 3.96 0.19 -19.68
C4N NAD J . 3.15 2.70 -22.13
C5N NAD J . 3.50 3.12 -23.41
C6N NAD J . 4.71 2.73 -23.94
PA NAD K . 20.13 -5.24 -3.78
O1A NAD K . 19.76 -5.49 -5.22
O2A NAD K . 19.64 -4.00 -3.07
O5B NAD K . 21.74 -5.28 -3.68
C5B NAD K . 22.52 -5.81 -4.75
C4B NAD K . 23.63 -4.86 -5.12
O4B NAD K . 24.77 -5.59 -5.57
C3B NAD K . 23.20 -3.93 -6.25
O3B NAD K . 23.52 -2.58 -5.92
C2B NAD K . 24.01 -4.38 -7.45
O2B NAD K . 24.41 -3.25 -8.23
C1B NAD K . 25.21 -5.07 -6.83
N9A NAD K . 25.73 -6.16 -7.68
C8A NAD K . 25.02 -7.16 -8.24
N7A NAD K . 25.82 -7.99 -8.95
C5A NAD K . 27.08 -7.53 -8.86
C6A NAD K . 28.41 -7.92 -9.37
N6A NAD K . 28.57 -9.02 -10.15
N1A NAD K . 29.47 -7.15 -9.03
C2A NAD K . 29.33 -6.06 -8.26
N3A NAD K . 28.16 -5.64 -7.76
C4A NAD K . 27.01 -6.32 -8.02
O3 NAD K . 19.72 -6.54 -2.93
PN NAD K . 19.98 -6.65 -1.34
O1N NAD K . 21.05 -5.65 -0.94
O2N NAD K . 18.63 -6.63 -0.65
O5D NAD K . 20.57 -8.13 -1.24
C5D NAD K . 21.92 -8.38 -0.84
C4D NAD K . 22.04 -9.81 -0.32
O4D NAD K . 21.76 -9.81 1.08
C3D NAD K . 21.03 -10.72 -0.99
O3D NAD K . 21.67 -11.97 -1.28
C2D NAD K . 19.97 -10.98 0.06
O2D NAD K . 19.52 -12.33 -0.01
C1D NAD K . 20.70 -10.73 1.37
N1N NAD K . 19.85 -10.17 2.41
C2N NAD K . 18.97 -9.21 2.12
C3N NAD K . 18.17 -8.68 3.14
C7N NAD K . 17.16 -7.60 2.86
O7N NAD K . 16.16 -7.53 3.53
N7N NAD K . 17.41 -6.74 1.86
C4N NAD K . 18.30 -9.15 4.44
C5N NAD K . 19.22 -10.15 4.69
C6N NAD K . 19.99 -10.64 3.66
#